data_5XBM
#
_entry.id   5XBM
#
_cell.length_a   199.863
_cell.length_b   75.646
_cell.length_c   164.305
_cell.angle_alpha   90.00
_cell.angle_beta   100.11
_cell.angle_gamma   90.00
#
_symmetry.space_group_name_H-M   'C 1 2 1'
#
loop_
_entity.id
_entity.type
_entity.pdbx_description
1 polymer 'light chain of JL2'
2 polymer 'heavy chain of JL2'
3 polymer 'Lysosome membrane protein 2'
4 branched alpha-D-mannopyranose-(1-3)-beta-D-mannopyranose-(1-4)-2-acetamido-2-deoxy-beta-D-glucopyranose-(1-4)-2-acetamido-2-deoxy-beta-D-glucopyranose
5 branched 2-acetamido-2-deoxy-beta-D-glucopyranose-(1-4)-2-acetamido-2-deoxy-beta-D-glucopyranose
6 branched alpha-D-mannopyranose-(1-3)-[alpha-D-mannopyranose-(1-6)]beta-D-mannopyranose-(1-4)-2-acetamido-2-deoxy-beta-D-glucopyranose-(1-4)-2-acetamido-2-deoxy-beta-D-glucopyranose
7 non-polymer 2-acetamido-2-deoxy-beta-D-glucopyranose
#
loop_
_entity_poly.entity_id
_entity_poly.type
_entity_poly.pdbx_seq_one_letter_code
_entity_poly.pdbx_strand_id
1 'polypeptide(L)'
;CDIVMTQSPATLSVTPGDRVSLSCRASQSISDYLHWYQQKSHESPRLLIKYQSISGIPSRFSGSGSGSDFTLSINSVEPE
DVGVYYCQNGHSFPFTFGSGTKLEIKRADAAPTVSIFPPSSEQLTSGGASVVCFLNNFYPKDINVKWKIDGSERQNGVLN
SWTDQDSKDSTYSMSSTLTLTKDEYERHNSYTCEATHKTSTSPIVKSFNRNEC
;
A,D
2 'polypeptide(L)'
;EVQLQQSGPELEKPGASVKISCMASGYSFTGYNMNWVKQSNGKSLEWIGNIDPYYGDTRYNQKFKDKATLTVDKSSSTAY
MQLKSLTSEDSAVYYCARSRGSTSYFYGMDYWGQGTSVTVSSAKTTAPSVYPLAPVCGDTTGSSVTLGCLVKGYFPEPVT
LTWNSGSLSSGVHTFPALLQSGLYTLSSSVTVTSNTWPSQTITCNVAHPASSTKVDKKIEPR
;
B,E
3 'polypeptide(L)'
;IEKKIVLRNGTEAFDSWEKPPLPVYTQFYFFNVTNPEEILRGETPRVEEVGPYTYRELRNKANIQFGDNGTTISAVSNKA
YVFERDQSVGDPKIDLIRTLNIPVLTVIEWSQVHFLREIIEAMLKAYQQKLFVTHTVDELLWGYKDEILSLIHVFRPDIS
PYFGLFYEKNGTNDGDYVFLTGEDSYLNFTKIVEWNGKTSLDWWITDKCNMINGTDGDSFHPLITKDEVLYVFPSDFCRS
VYITFSDYESVQGLPAFRYKVPAEILANTSDNAGFCIPEGNCLGSGVLNVSICKNGAPIIMSFPHFYQADERFVSAIEGM
HPNQEDHETFVDINPLTGIILKAAKRFQINIYVKKLDDFVETGDIRTMVFPVMYLNESVHIDKETASRLKSMIN
;
C,F
#
# COMPACT_ATOMS: atom_id res chain seq x y z
N ILE A 3 22.35 32.24 -10.38
CA ILE A 3 22.24 31.23 -9.35
C ILE A 3 23.42 30.28 -9.42
N VAL A 4 24.43 30.64 -10.21
CA VAL A 4 25.62 29.81 -10.34
C VAL A 4 26.39 29.84 -9.01
N MET A 5 27.09 28.75 -8.73
CA MET A 5 27.86 28.65 -7.49
C MET A 5 29.33 28.98 -7.67
N THR A 6 30.16 27.95 -7.82
CA THR A 6 31.59 28.15 -7.98
C THR A 6 32.18 28.69 -6.69
N GLN A 7 33.43 28.34 -6.40
CA GLN A 7 34.08 28.80 -5.18
C GLN A 7 35.40 28.08 -4.92
N SER A 8 36.48 28.85 -4.88
CA SER A 8 37.81 28.30 -4.64
C SER A 8 38.03 27.04 -5.47
N PRO A 9 38.06 27.21 -6.84
CA PRO A 9 38.26 25.97 -7.60
C PRO A 9 39.72 25.75 -7.99
N ALA A 10 40.26 24.56 -7.74
CA ALA A 10 39.52 23.46 -7.12
C ALA A 10 40.38 22.21 -7.03
N THR A 11 41.23 22.13 -6.00
CA THR A 11 42.07 20.95 -5.86
C THR A 11 43.22 21.20 -4.90
N LEU A 12 43.71 20.14 -4.26
CA LEU A 12 44.80 20.30 -3.31
C LEU A 12 45.13 19.04 -2.54
N SER A 13 46.07 19.17 -1.61
CA SER A 13 46.49 18.05 -0.78
C SER A 13 46.86 18.58 0.60
N VAL A 14 45.85 18.70 1.46
CA VAL A 14 46.03 19.19 2.81
C VAL A 14 47.31 18.67 3.47
N THR A 15 47.18 17.53 4.14
CA THR A 15 48.27 16.85 4.85
C THR A 15 47.68 16.11 6.04
N PRO A 16 48.18 14.83 6.26
CA PRO A 16 47.58 14.16 7.42
C PRO A 16 47.71 15.00 8.69
N GLY A 17 47.07 16.16 8.70
CA GLY A 17 47.13 17.05 9.85
C GLY A 17 46.48 18.40 9.65
N ASP A 18 47.18 19.30 8.96
CA ASP A 18 46.66 20.65 8.72
C ASP A 18 45.18 20.67 8.35
N ARG A 19 44.54 21.82 8.55
CA ARG A 19 43.13 21.99 8.24
C ARG A 19 42.90 22.62 6.88
N VAL A 20 41.64 22.61 6.43
CA VAL A 20 41.28 23.18 5.14
C VAL A 20 40.18 24.19 5.20
N SER A 21 39.73 24.57 4.01
CA SER A 21 38.66 25.57 3.94
C SER A 21 37.66 25.16 2.87
N LEU A 22 37.83 25.58 1.62
CA LEU A 22 36.90 25.35 0.51
C LEU A 22 35.67 26.24 0.60
N SER A 23 35.65 27.32 -0.16
CA SER A 23 34.58 28.29 -0.09
C SER A 23 33.55 28.03 -1.19
N CYS A 24 32.43 28.75 -1.12
CA CYS A 24 31.37 28.68 -2.11
C CYS A 24 30.70 30.04 -2.18
N ARG A 25 30.60 30.59 -3.39
CA ARG A 25 30.03 31.91 -3.64
C ARG A 25 28.65 31.76 -4.28
N ALA A 26 27.78 32.74 -4.04
CA ALA A 26 26.41 32.71 -4.56
C ALA A 26 26.10 33.97 -5.36
N SER A 27 25.39 33.80 -6.48
CA SER A 27 24.96 34.95 -7.26
C SER A 27 23.94 35.79 -6.50
N GLN A 28 22.97 35.15 -5.85
CA GLN A 28 22.02 35.81 -4.97
C GLN A 28 22.46 35.65 -3.52
N SER A 29 21.68 36.27 -2.62
CA SER A 29 22.02 36.26 -1.20
C SER A 29 21.80 34.89 -0.57
N ILE A 30 20.64 34.27 -0.83
CA ILE A 30 20.28 32.86 -0.56
C ILE A 30 20.19 32.58 0.95
N SER A 31 20.50 33.59 1.78
CA SER A 31 20.51 33.49 3.25
C SER A 31 21.39 32.32 3.66
N ASP A 32 20.87 31.28 4.33
CA ASP A 32 21.71 30.19 4.86
C ASP A 32 21.16 28.83 4.43
N TYR A 33 21.32 28.50 3.14
CA TYR A 33 20.84 27.24 2.58
C TYR A 33 21.95 26.70 1.67
N LEU A 34 22.87 25.94 2.25
CA LEU A 34 23.93 25.25 1.53
C LEU A 34 24.16 23.90 2.20
N HIS A 35 24.43 22.87 1.39
CA HIS A 35 24.38 21.50 1.89
C HIS A 35 25.68 20.71 1.79
N TRP A 36 26.57 21.01 0.84
CA TRP A 36 27.91 20.42 0.86
C TRP A 36 27.90 18.90 0.87
N TYR A 37 27.74 18.27 -0.29
CA TYR A 37 27.76 16.82 -0.36
C TYR A 37 29.17 16.31 -0.60
N GLN A 38 29.45 15.12 -0.07
CA GLN A 38 30.71 14.44 -0.29
C GLN A 38 30.47 13.17 -1.09
N GLN A 39 31.24 12.99 -2.15
CA GLN A 39 31.21 11.79 -2.98
C GLN A 39 32.61 11.19 -3.01
N LYS A 40 32.78 10.02 -2.41
CA LYS A 40 34.07 9.34 -2.43
C LYS A 40 34.33 8.82 -3.85
N SER A 41 35.34 7.96 -3.98
CA SER A 41 35.83 7.58 -5.30
C SER A 41 34.77 6.83 -6.09
N HIS A 42 34.13 5.83 -5.48
CA HIS A 42 33.18 4.97 -6.18
C HIS A 42 31.93 4.77 -5.32
N GLU A 43 31.26 5.87 -4.98
CA GLU A 43 30.09 5.81 -4.12
C GLU A 43 29.11 6.89 -4.53
N SER A 44 27.85 6.72 -4.12
CA SER A 44 26.85 7.75 -4.29
C SER A 44 27.16 8.94 -3.39
N PRO A 45 26.78 10.15 -3.78
CA PRO A 45 27.03 11.31 -2.92
C PRO A 45 26.34 11.16 -1.57
N ARG A 46 27.00 11.62 -0.52
CA ARG A 46 26.49 11.55 0.84
C ARG A 46 26.47 12.94 1.45
N LEU A 47 25.33 13.32 1.98
CA LEU A 47 25.20 14.61 2.64
C LEU A 47 26.41 14.84 3.49
N LEU A 48 26.46 16.01 4.12
CA LEU A 48 27.58 16.33 5.01
C LEU A 48 27.19 17.41 5.99
N ILE A 49 26.97 18.61 5.49
CA ILE A 49 26.56 19.72 6.31
C ILE A 49 25.31 20.27 5.71
N LYS A 50 24.34 20.55 6.56
CA LYS A 50 23.04 21.04 6.16
C LYS A 50 23.08 22.51 5.92
N TYR A 51 22.42 23.28 6.76
CA TYR A 51 22.40 24.71 6.55
C TYR A 51 23.54 25.44 7.28
N GLN A 52 24.76 25.09 6.92
CA GLN A 52 25.99 25.63 7.47
C GLN A 52 26.14 25.49 8.99
N SER A 53 25.70 24.36 9.54
CA SER A 53 25.80 24.10 10.96
C SER A 53 25.57 22.64 11.27
N ILE A 54 24.52 22.08 10.69
CA ILE A 54 24.11 20.69 10.93
C ILE A 54 24.97 19.65 10.25
N SER A 55 24.73 18.37 10.56
CA SER A 55 25.47 17.26 9.98
C SER A 55 24.60 16.05 9.64
N GLY A 56 24.72 15.01 10.45
CA GLY A 56 23.95 13.78 10.32
C GLY A 56 24.59 12.68 11.15
N ILE A 57 25.48 11.92 10.52
CA ILE A 57 26.27 10.92 11.20
C ILE A 57 27.65 10.71 10.53
N PRO A 58 28.28 11.80 10.01
CA PRO A 58 29.53 11.63 9.29
C PRO A 58 30.83 11.96 10.04
N SER A 59 30.72 12.46 11.28
CA SER A 59 31.81 12.85 12.24
C SER A 59 32.37 14.28 12.28
N ARG A 60 33.65 14.39 12.62
CA ARG A 60 34.33 15.67 12.80
C ARG A 60 34.41 16.72 11.67
N PHE A 61 33.29 17.11 11.06
CA PHE A 61 33.36 18.15 10.06
C PHE A 61 32.66 19.39 10.61
N SER A 62 32.78 20.50 9.88
CA SER A 62 32.12 21.72 10.33
C SER A 62 31.81 22.60 9.13
N GLY A 63 30.96 23.60 9.37
CA GLY A 63 30.63 24.58 8.37
C GLY A 63 30.48 25.97 8.94
N SER A 64 31.11 26.96 8.33
CA SER A 64 31.01 28.35 8.75
C SER A 64 30.45 29.19 7.62
N GLY A 65 30.09 30.43 7.96
CA GLY A 65 29.62 31.38 6.98
C GLY A 65 28.10 31.34 6.78
N SER A 66 27.57 32.46 6.33
CA SER A 66 26.16 32.61 6.00
C SER A 66 26.07 33.72 4.96
N GLY A 67 24.89 34.34 4.83
CA GLY A 67 24.74 35.38 3.83
C GLY A 67 25.04 34.81 2.45
N SER A 68 26.05 35.34 1.78
CA SER A 68 26.35 34.98 0.39
C SER A 68 27.47 33.97 0.25
N ASP A 69 28.41 33.90 1.18
CA ASP A 69 29.57 33.03 1.08
C ASP A 69 29.61 32.03 2.23
N PHE A 70 30.27 30.90 1.98
CA PHE A 70 30.32 29.80 2.93
C PHE A 70 31.72 29.19 2.94
N THR A 71 31.95 28.29 3.88
CA THR A 71 33.27 27.68 4.05
C THR A 71 33.10 26.35 4.77
N LEU A 72 33.70 25.30 4.22
CA LEU A 72 33.80 24.01 4.90
C LEU A 72 35.05 24.01 5.77
N SER A 73 35.18 22.99 6.61
CA SER A 73 36.35 22.89 7.47
C SER A 73 36.48 21.48 8.01
N ILE A 74 37.69 20.92 7.87
CA ILE A 74 38.06 19.66 8.49
C ILE A 74 39.20 19.95 9.46
N ASN A 75 38.95 19.72 10.75
CA ASN A 75 39.93 20.10 11.77
C ASN A 75 41.08 19.11 11.88
N SER A 76 40.81 17.81 11.69
CA SER A 76 41.80 16.77 11.91
C SER A 76 42.37 16.22 10.61
N VAL A 77 41.51 15.91 9.63
CA VAL A 77 41.86 15.52 8.27
C VAL A 77 42.69 14.24 8.21
N GLU A 78 42.09 13.17 7.69
CA GLU A 78 42.76 11.89 7.51
C GLU A 78 42.70 11.49 6.04
N PRO A 79 43.45 10.47 5.59
CA PRO A 79 43.40 10.11 4.17
C PRO A 79 42.07 9.51 3.72
N GLU A 80 41.20 9.11 4.66
CA GLU A 80 39.97 8.42 4.28
C GLU A 80 38.95 9.34 3.60
N ASP A 81 39.10 10.66 3.75
CA ASP A 81 38.16 11.61 3.16
C ASP A 81 38.74 12.29 1.92
N VAL A 82 39.29 11.49 1.00
CA VAL A 82 39.78 11.99 -0.27
C VAL A 82 38.65 11.82 -1.29
N GLY A 83 38.11 12.93 -1.77
CA GLY A 83 37.01 12.90 -2.72
C GLY A 83 36.66 14.25 -3.29
N VAL A 84 35.38 14.45 -3.64
CA VAL A 84 34.89 15.70 -4.20
C VAL A 84 33.77 16.23 -3.33
N TYR A 85 33.64 17.55 -3.30
CA TYR A 85 32.65 18.22 -2.45
C TYR A 85 31.93 19.28 -3.27
N TYR A 86 30.60 19.17 -3.36
CA TYR A 86 29.77 20.08 -4.12
C TYR A 86 28.83 20.82 -3.17
N CYS A 87 28.60 22.10 -3.44
CA CYS A 87 27.53 22.82 -2.75
C CYS A 87 26.20 22.59 -3.47
N GLN A 88 25.13 23.02 -2.81
CA GLN A 88 23.81 23.03 -3.44
C GLN A 88 23.01 24.19 -2.87
N ASN A 89 22.51 25.06 -3.75
CA ASN A 89 21.62 26.13 -3.32
C ASN A 89 20.26 25.52 -3.02
N GLY A 90 19.83 25.64 -1.77
CA GLY A 90 18.48 25.21 -1.45
C GLY A 90 17.44 26.27 -1.67
N HIS A 91 17.86 27.50 -1.92
CA HIS A 91 16.94 28.60 -2.15
C HIS A 91 16.23 28.42 -3.49
N SER A 92 15.91 29.52 -4.15
CA SER A 92 15.22 29.46 -5.43
C SER A 92 15.90 28.44 -6.35
N PHE A 93 15.14 27.42 -6.72
CA PHE A 93 15.66 26.38 -7.60
C PHE A 93 16.23 26.98 -8.90
N PRO A 94 16.79 26.15 -9.87
CA PRO A 94 16.82 24.70 -9.58
C PRO A 94 18.00 24.30 -8.71
N PHE A 95 18.08 24.88 -7.51
CA PHE A 95 19.15 24.58 -6.57
C PHE A 95 20.52 24.48 -7.24
N THR A 96 20.65 23.58 -8.20
CA THR A 96 21.91 23.38 -8.91
C THR A 96 23.03 23.04 -7.93
N PHE A 97 24.20 22.70 -8.47
CA PHE A 97 25.33 22.36 -7.61
C PHE A 97 26.51 23.25 -7.96
N GLY A 98 27.68 22.93 -7.40
CA GLY A 98 28.91 23.57 -7.76
C GLY A 98 29.78 22.63 -8.61
N SER A 99 30.83 23.21 -9.18
CA SER A 99 31.76 22.40 -9.97
C SER A 99 32.43 21.32 -9.13
N GLY A 100 32.69 21.61 -7.87
CA GLY A 100 33.34 20.68 -6.97
C GLY A 100 34.83 20.90 -6.85
N THR A 101 35.39 20.50 -5.71
CA THR A 101 36.83 20.57 -5.46
C THR A 101 37.30 19.18 -5.03
N LYS A 102 38.36 18.69 -5.67
CA LYS A 102 38.94 17.41 -5.30
C LYS A 102 39.97 17.64 -4.21
N LEU A 103 39.82 16.96 -3.09
CA LEU A 103 40.73 17.10 -1.96
C LEU A 103 41.72 15.96 -2.00
N GLU A 104 42.97 16.27 -2.34
CA GLU A 104 44.04 15.28 -2.37
C GLU A 104 44.68 15.23 -0.98
N ILE A 105 45.85 14.58 -0.90
CA ILE A 105 46.60 14.50 0.35
C ILE A 105 48.04 14.15 0.01
N LYS A 106 48.96 14.84 0.68
CA LYS A 106 50.38 14.59 0.50
C LYS A 106 50.86 13.49 1.44
N ARG A 107 52.00 12.89 1.09
CA ARG A 107 52.63 11.87 1.92
C ARG A 107 54.10 11.76 1.51
N ALA A 108 54.79 10.80 2.13
CA ALA A 108 56.19 10.56 1.79
C ALA A 108 56.31 9.99 0.38
N ASP A 109 57.44 10.29 -0.25
CA ASP A 109 57.72 9.76 -1.57
C ASP A 109 57.65 8.24 -1.56
N ALA A 110 57.11 7.66 -2.63
CA ALA A 110 56.89 6.23 -2.70
C ALA A 110 57.48 5.70 -3.99
N ALA A 111 58.19 4.58 -3.90
CA ALA A 111 58.80 3.89 -5.03
C ALA A 111 57.81 2.91 -5.65
N PRO A 112 57.57 2.99 -6.96
CA PRO A 112 56.57 2.12 -7.58
C PRO A 112 57.07 0.70 -7.78
N THR A 113 56.12 -0.24 -7.75
CA THR A 113 56.41 -1.67 -7.95
C THR A 113 56.09 -2.00 -9.40
N VAL A 114 57.10 -1.87 -10.26
CA VAL A 114 56.94 -2.17 -11.68
C VAL A 114 56.86 -3.68 -11.87
N SER A 115 55.96 -4.12 -12.75
CA SER A 115 55.79 -5.53 -13.07
C SER A 115 55.52 -5.64 -14.57
N ILE A 116 56.19 -6.61 -15.20
CA ILE A 116 56.12 -6.79 -16.64
C ILE A 116 55.54 -8.17 -16.94
N PHE A 117 54.67 -8.23 -17.94
CA PHE A 117 53.96 -9.45 -18.29
C PHE A 117 53.96 -9.64 -19.80
N PRO A 118 54.55 -10.71 -20.32
CA PRO A 118 54.43 -11.01 -21.75
C PRO A 118 52.99 -11.38 -22.09
N PRO A 119 52.61 -11.31 -23.37
CA PRO A 119 51.25 -11.70 -23.74
C PRO A 119 50.97 -13.15 -23.37
N SER A 120 49.74 -13.41 -22.96
CA SER A 120 49.36 -14.75 -22.53
C SER A 120 49.31 -15.70 -23.71
N SER A 121 49.51 -17.00 -23.41
CA SER A 121 49.42 -18.02 -24.44
C SER A 121 48.00 -18.17 -24.97
N GLU A 122 46.99 -17.98 -24.10
CA GLU A 122 45.61 -18.05 -24.56
C GLU A 122 45.24 -16.86 -25.43
N GLN A 123 45.94 -15.73 -25.25
CA GLN A 123 45.69 -14.57 -26.10
C GLN A 123 46.37 -14.71 -27.45
N LEU A 124 47.52 -15.39 -27.50
CA LEU A 124 48.25 -15.53 -28.76
C LEU A 124 47.52 -16.45 -29.73
N THR A 125 46.98 -17.58 -29.23
CA THR A 125 46.19 -18.45 -30.08
C THR A 125 44.90 -17.79 -30.56
N SER A 126 44.44 -16.75 -29.86
CA SER A 126 43.29 -15.99 -30.30
C SER A 126 43.62 -14.96 -31.37
N GLY A 127 44.91 -14.70 -31.63
CA GLY A 127 45.32 -13.80 -32.70
C GLY A 127 45.87 -12.46 -32.28
N GLY A 128 45.76 -12.08 -31.00
CA GLY A 128 46.27 -10.82 -30.53
C GLY A 128 47.52 -10.95 -29.69
N ALA A 129 48.14 -9.81 -29.42
CA ALA A 129 49.36 -9.76 -28.62
C ALA A 129 49.39 -8.44 -27.85
N SER A 130 49.35 -8.53 -26.53
CA SER A 130 49.35 -7.35 -25.67
C SER A 130 50.35 -7.55 -24.54
N VAL A 131 51.18 -6.53 -24.32
CA VAL A 131 52.17 -6.52 -23.25
C VAL A 131 51.67 -5.59 -22.16
N VAL A 132 51.45 -6.13 -20.96
CA VAL A 132 50.93 -5.38 -19.82
C VAL A 132 52.08 -5.05 -18.89
N CYS A 133 52.01 -3.85 -18.29
CA CYS A 133 53.06 -3.34 -17.43
C CYS A 133 52.39 -2.55 -16.33
N PHE A 134 52.52 -3.00 -15.09
CA PHE A 134 51.83 -2.42 -13.94
C PHE A 134 52.79 -1.59 -13.09
N LEU A 135 52.33 -0.42 -12.66
CA LEU A 135 53.06 0.48 -11.76
C LEU A 135 52.10 0.90 -10.65
N ASN A 136 52.09 0.15 -9.55
CA ASN A 136 51.14 0.37 -8.47
C ASN A 136 51.87 0.70 -7.17
N ASN A 137 51.15 1.40 -6.28
CA ASN A 137 51.64 1.81 -4.97
C ASN A 137 52.79 2.81 -5.07
N PHE A 138 52.49 4.04 -5.49
CA PHE A 138 53.54 5.05 -5.61
C PHE A 138 52.97 6.44 -5.41
N TYR A 139 53.85 7.38 -5.08
CA TYR A 139 53.52 8.78 -4.88
C TYR A 139 54.68 9.66 -5.32
N PRO A 140 54.40 10.78 -5.99
CA PRO A 140 53.07 11.31 -6.33
C PRO A 140 52.52 10.77 -7.64
N LYS A 141 51.50 11.45 -8.17
CA LYS A 141 50.82 10.98 -9.37
C LYS A 141 51.69 11.14 -10.61
N ASP A 142 52.55 12.15 -10.64
CA ASP A 142 53.28 12.51 -11.86
C ASP A 142 54.25 11.41 -12.24
N ILE A 143 54.05 10.85 -13.44
CA ILE A 143 54.86 9.74 -13.95
C ILE A 143 54.49 9.52 -15.42
N ASN A 144 55.46 9.12 -16.23
CA ASN A 144 55.18 8.69 -17.60
C ASN A 144 55.98 7.43 -17.93
N VAL A 145 55.46 6.67 -18.88
CA VAL A 145 56.05 5.40 -19.30
C VAL A 145 56.57 5.55 -20.73
N LYS A 146 57.48 4.65 -21.09
CA LYS A 146 58.11 4.66 -22.41
C LYS A 146 58.33 3.21 -22.83
N TRP A 147 57.62 2.76 -23.86
CA TRP A 147 57.73 1.40 -24.36
C TRP A 147 58.82 1.36 -25.42
N LYS A 148 59.90 0.65 -25.14
CA LYS A 148 61.01 0.46 -26.07
C LYS A 148 61.12 -1.02 -26.42
N ILE A 149 61.19 -1.32 -27.71
CA ILE A 149 61.30 -2.69 -28.20
C ILE A 149 62.39 -2.70 -29.28
N ASP A 150 63.49 -3.42 -29.01
CA ASP A 150 64.68 -3.36 -29.86
C ASP A 150 65.14 -1.91 -29.99
N GLY A 151 65.14 -1.21 -28.85
CA GLY A 151 65.54 0.18 -28.83
C GLY A 151 64.62 1.09 -29.60
N SER A 152 63.47 0.58 -30.05
CA SER A 152 62.55 1.41 -30.81
C SER A 152 61.84 2.39 -29.88
N GLU A 153 60.93 3.17 -30.46
CA GLU A 153 60.27 4.27 -29.77
C GLU A 153 58.86 3.90 -29.33
N ARG A 154 58.02 3.46 -30.26
CA ARG A 154 56.69 2.90 -29.97
C ARG A 154 55.86 3.83 -29.08
N GLN A 155 55.48 4.95 -29.68
CA GLN A 155 54.53 5.88 -29.06
C GLN A 155 53.10 5.58 -29.45
N ASN A 156 52.87 4.68 -30.39
CA ASN A 156 51.54 4.35 -30.88
C ASN A 156 51.10 3.00 -30.32
N GLY A 157 49.79 2.84 -30.16
CA GLY A 157 49.24 1.61 -29.65
C GLY A 157 49.43 1.41 -28.16
N VAL A 158 49.60 2.48 -27.40
CA VAL A 158 49.77 2.41 -25.95
C VAL A 158 48.51 2.94 -25.28
N LEU A 159 48.07 2.22 -24.25
CA LEU A 159 46.86 2.56 -23.50
C LEU A 159 47.20 2.57 -22.01
N ASN A 160 46.94 3.69 -21.36
CA ASN A 160 47.25 3.86 -19.95
C ASN A 160 45.99 4.22 -19.17
N SER A 161 45.89 3.70 -17.95
CA SER A 161 44.80 4.01 -17.05
C SER A 161 45.37 4.35 -15.68
N TRP A 162 44.81 5.38 -15.06
CA TRP A 162 45.24 5.86 -13.75
C TRP A 162 44.16 5.56 -12.73
N THR A 163 44.55 4.95 -11.61
CA THR A 163 43.63 4.88 -10.48
C THR A 163 43.75 6.15 -9.65
N ASP A 164 42.91 6.27 -8.64
CA ASP A 164 42.93 7.39 -7.72
C ASP A 164 43.50 6.96 -6.37
N GLN A 165 43.72 7.96 -5.51
CA GLN A 165 44.37 7.72 -4.22
C GLN A 165 43.59 6.70 -3.40
N ASP A 166 44.31 5.74 -2.83
CA ASP A 166 43.70 4.75 -1.97
C ASP A 166 43.21 5.40 -0.68
N SER A 167 42.18 4.80 -0.08
CA SER A 167 41.65 5.33 1.16
C SER A 167 42.60 5.09 2.32
N LYS A 168 43.37 4.02 2.26
CA LYS A 168 44.22 3.64 3.40
C LYS A 168 45.59 4.32 3.32
N ASP A 169 46.44 3.86 2.41
CA ASP A 169 47.75 4.46 2.17
C ASP A 169 47.70 5.26 0.89
N SER A 170 47.84 6.59 0.99
CA SER A 170 47.59 7.48 -0.14
C SER A 170 48.52 7.27 -1.32
N THR A 171 48.38 6.15 -2.01
CA THR A 171 49.25 5.84 -3.14
C THR A 171 48.44 5.67 -4.42
N TYR A 172 49.01 6.11 -5.54
CA TYR A 172 48.35 5.93 -6.83
C TYR A 172 48.70 4.56 -7.40
N SER A 173 48.28 4.33 -8.64
CA SER A 173 48.64 3.15 -9.41
C SER A 173 48.33 3.41 -10.88
N MET A 174 49.09 2.76 -11.76
CA MET A 174 48.91 2.93 -13.20
C MET A 174 49.09 1.61 -13.92
N SER A 175 48.18 1.31 -14.85
CA SER A 175 48.35 0.22 -15.79
C SER A 175 48.74 0.80 -17.15
N SER A 176 49.66 0.12 -17.83
CA SER A 176 50.08 0.51 -19.17
C SER A 176 50.13 -0.73 -20.04
N THR A 177 49.42 -0.71 -21.15
CA THR A 177 49.25 -1.88 -22.00
C THR A 177 49.56 -1.51 -23.45
N LEU A 178 50.40 -2.32 -24.10
CA LEU A 178 50.82 -2.11 -25.48
C LEU A 178 50.08 -3.11 -26.37
N THR A 179 49.00 -2.65 -27.01
CA THR A 179 48.27 -3.50 -27.93
C THR A 179 49.08 -3.69 -29.21
N LEU A 180 49.00 -4.90 -29.77
CA LEU A 180 49.85 -5.25 -30.91
C LEU A 180 49.24 -6.45 -31.63
N THR A 181 49.68 -6.63 -32.87
CA THR A 181 49.30 -7.80 -33.63
C THR A 181 50.32 -8.91 -33.40
N LYS A 182 49.87 -10.15 -33.59
CA LYS A 182 50.76 -11.28 -33.39
C LYS A 182 51.93 -11.24 -34.37
N ASP A 183 51.67 -10.81 -35.61
CA ASP A 183 52.74 -10.69 -36.60
C ASP A 183 53.76 -9.64 -36.16
N GLU A 184 53.28 -8.51 -35.64
CA GLU A 184 54.19 -7.48 -35.17
C GLU A 184 54.97 -7.95 -33.95
N TYR A 185 54.30 -8.66 -33.04
CA TYR A 185 55.00 -9.19 -31.86
C TYR A 185 56.08 -10.19 -32.26
N GLU A 186 55.78 -11.05 -33.22
CA GLU A 186 56.67 -12.14 -33.59
C GLU A 186 57.81 -11.71 -34.53
N ARG A 187 57.96 -10.42 -34.80
CA ARG A 187 59.08 -9.92 -35.59
C ARG A 187 60.21 -9.40 -34.71
N HIS A 188 59.91 -8.61 -33.69
CA HIS A 188 60.89 -8.14 -32.73
C HIS A 188 60.95 -9.08 -31.54
N ASN A 189 61.96 -8.91 -30.68
CA ASN A 189 62.01 -9.84 -29.56
C ASN A 189 62.17 -9.18 -28.20
N SER A 190 62.88 -8.06 -28.11
CA SER A 190 63.08 -7.38 -26.83
C SER A 190 61.92 -6.43 -26.57
N TYR A 191 61.43 -6.43 -25.33
CA TYR A 191 60.26 -5.64 -24.94
C TYR A 191 60.49 -5.09 -23.54
N THR A 192 60.61 -3.76 -23.42
CA THR A 192 60.81 -3.10 -22.15
C THR A 192 59.73 -2.03 -21.95
N CYS A 193 59.39 -1.78 -20.67
CA CYS A 193 58.43 -0.75 -20.28
C CYS A 193 59.02 0.15 -19.19
N GLU A 194 60.17 0.75 -19.49
CA GLU A 194 60.82 1.63 -18.53
C GLU A 194 60.00 2.91 -18.33
N ALA A 195 60.09 3.47 -17.13
CA ALA A 195 59.33 4.66 -16.78
C ALA A 195 60.07 5.44 -15.69
N THR A 196 60.19 6.75 -15.89
CA THR A 196 60.85 7.63 -14.94
C THR A 196 59.86 8.15 -13.91
N HIS A 197 60.36 8.47 -12.72
CA HIS A 197 59.53 8.99 -11.65
C HIS A 197 60.37 9.90 -10.75
N LYS A 198 59.68 10.75 -10.00
CA LYS A 198 60.35 11.64 -9.05
C LYS A 198 61.14 10.89 -7.99
N THR A 199 60.83 9.61 -7.75
CA THR A 199 61.40 8.85 -6.65
C THR A 199 62.83 8.39 -6.90
N SER A 200 63.39 8.62 -8.08
CA SER A 200 64.71 8.06 -8.38
C SER A 200 65.34 8.80 -9.55
N THR A 201 66.67 8.86 -9.52
CA THR A 201 67.42 9.21 -10.72
C THR A 201 67.44 8.03 -11.67
N SER A 202 67.63 8.33 -12.97
CA SER A 202 67.66 7.34 -14.04
C SER A 202 66.28 6.69 -14.19
N PRO A 203 66.03 5.93 -15.28
CA PRO A 203 64.69 5.35 -15.46
C PRO A 203 64.55 3.93 -14.94
N ILE A 204 63.57 3.69 -14.08
CA ILE A 204 63.26 2.34 -13.62
C ILE A 204 62.77 1.52 -14.81
N VAL A 205 63.40 0.37 -15.03
CA VAL A 205 63.11 -0.45 -16.21
C VAL A 205 62.89 -1.89 -15.79
N LYS A 206 61.72 -2.42 -16.10
CA LYS A 206 61.46 -3.87 -16.10
C LYS A 206 61.41 -4.31 -17.55
N SER A 207 62.16 -5.35 -17.89
CA SER A 207 62.33 -5.74 -19.29
C SER A 207 62.30 -7.25 -19.43
N PHE A 208 62.08 -7.70 -20.66
CA PHE A 208 62.15 -9.11 -21.04
C PHE A 208 62.21 -9.17 -22.55
N ASN A 209 62.67 -10.32 -23.06
CA ASN A 209 62.63 -10.57 -24.50
C ASN A 209 62.03 -11.94 -24.75
N ARG A 210 61.30 -12.05 -25.87
CA ARG A 210 60.67 -13.30 -26.27
C ARG A 210 61.67 -14.44 -26.24
N ASN A 211 61.44 -15.40 -25.35
CA ASN A 211 62.38 -16.48 -25.11
C ASN A 211 61.69 -17.78 -24.71
N GLU B 1 19.63 2.31 7.14
CA GLU B 1 18.35 1.76 6.73
C GLU B 1 17.92 2.41 5.42
N VAL B 2 16.65 2.27 5.08
CA VAL B 2 15.99 3.15 4.13
C VAL B 2 16.55 2.90 2.73
N GLN B 3 16.82 1.63 2.44
CA GLN B 3 17.49 1.20 1.21
C GLN B 3 16.87 1.81 -0.05
N LEU B 4 17.76 2.13 -1.00
CA LEU B 4 17.37 2.62 -2.32
C LEU B 4 18.07 1.76 -3.36
N GLN B 5 17.29 0.96 -4.09
CA GLN B 5 17.82 0.01 -5.07
C GLN B 5 17.41 0.48 -6.47
N GLN B 6 18.37 0.94 -7.26
CA GLN B 6 18.07 1.49 -8.58
C GLN B 6 18.13 0.40 -9.63
N SER B 7 17.32 0.56 -10.68
CA SER B 7 17.28 -0.41 -11.76
C SER B 7 18.60 -0.42 -12.50
N GLY B 8 19.05 -1.62 -12.91
CA GLY B 8 20.40 -1.84 -13.36
C GLY B 8 20.84 -1.04 -14.57
N PRO B 9 22.09 -1.22 -14.98
CA PRO B 9 22.63 -0.42 -16.09
C PRO B 9 21.99 -0.82 -17.41
N GLU B 10 21.78 0.18 -18.27
CA GLU B 10 21.00 -0.03 -19.48
C GLU B 10 21.63 0.69 -20.67
N LEU B 11 21.52 0.06 -21.84
CA LEU B 11 22.00 0.58 -23.11
C LEU B 11 20.82 0.76 -24.04
N GLU B 12 20.80 1.89 -24.75
CA GLU B 12 19.73 2.18 -25.69
C GLU B 12 20.30 3.03 -26.82
N LYS B 13 19.75 2.84 -28.02
CA LYS B 13 20.24 3.51 -29.21
C LYS B 13 19.76 4.97 -29.26
N PRO B 14 20.53 5.84 -29.92
CA PRO B 14 20.12 7.25 -30.02
C PRO B 14 18.77 7.39 -30.72
N GLY B 15 17.87 8.14 -30.09
CA GLY B 15 16.51 8.29 -30.57
C GLY B 15 15.51 7.40 -29.86
N ALA B 16 15.97 6.48 -29.01
CA ALA B 16 15.09 5.58 -28.28
C ALA B 16 14.72 6.21 -26.94
N SER B 17 14.30 5.40 -25.99
CA SER B 17 13.88 5.87 -24.67
C SER B 17 14.30 4.86 -23.62
N VAL B 18 14.44 5.35 -22.38
CA VAL B 18 14.83 4.53 -21.25
C VAL B 18 13.93 4.86 -20.07
N LYS B 19 13.59 3.86 -19.28
CA LYS B 19 12.82 4.03 -18.04
C LYS B 19 13.59 3.37 -16.90
N ILE B 20 13.95 4.17 -15.89
CA ILE B 20 14.69 3.69 -14.73
C ILE B 20 13.81 3.82 -13.50
N SER B 21 14.17 3.08 -12.45
CA SER B 21 13.39 3.04 -11.22
C SER B 21 14.33 3.03 -10.02
N CYS B 22 13.84 3.53 -8.89
CA CYS B 22 14.66 3.58 -7.69
C CYS B 22 14.15 2.72 -6.54
N MET B 23 12.87 2.33 -6.56
CA MET B 23 12.35 1.25 -5.72
C MET B 23 12.72 1.43 -4.25
N ALA B 24 11.99 2.28 -3.54
CA ALA B 24 12.33 2.61 -2.17
C ALA B 24 11.99 1.47 -1.23
N SER B 25 12.45 1.60 0.02
CA SER B 25 12.28 0.60 1.06
C SER B 25 12.73 1.19 2.38
N GLY B 26 12.06 0.79 3.46
CA GLY B 26 12.46 1.17 4.80
C GLY B 26 11.88 2.46 5.35
N TYR B 27 10.88 3.03 4.69
CA TYR B 27 10.21 4.23 5.19
C TYR B 27 8.85 4.36 4.51
N SER B 28 8.02 5.24 5.08
CA SER B 28 6.72 5.55 4.48
C SER B 28 6.93 6.36 3.21
N PHE B 29 6.64 5.75 2.06
CA PHE B 29 6.94 6.38 0.78
C PHE B 29 6.13 7.65 0.58
N THR B 30 4.87 7.65 1.01
CA THR B 30 3.95 8.74 0.71
C THR B 30 4.40 10.09 1.27
N GLY B 31 5.57 10.15 1.90
CA GLY B 31 5.94 11.37 2.60
C GLY B 31 7.12 12.14 2.05
N TYR B 32 7.99 11.47 1.30
CA TYR B 32 9.26 12.04 0.89
C TYR B 32 9.26 12.33 -0.61
N ASN B 33 10.27 13.09 -1.03
CA ASN B 33 10.25 13.74 -2.34
C ASN B 33 10.92 12.91 -3.44
N MET B 34 12.06 12.27 -3.14
CA MET B 34 12.71 11.35 -4.08
C MET B 34 13.25 12.05 -5.32
N ASN B 35 14.29 12.86 -5.16
CA ASN B 35 14.81 13.62 -6.30
C ASN B 35 15.60 12.73 -7.25
N TRP B 36 15.82 13.24 -8.46
CA TRP B 36 16.63 12.58 -9.48
C TRP B 36 17.77 13.50 -9.88
N VAL B 37 18.98 12.96 -9.94
CA VAL B 37 20.19 13.74 -10.22
C VAL B 37 21.00 13.03 -11.30
N LYS B 38 21.49 13.82 -12.26
CA LYS B 38 22.29 13.30 -13.35
C LYS B 38 23.73 13.77 -13.22
N GLN B 39 24.62 12.86 -12.85
CA GLN B 39 26.02 13.20 -12.68
C GLN B 39 26.89 12.55 -13.75
N SER B 40 27.05 13.24 -14.87
CA SER B 40 27.87 12.74 -15.96
C SER B 40 29.21 12.31 -15.40
N ASN B 41 29.87 11.36 -16.06
CA ASN B 41 31.15 10.87 -15.59
C ASN B 41 32.08 12.02 -15.21
N GLY B 42 31.76 13.22 -15.69
CA GLY B 42 32.54 14.40 -15.39
C GLY B 42 32.17 14.93 -14.02
N LYS B 43 31.11 14.38 -13.45
CA LYS B 43 30.63 14.77 -12.13
C LYS B 43 29.74 16.01 -12.17
N SER B 44 29.67 16.66 -13.33
CA SER B 44 28.84 17.86 -13.47
C SER B 44 27.46 17.61 -12.90
N LEU B 45 27.38 17.40 -11.59
CA LEU B 45 26.11 17.14 -10.92
C LEU B 45 25.00 18.05 -11.42
N GLU B 46 23.93 17.44 -11.92
CA GLU B 46 22.77 18.18 -12.42
C GLU B 46 21.51 17.74 -11.71
N TRP B 47 20.63 18.70 -11.43
CA TRP B 47 19.37 18.43 -10.75
C TRP B 47 18.25 18.34 -11.80
N ILE B 48 17.68 17.14 -11.93
CA ILE B 48 16.72 16.86 -12.99
C ILE B 48 15.34 17.35 -12.61
N GLY B 49 14.74 16.73 -11.61
CA GLY B 49 13.35 17.05 -11.30
C GLY B 49 12.96 16.58 -9.92
N ASN B 50 11.70 16.85 -9.58
CA ASN B 50 11.13 16.57 -8.27
C ASN B 50 9.73 16.02 -8.44
N ILE B 51 9.48 14.85 -7.88
CA ILE B 51 8.13 14.34 -7.73
C ILE B 51 7.73 14.43 -6.26
N ASP B 52 6.43 14.40 -6.02
CA ASP B 52 5.87 14.50 -4.67
C ASP B 52 4.67 13.58 -4.60
N PRO B 53 4.82 12.40 -3.99
CA PRO B 53 3.72 11.42 -3.97
C PRO B 53 2.46 11.91 -3.28
N TYR B 54 2.58 12.72 -2.23
CA TYR B 54 1.42 13.13 -1.45
C TYR B 54 0.46 13.98 -2.27
N TYR B 55 0.98 14.82 -3.16
CA TYR B 55 0.16 15.70 -3.99
C TYR B 55 0.26 15.42 -5.48
N GLY B 56 1.24 14.62 -5.92
CA GLY B 56 1.45 14.43 -7.34
C GLY B 56 2.09 15.64 -8.00
N ASP B 57 3.09 16.23 -7.36
CA ASP B 57 3.77 17.38 -7.91
C ASP B 57 4.76 16.93 -8.99
N THR B 58 5.21 17.88 -9.80
CA THR B 58 5.87 17.56 -11.06
C THR B 58 7.14 18.35 -11.36
N ARG B 59 7.54 19.30 -10.53
CA ARG B 59 8.51 20.30 -10.95
C ARG B 59 9.84 19.67 -11.40
N TYR B 60 10.25 20.03 -12.62
CA TYR B 60 11.56 19.67 -13.15
C TYR B 60 12.32 20.93 -13.53
N ASN B 61 13.63 20.79 -13.64
CA ASN B 61 14.46 21.84 -14.23
C ASN B 61 14.05 22.06 -15.68
N GLN B 62 14.11 23.32 -16.11
CA GLN B 62 13.72 23.67 -17.48
C GLN B 62 14.77 23.30 -18.51
N LYS B 63 15.95 22.86 -18.09
CA LYS B 63 16.94 22.30 -19.01
C LYS B 63 16.67 20.83 -19.30
N PHE B 64 15.83 20.17 -18.51
CA PHE B 64 15.46 18.78 -18.74
C PHE B 64 13.94 18.62 -18.84
N LYS B 65 13.19 19.72 -18.90
CA LYS B 65 11.73 19.61 -18.90
C LYS B 65 11.23 18.96 -20.18
N ASP B 66 11.86 19.24 -21.31
CA ASP B 66 11.45 18.65 -22.58
C ASP B 66 11.90 17.20 -22.74
N LYS B 67 12.81 16.71 -21.89
CA LYS B 67 13.41 15.40 -22.04
C LYS B 67 12.80 14.36 -21.12
N ALA B 68 12.82 14.62 -19.80
CA ALA B 68 12.44 13.62 -18.82
C ALA B 68 11.04 13.87 -18.27
N THR B 69 10.34 12.78 -17.97
CA THR B 69 9.08 12.82 -17.25
C THR B 69 9.16 11.84 -16.09
N LEU B 70 8.67 12.25 -14.92
CA LEU B 70 8.74 11.44 -13.71
C LEU B 70 7.34 10.94 -13.35
N THR B 71 7.23 9.63 -13.14
CA THR B 71 5.96 9.01 -12.79
C THR B 71 6.01 8.44 -11.38
N VAL B 72 4.84 8.10 -10.85
CA VAL B 72 4.74 7.57 -9.49
C VAL B 72 4.70 6.04 -9.46
N ASP B 73 4.17 5.50 -8.37
CA ASP B 73 4.07 4.05 -8.20
C ASP B 73 3.34 3.68 -6.89
N LYS B 74 3.02 4.70 -6.10
CA LYS B 74 2.33 4.50 -4.83
C LYS B 74 2.89 3.32 -4.05
N SER B 75 2.41 2.13 -4.38
CA SER B 75 2.88 0.91 -3.70
C SER B 75 4.31 0.62 -4.13
N SER B 76 5.05 -0.09 -3.29
CA SER B 76 6.43 -0.40 -3.59
C SER B 76 7.25 0.88 -3.67
N SER B 77 6.58 2.01 -3.49
CA SER B 77 7.20 3.33 -3.52
C SER B 77 8.16 3.52 -4.69
N THR B 78 8.19 2.55 -5.60
CA THR B 78 9.07 2.64 -6.77
C THR B 78 8.88 4.02 -7.41
N ALA B 79 9.81 4.43 -8.26
CA ALA B 79 9.69 5.74 -8.88
C ALA B 79 10.43 5.73 -10.21
N TYR B 80 9.74 6.12 -11.29
CA TYR B 80 10.25 5.94 -12.63
C TYR B 80 10.65 7.27 -13.25
N MET B 81 11.51 7.18 -14.28
CA MET B 81 12.02 8.32 -15.00
C MET B 81 12.09 7.97 -16.48
N GLN B 82 11.41 8.76 -17.31
CA GLN B 82 11.29 8.48 -18.74
C GLN B 82 12.20 9.42 -19.53
N LEU B 83 13.31 8.89 -20.02
CA LEU B 83 14.21 9.64 -20.88
C LEU B 83 13.74 9.56 -22.32
N LYS B 84 13.56 10.73 -22.96
CA LYS B 84 12.97 10.82 -24.28
C LYS B 84 13.95 11.41 -25.27
N SER B 85 13.93 10.90 -26.51
CA SER B 85 14.78 11.36 -27.59
C SER B 85 16.24 11.43 -27.16
N LEU B 86 16.82 10.24 -27.00
CA LEU B 86 18.15 10.10 -26.43
C LEU B 86 19.20 10.68 -27.35
N THR B 87 20.19 11.35 -26.76
CA THR B 87 21.37 11.82 -27.43
C THR B 87 22.59 11.22 -26.73
N SER B 88 23.68 11.04 -27.48
CA SER B 88 24.91 10.55 -26.88
C SER B 88 25.38 11.44 -25.73
N GLU B 89 24.89 12.68 -25.66
CA GLU B 89 25.21 13.57 -24.53
C GLU B 89 24.54 13.12 -23.24
N ASP B 90 23.47 12.34 -23.32
CA ASP B 90 22.78 11.88 -22.12
C ASP B 90 23.44 10.67 -21.49
N SER B 91 24.56 10.20 -22.03
CA SER B 91 25.32 9.12 -21.41
C SER B 91 25.77 9.55 -20.02
N ALA B 92 25.24 8.93 -18.99
CA ALA B 92 25.35 9.49 -17.65
C ALA B 92 25.19 8.40 -16.61
N VAL B 93 25.34 8.79 -15.34
CA VAL B 93 24.97 7.98 -14.19
C VAL B 93 23.86 8.74 -13.46
N TYR B 94 22.73 8.07 -13.24
CA TYR B 94 21.54 8.70 -12.69
C TYR B 94 21.28 8.16 -11.28
N TYR B 95 21.42 9.04 -10.29
CA TYR B 95 21.15 8.71 -8.90
C TYR B 95 19.72 9.12 -8.54
N CYS B 96 19.32 8.79 -7.31
CA CYS B 96 18.06 9.28 -6.75
C CYS B 96 18.23 9.37 -5.25
N ALA B 97 17.50 10.28 -4.61
CA ALA B 97 17.67 10.47 -3.18
C ALA B 97 16.42 11.10 -2.58
N ARG B 98 16.22 10.85 -1.28
CA ARG B 98 15.05 11.34 -0.57
C ARG B 98 15.14 12.83 -0.26
N SER B 99 13.98 13.49 -0.24
CA SER B 99 13.86 14.84 0.31
C SER B 99 12.51 14.95 1.00
N ARG B 100 12.29 16.06 1.68
CA ARG B 100 11.04 16.26 2.41
C ARG B 100 10.53 17.69 2.34
N GLY B 101 9.21 17.84 2.34
CA GLY B 101 8.58 19.14 2.28
C GLY B 101 9.15 20.01 1.18
N SER B 102 8.74 21.27 1.16
CA SER B 102 9.20 22.21 0.14
C SER B 102 8.41 23.51 0.19
N THR B 103 7.50 23.69 -0.77
CA THR B 103 6.69 24.91 -0.82
C THR B 103 7.59 26.13 -0.67
N SER B 104 8.87 25.95 -0.95
CA SER B 104 9.86 27.01 -0.86
C SER B 104 11.27 26.47 -1.05
N TYR B 105 12.21 26.85 -0.19
CA TYR B 105 13.58 26.40 -0.29
C TYR B 105 13.66 24.88 -0.30
N PHE B 106 14.87 24.36 -0.39
CA PHE B 106 15.09 22.92 -0.43
C PHE B 106 15.90 22.48 0.78
N TYR B 107 15.71 21.23 1.21
CA TYR B 107 16.43 20.69 2.35
C TYR B 107 17.72 19.99 1.92
N GLY B 108 17.64 18.68 1.71
CA GLY B 108 18.80 17.91 1.30
C GLY B 108 18.51 16.44 1.10
N MET B 109 19.24 15.82 0.18
CA MET B 109 19.07 14.40 -0.10
C MET B 109 19.64 13.55 1.04
N ASP B 110 18.77 13.11 1.93
CA ASP B 110 19.19 12.30 3.06
C ASP B 110 19.96 11.06 2.60
N TYR B 111 19.31 10.19 1.85
CA TYR B 111 19.89 8.92 1.45
C TYR B 111 19.75 8.75 -0.06
N TRP B 112 20.83 8.29 -0.69
CA TRP B 112 20.91 8.16 -2.14
C TRP B 112 20.83 6.71 -2.56
N GLY B 113 20.50 6.52 -3.84
CA GLY B 113 20.56 5.21 -4.45
C GLY B 113 21.94 4.92 -5.01
N GLN B 114 22.09 3.73 -5.58
CA GLN B 114 23.40 3.31 -6.06
C GLN B 114 23.81 4.04 -7.33
N GLY B 115 22.88 4.24 -8.26
CA GLY B 115 23.20 4.85 -9.54
C GLY B 115 23.02 3.87 -10.69
N THR B 116 22.56 4.38 -11.82
CA THR B 116 22.34 3.59 -13.02
C THR B 116 23.14 4.20 -14.16
N SER B 117 23.99 3.39 -14.81
CA SER B 117 24.76 3.87 -15.95
C SER B 117 23.92 3.76 -17.22
N VAL B 118 23.78 4.87 -17.93
CA VAL B 118 23.03 4.93 -19.17
C VAL B 118 24.02 5.20 -20.29
N THR B 119 24.27 4.20 -21.12
CA THR B 119 25.13 4.36 -22.28
C THR B 119 24.23 4.54 -23.50
N VAL B 120 24.25 5.73 -24.09
CA VAL B 120 23.53 5.99 -25.33
C VAL B 120 24.52 5.80 -26.47
N SER B 121 24.39 4.69 -27.20
CA SER B 121 25.31 4.36 -28.28
C SER B 121 24.63 3.42 -29.25
N SER B 122 25.05 3.50 -30.52
CA SER B 122 24.48 2.67 -31.58
C SER B 122 25.32 1.43 -31.84
N ALA B 123 26.07 0.97 -30.84
CA ALA B 123 26.92 -0.21 -30.98
C ALA B 123 26.27 -1.39 -30.27
N LYS B 124 26.53 -2.58 -30.81
CA LYS B 124 26.00 -3.80 -30.23
C LYS B 124 26.86 -4.25 -29.07
N THR B 125 26.25 -5.01 -28.15
CA THR B 125 26.99 -5.54 -27.01
C THR B 125 28.02 -6.56 -27.48
N THR B 126 29.01 -6.81 -26.62
CA THR B 126 30.12 -7.69 -26.97
C THR B 126 30.59 -8.41 -25.71
N ALA B 127 30.67 -9.74 -25.79
CA ALA B 127 31.05 -10.53 -24.63
C ALA B 127 32.53 -10.30 -24.29
N PRO B 128 32.86 -10.07 -23.02
CA PRO B 128 34.27 -9.87 -22.66
C PRO B 128 35.09 -11.13 -22.85
N SER B 129 36.37 -10.93 -23.19
CA SER B 129 37.34 -12.01 -23.32
C SER B 129 38.47 -11.77 -22.34
N VAL B 130 38.76 -12.75 -21.51
CA VAL B 130 39.67 -12.61 -20.37
C VAL B 130 40.94 -13.41 -20.64
N TYR B 131 42.09 -12.77 -20.48
CA TYR B 131 43.39 -13.40 -20.67
C TYR B 131 44.19 -13.30 -19.37
N PRO B 132 44.67 -14.40 -18.81
CA PRO B 132 45.44 -14.32 -17.57
C PRO B 132 46.84 -13.77 -17.82
N LEU B 133 47.36 -13.06 -16.82
CA LEU B 133 48.67 -12.42 -16.93
C LEU B 133 49.58 -13.02 -15.86
N ALA B 134 50.41 -14.01 -16.27
CA ALA B 134 51.40 -14.68 -15.43
C ALA B 134 52.74 -13.98 -15.54
N PRO B 135 53.51 -13.89 -14.46
CA PRO B 135 54.76 -13.13 -14.49
C PRO B 135 55.80 -13.77 -15.41
N VAL B 136 56.81 -12.97 -15.76
CA VAL B 136 57.88 -13.43 -16.64
C VAL B 136 58.60 -14.61 -16.00
N CYS B 137 59.00 -15.57 -16.84
CA CYS B 137 59.74 -16.72 -16.36
C CYS B 137 61.04 -16.28 -15.71
N GLY B 138 61.52 -17.08 -14.75
CA GLY B 138 62.77 -16.75 -14.09
C GLY B 138 62.73 -15.52 -13.23
N ASP B 139 61.54 -14.96 -12.95
CA ASP B 139 61.44 -13.89 -11.96
C ASP B 139 61.98 -14.37 -10.63
N THR B 140 61.62 -15.59 -10.23
CA THR B 140 62.22 -16.35 -9.12
C THR B 140 62.15 -15.48 -7.86
N THR B 141 63.26 -15.23 -7.17
CA THR B 141 63.21 -14.74 -5.80
C THR B 141 62.63 -13.34 -5.71
N GLY B 142 61.53 -13.22 -5.00
CA GLY B 142 61.01 -11.95 -4.57
C GLY B 142 60.24 -12.16 -3.28
N SER B 143 60.18 -11.13 -2.44
CA SER B 143 59.34 -11.22 -1.25
C SER B 143 57.88 -11.44 -1.62
N SER B 144 57.40 -10.72 -2.63
CA SER B 144 56.05 -10.86 -3.16
C SER B 144 56.12 -11.14 -4.66
N VAL B 145 55.02 -11.62 -5.21
CA VAL B 145 54.89 -11.87 -6.64
C VAL B 145 53.61 -11.21 -7.12
N THR B 146 53.74 -10.31 -8.08
CA THR B 146 52.61 -9.60 -8.66
C THR B 146 52.17 -10.30 -9.93
N LEU B 147 50.85 -10.28 -10.16
CA LEU B 147 50.28 -10.83 -11.38
C LEU B 147 49.02 -10.04 -11.73
N GLY B 148 48.52 -10.28 -12.95
CA GLY B 148 47.44 -9.47 -13.50
C GLY B 148 46.39 -10.31 -14.20
N CYS B 149 45.32 -9.64 -14.61
CA CYS B 149 44.20 -10.22 -15.34
C CYS B 149 43.74 -9.19 -16.36
N LEU B 150 43.67 -9.58 -17.63
CA LEU B 150 43.40 -8.64 -18.72
C LEU B 150 42.01 -8.91 -19.28
N VAL B 151 41.18 -7.86 -19.33
CA VAL B 151 39.82 -7.92 -19.86
C VAL B 151 39.76 -6.94 -21.03
N LYS B 152 39.83 -7.48 -22.23
CA LYS B 152 39.92 -6.67 -23.41
C LYS B 152 38.73 -6.67 -24.31
N GLY B 153 38.44 -5.51 -24.85
CA GLY B 153 37.36 -5.42 -25.79
C GLY B 153 36.01 -5.89 -25.36
N TYR B 154 35.60 -5.49 -24.18
CA TYR B 154 34.30 -5.83 -23.74
C TYR B 154 33.53 -4.53 -23.70
N PHE B 155 32.28 -4.55 -24.09
CA PHE B 155 31.44 -3.36 -24.04
C PHE B 155 30.11 -4.00 -23.72
N PRO B 156 29.17 -3.35 -22.92
CA PRO B 156 29.51 -2.01 -22.45
C PRO B 156 29.83 -2.09 -20.99
N GLU B 157 30.23 -0.98 -20.40
CA GLU B 157 30.50 -0.94 -18.99
C GLU B 157 29.12 -1.11 -18.42
N PRO B 158 28.92 -1.62 -17.14
CA PRO B 158 30.12 -1.97 -16.37
C PRO B 158 30.49 -3.43 -16.44
N VAL B 159 31.39 -3.87 -15.57
CA VAL B 159 31.80 -5.26 -15.59
C VAL B 159 32.48 -5.58 -14.28
N THR B 160 31.74 -6.21 -13.39
CA THR B 160 32.31 -6.53 -12.10
C THR B 160 33.47 -7.50 -12.28
N LEU B 161 34.52 -7.26 -11.51
CA LEU B 161 35.67 -8.13 -11.49
C LEU B 161 35.95 -8.33 -10.03
N THR B 162 36.52 -9.48 -9.77
CA THR B 162 36.81 -9.90 -8.41
C THR B 162 37.88 -10.98 -8.45
N TRP B 163 38.70 -11.03 -7.39
CA TRP B 163 39.79 -11.98 -7.29
C TRP B 163 39.44 -13.03 -6.24
N ASN B 164 39.33 -14.29 -6.68
CA ASN B 164 38.93 -15.40 -5.81
C ASN B 164 37.64 -15.10 -5.07
N SER B 165 36.70 -14.50 -5.79
CA SER B 165 35.30 -14.39 -5.37
C SER B 165 35.16 -13.68 -4.02
N GLY B 166 35.83 -12.52 -3.90
CA GLY B 166 35.75 -11.68 -2.75
C GLY B 166 36.59 -12.11 -1.56
N SER B 167 37.32 -13.21 -1.67
CA SER B 167 38.22 -13.61 -0.60
C SER B 167 39.46 -12.73 -0.58
N LEU B 168 39.90 -12.27 -1.74
CA LEU B 168 41.14 -11.50 -1.85
C LEU B 168 40.80 -10.03 -2.07
N SER B 169 41.24 -9.18 -1.13
CA SER B 169 41.16 -7.74 -1.29
C SER B 169 42.38 -7.05 -0.69
N SER B 170 43.47 -7.79 -0.47
CA SER B 170 44.68 -7.27 0.16
C SER B 170 45.42 -6.32 -0.76
N GLY B 171 46.01 -6.84 -1.83
CA GLY B 171 46.76 -6.03 -2.76
C GLY B 171 46.09 -5.86 -4.11
N VAL B 172 44.76 -5.96 -4.14
CA VAL B 172 44.00 -5.89 -5.39
C VAL B 172 43.97 -4.45 -5.89
N HIS B 173 43.95 -4.29 -7.22
CA HIS B 173 43.89 -2.97 -7.85
C HIS B 173 43.04 -3.07 -9.10
N THR B 174 41.78 -2.63 -9.00
CA THR B 174 40.91 -2.55 -10.16
C THR B 174 41.20 -1.25 -10.91
N PHE B 175 41.48 -1.36 -12.19
CA PHE B 175 41.80 -0.15 -12.94
C PHE B 175 40.58 0.35 -13.71
N PRO B 176 40.49 1.65 -13.96
CA PRO B 176 39.35 2.18 -14.72
C PRO B 176 39.33 1.67 -16.14
N ALA B 177 38.15 1.73 -16.75
CA ALA B 177 37.95 1.24 -18.10
C ALA B 177 38.32 2.32 -19.11
N LEU B 178 39.14 1.96 -20.08
CA LEU B 178 39.49 2.84 -21.19
C LEU B 178 39.10 2.16 -22.50
N LEU B 179 38.62 2.96 -23.46
CA LEU B 179 38.05 2.41 -24.68
C LEU B 179 38.57 3.13 -25.91
N GLN B 180 38.65 2.39 -27.00
CA GLN B 180 38.91 2.92 -28.33
C GLN B 180 38.31 1.97 -29.34
N SER B 181 37.86 2.53 -30.47
CA SER B 181 37.16 1.77 -31.52
C SER B 181 35.90 1.09 -30.98
N GLY B 182 35.19 1.81 -30.11
CA GLY B 182 33.91 1.35 -29.60
C GLY B 182 33.94 0.08 -28.78
N LEU B 183 35.10 -0.24 -28.18
CA LEU B 183 35.24 -1.46 -27.39
C LEU B 183 36.06 -1.14 -26.14
N TYR B 184 35.43 -1.27 -24.97
CA TYR B 184 36.10 -0.98 -23.71
C TYR B 184 37.07 -2.10 -23.32
N THR B 185 38.10 -1.74 -22.57
CA THR B 185 39.11 -2.66 -22.09
C THR B 185 39.55 -2.22 -20.70
N LEU B 186 40.06 -3.17 -19.92
CA LEU B 186 40.62 -2.87 -18.60
C LEU B 186 41.48 -4.04 -18.14
N SER B 187 42.11 -3.86 -16.97
CA SER B 187 42.94 -4.88 -16.35
C SER B 187 42.89 -4.69 -14.84
N SER B 188 43.41 -5.68 -14.11
CA SER B 188 43.47 -5.62 -12.65
C SER B 188 44.74 -6.32 -12.19
N SER B 189 45.28 -5.83 -11.06
CA SER B 189 46.55 -6.30 -10.52
C SER B 189 46.41 -6.59 -9.04
N VAL B 190 47.04 -7.67 -8.60
CA VAL B 190 47.01 -8.07 -7.20
C VAL B 190 48.38 -8.64 -6.84
N THR B 191 48.82 -8.35 -5.61
CA THR B 191 50.15 -8.74 -5.13
C THR B 191 49.99 -9.73 -3.98
N VAL B 192 50.69 -10.86 -4.08
CA VAL B 192 50.66 -11.88 -3.04
C VAL B 192 52.09 -12.30 -2.70
N THR B 193 52.24 -12.93 -1.54
CA THR B 193 53.54 -13.47 -1.14
C THR B 193 54.03 -14.47 -2.18
N SER B 194 55.36 -14.59 -2.29
CA SER B 194 55.92 -15.44 -3.34
C SER B 194 55.75 -16.92 -3.06
N ASN B 195 55.55 -17.30 -1.79
CA ASN B 195 55.59 -18.72 -1.44
C ASN B 195 54.27 -19.44 -1.72
N THR B 196 53.15 -18.71 -1.76
CA THR B 196 51.85 -19.38 -1.90
C THR B 196 51.70 -20.06 -3.25
N TRP B 197 52.31 -19.50 -4.28
CA TRP B 197 51.99 -19.84 -5.66
C TRP B 197 53.02 -20.82 -6.21
N PRO B 198 52.55 -21.90 -6.86
CA PRO B 198 51.16 -22.25 -7.16
C PRO B 198 50.48 -23.22 -6.20
N SER B 199 50.79 -23.16 -4.90
CA SER B 199 50.15 -24.08 -3.97
C SER B 199 48.68 -23.73 -3.76
N GLN B 200 48.33 -22.45 -3.81
CA GLN B 200 46.95 -22.01 -3.68
C GLN B 200 46.50 -21.41 -5.02
N THR B 201 45.39 -21.92 -5.56
CA THR B 201 44.95 -21.55 -6.89
C THR B 201 44.33 -20.15 -6.89
N ILE B 202 44.65 -19.38 -7.94
CA ILE B 202 44.20 -18.00 -8.09
C ILE B 202 43.34 -17.91 -9.34
N THR B 203 42.13 -17.38 -9.19
CA THR B 203 41.18 -17.30 -10.29
C THR B 203 40.63 -15.88 -10.39
N CYS B 204 40.45 -15.42 -11.63
CA CYS B 204 39.93 -14.09 -11.91
C CYS B 204 38.43 -14.22 -12.17
N ASN B 205 37.62 -13.45 -11.42
CA ASN B 205 36.16 -13.58 -11.44
C ASN B 205 35.55 -12.29 -11.98
N VAL B 206 35.28 -12.25 -13.29
CA VAL B 206 34.65 -11.11 -13.92
C VAL B 206 33.22 -11.47 -14.29
N ALA B 207 32.41 -10.45 -14.57
CA ALA B 207 31.02 -10.65 -14.91
C ALA B 207 30.50 -9.43 -15.63
N HIS B 208 29.68 -9.65 -16.67
CA HIS B 208 29.09 -8.59 -17.45
C HIS B 208 27.56 -8.65 -17.34
N PRO B 209 26.90 -7.55 -17.00
CA PRO B 209 25.43 -7.58 -16.89
C PRO B 209 24.72 -7.41 -18.23
N ALA B 210 25.13 -6.38 -19.00
CA ALA B 210 24.44 -6.05 -20.25
C ALA B 210 24.31 -7.27 -21.15
N SER B 211 25.39 -8.03 -21.29
CA SER B 211 25.35 -9.39 -21.83
C SER B 211 25.59 -10.31 -20.64
N SER B 212 24.52 -10.94 -20.15
CA SER B 212 24.59 -11.77 -18.95
C SER B 212 25.60 -12.90 -19.11
N THR B 213 26.86 -12.65 -18.75
CA THR B 213 27.89 -13.68 -18.74
C THR B 213 28.77 -13.48 -17.50
N LYS B 214 29.58 -14.50 -17.21
CA LYS B 214 30.57 -14.44 -16.14
C LYS B 214 31.60 -15.54 -16.37
N VAL B 215 32.89 -15.16 -16.35
CA VAL B 215 33.97 -16.05 -16.74
C VAL B 215 34.96 -16.18 -15.58
N ASP B 216 35.90 -17.10 -15.75
CA ASP B 216 36.93 -17.33 -14.74
C ASP B 216 38.10 -18.06 -15.39
N LYS B 217 39.31 -17.60 -15.10
CA LYS B 217 40.53 -18.16 -15.70
C LYS B 217 41.56 -18.38 -14.60
N LYS B 218 41.87 -19.65 -14.34
CA LYS B 218 42.96 -19.98 -13.43
C LYS B 218 44.29 -19.55 -14.07
N ILE B 219 45.15 -18.94 -13.25
CA ILE B 219 46.44 -18.47 -13.76
C ILE B 219 47.36 -19.66 -14.00
N GLU B 220 48.04 -19.66 -15.15
CA GLU B 220 48.98 -20.70 -15.51
C GLU B 220 50.40 -20.20 -15.30
N PRO B 221 51.12 -20.63 -14.25
CA PRO B 221 52.49 -20.23 -13.95
C PRO B 221 53.46 -20.50 -15.10
N ILE C 1 -22.84 34.02 65.81
CA ILE C 1 -21.59 33.76 65.11
C ILE C 1 -21.79 33.96 63.61
N GLU C 2 -21.05 33.20 62.81
CA GLU C 2 -21.05 33.34 61.35
C GLU C 2 -22.01 32.36 60.68
N LYS C 3 -23.23 32.24 61.22
CA LYS C 3 -24.31 31.55 60.51
C LYS C 3 -24.96 32.43 59.46
N LYS C 4 -24.47 33.66 59.29
CA LYS C 4 -24.96 34.58 58.26
C LYS C 4 -24.40 34.27 56.87
N ILE C 5 -23.40 33.39 56.78
CA ILE C 5 -22.75 33.12 55.50
C ILE C 5 -23.50 32.08 54.66
N VAL C 6 -24.27 31.20 55.29
CA VAL C 6 -24.97 30.16 54.54
C VAL C 6 -26.11 30.78 53.74
N LEU C 7 -26.56 30.07 52.71
CA LEU C 7 -27.49 30.62 51.73
C LEU C 7 -28.89 30.00 51.86
N ARG C 8 -29.85 30.85 52.21
CA ARG C 8 -31.26 30.60 51.93
C ARG C 8 -31.81 31.88 51.29
N ASN C 9 -33.09 31.85 50.92
CA ASN C 9 -33.73 33.04 50.37
C ASN C 9 -33.67 34.19 51.36
N GLY C 10 -33.14 35.33 50.91
CA GLY C 10 -33.05 36.53 51.71
C GLY C 10 -31.70 36.80 52.34
N THR C 11 -30.82 35.80 52.40
CA THR C 11 -29.50 36.02 52.98
C THR C 11 -28.69 36.96 52.09
N GLU C 12 -27.97 37.89 52.72
CA GLU C 12 -27.14 38.82 51.97
C GLU C 12 -26.07 38.10 51.18
N ALA C 13 -25.61 36.95 51.66
CA ALA C 13 -24.64 36.15 50.91
C ALA C 13 -25.28 35.43 49.72
N PHE C 14 -26.59 35.23 49.75
CA PHE C 14 -27.28 34.56 48.64
C PHE C 14 -27.42 35.48 47.43
N ASP C 15 -27.65 36.78 47.67
CA ASP C 15 -27.81 37.70 46.56
C ASP C 15 -26.50 37.94 45.84
N SER C 16 -25.38 38.02 46.58
CA SER C 16 -24.08 38.11 45.94
C SER C 16 -23.72 36.79 45.24
N TRP C 17 -24.14 35.66 45.81
CA TRP C 17 -23.87 34.36 45.19
C TRP C 17 -24.61 34.20 43.88
N GLU C 18 -25.82 34.76 43.77
CA GLU C 18 -26.56 34.67 42.51
C GLU C 18 -25.95 35.58 41.46
N LYS C 19 -25.98 36.89 41.70
CA LYS C 19 -25.41 37.88 40.78
C LYS C 19 -24.18 38.51 41.44
N PRO C 20 -22.97 38.08 41.08
CA PRO C 20 -21.77 38.58 41.77
C PRO C 20 -21.60 40.08 41.56
N PRO C 21 -21.30 40.82 42.64
CA PRO C 21 -21.11 42.27 42.48
C PRO C 21 -19.71 42.63 41.99
N LEU C 22 -18.73 41.79 42.30
CA LEU C 22 -17.35 42.07 41.94
C LEU C 22 -17.15 41.95 40.43
N PRO C 23 -16.66 42.99 39.76
CA PRO C 23 -16.47 42.92 38.30
C PRO C 23 -15.32 41.99 37.94
N VAL C 24 -15.65 40.94 37.18
CA VAL C 24 -14.65 39.99 36.71
C VAL C 24 -14.19 40.41 35.32
N TYR C 25 -12.87 40.48 35.13
CA TYR C 25 -12.28 40.85 33.85
C TYR C 25 -11.38 39.72 33.35
N THR C 26 -11.39 39.53 32.04
CA THR C 26 -10.61 38.48 31.37
C THR C 26 -9.79 39.10 30.26
N GLN C 27 -8.49 38.83 30.28
CA GLN C 27 -7.54 39.42 29.35
C GLN C 27 -6.82 38.30 28.61
N PHE C 28 -6.88 38.31 27.29
CA PHE C 28 -6.28 37.27 26.46
C PHE C 28 -4.94 37.76 25.91
N TYR C 29 -3.98 36.85 25.83
CA TYR C 29 -2.64 37.16 25.33
C TYR C 29 -2.23 36.08 24.35
N PHE C 30 -1.95 36.46 23.10
CA PHE C 30 -1.61 35.52 22.06
C PHE C 30 -0.11 35.56 21.76
N PHE C 31 0.36 34.52 21.08
CA PHE C 31 1.78 34.36 20.75
C PHE C 31 1.93 34.36 19.23
N ASN C 32 2.28 35.53 18.68
CA ASN C 32 2.48 35.68 17.25
C ASN C 32 3.79 35.00 16.85
N VAL C 33 3.70 34.06 15.91
CA VAL C 33 4.89 33.38 15.41
C VAL C 33 5.61 34.28 14.40
N THR C 34 6.93 34.33 14.49
CA THR C 34 7.73 35.22 13.65
C THR C 34 8.39 34.51 12.47
N ASN C 35 8.88 33.29 12.67
CA ASN C 35 9.61 32.55 11.62
C ASN C 35 8.98 31.18 11.45
N PRO C 36 7.86 31.09 10.72
CA PRO C 36 7.20 29.79 10.56
C PRO C 36 8.01 28.82 9.73
N GLU C 37 8.49 29.28 8.56
CA GLU C 37 9.25 28.41 7.67
C GLU C 37 10.47 27.82 8.37
N GLU C 38 11.09 28.59 9.26
CA GLU C 38 12.27 28.09 9.96
C GLU C 38 11.92 26.95 10.90
N ILE C 39 10.73 26.98 11.51
CA ILE C 39 10.33 25.88 12.37
C ILE C 39 10.18 24.60 11.56
N LEU C 40 9.75 24.71 10.30
CA LEU C 40 9.60 23.56 9.43
C LEU C 40 10.94 23.00 8.96
N ARG C 41 12.05 23.54 9.46
CA ARG C 41 13.38 23.01 9.20
C ARG C 41 13.98 22.30 10.41
N GLY C 42 13.25 22.21 11.51
CA GLY C 42 13.78 21.65 12.72
C GLY C 42 14.60 22.65 13.51
N GLU C 43 14.04 23.85 13.70
CA GLU C 43 14.71 24.93 14.40
C GLU C 43 13.99 25.22 15.71
N THR C 44 14.36 26.33 16.35
CA THR C 44 13.70 26.77 17.58
C THR C 44 12.74 27.90 17.27
N PRO C 45 11.46 27.80 17.60
CA PRO C 45 10.49 28.82 17.19
C PRO C 45 10.75 30.14 17.88
N ARG C 46 10.17 31.20 17.30
CA ARG C 46 10.28 32.56 17.80
C ARG C 46 8.88 33.18 17.82
N VAL C 47 8.36 33.44 19.02
CA VAL C 47 7.01 33.95 19.20
C VAL C 47 7.06 35.31 19.90
N GLU C 48 5.96 36.06 19.76
CA GLU C 48 5.84 37.40 20.31
C GLU C 48 4.49 37.56 20.99
N GLU C 49 4.47 38.31 22.09
CA GLU C 49 3.24 38.52 22.84
C GLU C 49 2.39 39.61 22.20
N VAL C 50 1.07 39.42 22.21
CA VAL C 50 0.15 40.29 21.49
C VAL C 50 -1.03 40.69 22.38
N GLY C 51 -0.81 40.72 23.69
CA GLY C 51 -1.89 41.10 24.59
C GLY C 51 -1.92 42.58 24.89
N PRO C 52 -2.90 43.01 25.70
CA PRO C 52 -4.07 42.25 26.12
C PRO C 52 -5.36 42.69 25.42
N TYR C 53 -6.30 41.77 25.22
CA TYR C 53 -7.63 42.08 24.69
C TYR C 53 -8.62 41.77 25.81
N THR C 54 -8.87 42.77 26.66
CA THR C 54 -9.62 42.56 27.88
C THR C 54 -11.11 42.41 27.60
N TYR C 55 -11.75 41.49 28.31
CA TYR C 55 -13.17 41.22 28.18
C TYR C 55 -13.79 41.18 29.57
N ARG C 56 -14.81 42.00 29.81
CA ARG C 56 -15.48 42.04 31.10
C ARG C 56 -16.56 40.96 31.13
N GLU C 57 -16.49 40.08 32.13
CA GLU C 57 -17.46 38.99 32.24
C GLU C 57 -18.73 39.46 32.95
N LEU C 58 -19.84 38.85 32.57
CA LEU C 58 -21.14 39.05 33.22
C LEU C 58 -21.55 37.72 33.83
N ARG C 59 -21.64 37.67 35.16
CA ARG C 59 -21.92 36.44 35.87
C ARG C 59 -23.28 36.53 36.57
N ASN C 60 -24.04 35.45 36.45
CA ASN C 60 -25.34 35.28 37.10
C ASN C 60 -25.70 33.80 36.97
N LYS C 61 -26.63 33.36 37.81
CA LYS C 61 -26.99 31.96 37.88
C LYS C 61 -28.50 31.78 37.81
N ALA C 62 -28.92 30.72 37.12
CA ALA C 62 -30.33 30.36 36.97
C ALA C 62 -30.52 28.89 37.34
N ASN C 63 -31.78 28.44 37.29
CA ASN C 63 -32.15 27.08 37.68
C ASN C 63 -31.67 26.79 39.10
N ILE C 64 -32.43 27.21 40.09
CA ILE C 64 -32.05 27.08 41.49
C ILE C 64 -33.21 26.41 42.23
N GLN C 65 -33.00 25.19 42.72
CA GLN C 65 -34.00 24.47 43.47
C GLN C 65 -33.34 23.86 44.70
N PHE C 66 -33.83 24.20 45.88
CA PHE C 66 -33.30 23.68 47.13
C PHE C 66 -33.82 22.27 47.35
N GLY C 67 -32.91 21.31 47.50
CA GLY C 67 -33.27 19.93 47.69
C GLY C 67 -33.08 19.44 49.12
N ASP C 68 -33.63 18.27 49.38
CA ASP C 68 -33.51 17.55 50.66
C ASP C 68 -34.09 18.46 51.77
N ASN C 69 -33.46 18.50 52.95
CA ASN C 69 -33.86 19.38 54.04
C ASN C 69 -33.56 20.84 53.76
N GLY C 70 -33.04 21.17 52.59
CA GLY C 70 -32.48 22.47 52.32
C GLY C 70 -30.97 22.54 52.39
N THR C 71 -30.31 21.39 52.57
CA THR C 71 -28.86 21.33 52.66
C THR C 71 -28.17 21.23 51.30
N THR C 72 -28.93 21.07 50.23
CA THR C 72 -28.36 20.96 48.88
C THR C 72 -29.04 21.94 47.95
N ILE C 73 -28.25 22.55 47.08
CA ILE C 73 -28.74 23.47 46.07
C ILE C 73 -28.15 23.05 44.72
N SER C 74 -28.84 23.46 43.66
CA SER C 74 -28.42 23.17 42.29
C SER C 74 -28.57 24.43 41.45
N ALA C 75 -27.61 24.65 40.54
CA ALA C 75 -27.60 25.86 39.74
C ALA C 75 -26.73 25.64 38.50
N VAL C 76 -26.71 26.65 37.63
CA VAL C 76 -25.85 26.69 36.45
C VAL C 76 -25.42 28.13 36.23
N SER C 77 -24.11 28.37 36.20
CA SER C 77 -23.59 29.72 36.09
C SER C 77 -23.32 30.08 34.62
N ASN C 78 -23.50 31.35 34.29
CA ASN C 78 -23.32 31.84 32.93
C ASN C 78 -22.18 32.84 32.87
N LYS C 79 -21.56 32.92 31.70
CA LYS C 79 -20.48 33.87 31.43
C LYS C 79 -20.75 34.55 30.09
N ALA C 80 -20.83 35.88 30.11
CA ALA C 80 -20.97 36.69 28.91
C ALA C 80 -19.80 37.65 28.87
N TYR C 81 -19.00 37.59 27.81
CA TYR C 81 -17.77 38.37 27.70
C TYR C 81 -18.06 39.62 26.89
N VAL C 82 -18.12 40.77 27.57
CA VAL C 82 -18.28 42.05 26.91
C VAL C 82 -16.89 42.65 26.71
N PHE C 83 -16.60 43.07 25.47
CA PHE C 83 -15.29 43.63 25.17
C PHE C 83 -15.17 45.04 25.73
N GLU C 84 -13.96 45.38 26.19
CA GLU C 84 -13.65 46.69 26.75
C GLU C 84 -12.43 47.24 26.01
N ARG C 85 -12.67 48.20 25.11
CA ARG C 85 -11.61 48.66 24.23
C ARG C 85 -10.54 49.45 24.98
N ASP C 86 -10.93 50.20 26.01
CA ASP C 86 -10.00 51.10 26.68
C ASP C 86 -8.80 50.34 27.25
N GLN C 87 -9.05 49.24 27.97
CA GLN C 87 -7.96 48.49 28.58
C GLN C 87 -7.31 47.51 27.62
N SER C 88 -7.83 47.35 26.41
CA SER C 88 -7.27 46.43 25.44
C SER C 88 -6.33 47.14 24.49
N VAL C 89 -5.37 46.39 23.96
CA VAL C 89 -4.41 46.91 23.01
C VAL C 89 -4.82 46.42 21.62
N GLY C 90 -5.41 47.31 20.83
CA GLY C 90 -5.87 46.96 19.50
C GLY C 90 -7.25 46.34 19.50
N ASP C 91 -7.83 46.26 18.31
CA ASP C 91 -9.17 45.73 18.13
C ASP C 91 -9.11 44.28 17.67
N PRO C 92 -9.83 43.37 18.34
CA PRO C 92 -9.74 41.95 17.95
C PRO C 92 -10.31 41.67 16.57
N LYS C 93 -11.17 42.54 16.04
CA LYS C 93 -11.71 42.36 14.69
C LYS C 93 -10.79 42.89 13.60
N ILE C 94 -9.64 43.46 13.97
CA ILE C 94 -8.73 44.05 13.00
C ILE C 94 -7.38 43.33 13.08
N ASP C 95 -6.80 43.30 14.27
CA ASP C 95 -5.48 42.71 14.45
C ASP C 95 -5.46 41.26 14.02
N LEU C 96 -4.37 40.87 13.37
CA LEU C 96 -4.18 39.49 12.93
C LEU C 96 -3.19 38.80 13.87
N ILE C 97 -3.37 37.50 14.02
CA ILE C 97 -2.49 36.67 14.84
C ILE C 97 -2.24 35.37 14.09
N ARG C 98 -1.02 34.86 14.19
CA ARG C 98 -0.56 33.73 13.38
C ARG C 98 -0.03 32.65 14.31
N THR C 99 -0.71 31.51 14.35
CA THR C 99 -0.29 30.37 15.16
C THR C 99 -0.47 29.11 14.32
N LEU C 100 -0.62 27.98 15.00
CA LEU C 100 -0.80 26.70 14.33
C LEU C 100 -2.23 26.56 13.83
N ASN C 101 -2.38 25.92 12.67
CA ASN C 101 -3.69 25.53 12.16
C ASN C 101 -4.16 24.37 13.03
N ILE C 102 -4.77 24.71 14.16
CA ILE C 102 -5.19 23.68 15.13
C ILE C 102 -6.18 22.70 14.53
N PRO C 103 -7.19 23.11 13.74
CA PRO C 103 -8.11 22.11 13.17
C PRO C 103 -7.43 21.00 12.38
N VAL C 104 -6.45 21.33 11.54
CA VAL C 104 -5.79 20.29 10.74
C VAL C 104 -4.93 19.38 11.61
N LEU C 105 -4.55 19.83 12.81
CA LEU C 105 -3.84 18.96 13.74
C LEU C 105 -4.81 18.08 14.52
N THR C 106 -6.05 18.55 14.70
CA THR C 106 -7.05 17.76 15.41
C THR C 106 -7.44 16.53 14.60
N VAL C 107 -7.73 16.71 13.31
CA VAL C 107 -8.18 15.59 12.50
C VAL C 107 -7.04 14.62 12.25
N ILE C 108 -5.80 15.10 12.25
CA ILE C 108 -4.66 14.18 12.20
C ILE C 108 -4.65 13.29 13.43
N GLU C 109 -4.95 13.87 14.60
CA GLU C 109 -5.09 13.08 15.81
C GLU C 109 -6.26 12.12 15.69
N TRP C 110 -7.40 12.60 15.16
CA TRP C 110 -8.52 11.73 14.87
C TRP C 110 -8.23 10.72 13.76
N SER C 111 -7.10 10.90 13.12
CA SER C 111 -6.70 10.04 12.08
C SER C 111 -5.72 9.11 12.73
N GLN C 112 -4.85 9.68 13.54
CA GLN C 112 -3.87 8.88 14.26
C GLN C 112 -4.60 7.77 14.97
N VAL C 113 -5.48 8.12 15.92
CA VAL C 113 -6.31 7.15 16.59
C VAL C 113 -7.29 7.05 15.48
N HIS C 114 -8.15 6.05 15.48
CA HIS C 114 -9.05 5.94 14.37
C HIS C 114 -10.10 7.02 14.19
N PHE C 115 -11.27 6.59 13.84
CA PHE C 115 -12.37 7.49 13.48
C PHE C 115 -12.58 7.41 11.97
N LEU C 116 -12.49 8.52 11.22
CA LEU C 116 -12.60 8.49 9.76
C LEU C 116 -11.21 8.46 9.13
N ARG C 117 -10.53 7.34 9.36
CA ARG C 117 -9.10 7.27 9.08
C ARG C 117 -8.81 7.49 7.61
N GLU C 118 -9.34 6.61 6.77
CA GLU C 118 -8.97 6.60 5.36
C GLU C 118 -9.48 7.85 4.64
N ILE C 119 -10.67 8.30 4.99
CA ILE C 119 -11.34 9.33 4.20
C ILE C 119 -10.82 10.72 4.54
N ILE C 120 -10.46 10.96 5.80
CA ILE C 120 -9.75 12.19 6.13
C ILE C 120 -8.39 12.21 5.45
N GLU C 121 -7.58 11.18 5.73
CA GLU C 121 -6.23 11.11 5.21
C GLU C 121 -6.21 11.23 3.69
N ALA C 122 -7.18 10.63 3.02
CA ALA C 122 -7.35 10.83 1.58
C ALA C 122 -7.70 12.27 1.27
N MET C 123 -8.65 12.83 2.03
CA MET C 123 -9.05 14.22 1.78
C MET C 123 -7.92 15.20 2.09
N LEU C 124 -7.11 14.90 3.12
CA LEU C 124 -5.96 15.75 3.42
C LEU C 124 -4.95 15.74 2.29
N LYS C 125 -4.66 14.54 1.75
CA LYS C 125 -3.82 14.46 0.56
C LYS C 125 -4.48 15.15 -0.63
N ALA C 126 -5.80 15.29 -0.60
CA ALA C 126 -6.50 15.96 -1.71
C ALA C 126 -6.47 17.47 -1.58
N TYR C 127 -6.78 17.99 -0.39
CA TYR C 127 -6.88 19.43 -0.17
C TYR C 127 -5.67 19.92 0.62
N GLN C 128 -4.97 20.91 0.04
CA GLN C 128 -3.65 21.33 0.47
C GLN C 128 -3.76 22.21 1.71
N GLN C 129 -3.04 21.84 2.76
CA GLN C 129 -3.11 22.55 4.03
C GLN C 129 -1.75 23.02 4.52
N LYS C 130 -1.72 24.24 5.02
CA LYS C 130 -0.54 24.84 5.63
C LYS C 130 -0.59 24.64 7.14
N LEU C 131 0.60 24.58 7.75
CA LEU C 131 0.69 24.39 9.19
C LEU C 131 0.38 25.67 9.97
N PHE C 132 0.71 26.84 9.41
CA PHE C 132 0.56 28.11 10.10
C PHE C 132 -0.38 29.01 9.30
N VAL C 133 -1.55 29.28 9.86
CA VAL C 133 -2.56 30.10 9.21
C VAL C 133 -2.72 31.41 9.97
N THR C 134 -3.15 32.45 9.25
CA THR C 134 -3.27 33.79 9.80
C THR C 134 -4.74 34.20 9.77
N HIS C 135 -5.36 34.25 10.95
CA HIS C 135 -6.71 34.74 11.10
C HIS C 135 -6.71 35.88 12.12
N THR C 136 -7.86 36.53 12.24
CA THR C 136 -7.94 37.68 13.14
C THR C 136 -8.06 37.22 14.59
N VAL C 137 -7.74 38.15 15.49
CA VAL C 137 -7.75 37.84 16.92
C VAL C 137 -9.14 37.42 17.37
N ASP C 138 -10.18 38.12 16.90
CA ASP C 138 -11.54 37.74 17.22
C ASP C 138 -11.92 36.39 16.59
N GLU C 139 -11.33 36.06 15.46
CA GLU C 139 -11.68 34.82 14.77
C GLU C 139 -11.19 33.59 15.54
N LEU C 140 -10.08 33.71 16.25
CA LEU C 140 -9.46 32.53 16.85
C LEU C 140 -10.27 32.03 18.04
N LEU C 141 -10.67 32.93 18.94
CA LEU C 141 -11.37 32.51 20.14
C LEU C 141 -12.88 32.60 20.03
N TRP C 142 -13.43 33.14 18.94
CA TRP C 142 -14.87 33.19 18.77
C TRP C 142 -15.37 32.43 17.54
N GLY C 143 -14.50 31.67 16.87
CA GLY C 143 -14.95 30.74 15.84
C GLY C 143 -14.71 31.17 14.41
N TYR C 144 -14.28 30.22 13.57
CA TYR C 144 -14.13 30.47 12.14
C TYR C 144 -14.39 29.18 11.38
N LYS C 145 -14.68 29.33 10.08
CA LYS C 145 -15.23 28.22 9.31
C LYS C 145 -14.14 27.31 8.76
N ASP C 146 -13.00 27.88 8.39
CA ASP C 146 -11.84 27.18 7.77
C ASP C 146 -12.36 26.35 6.59
N GLU C 147 -11.86 25.14 6.38
CA GLU C 147 -12.20 24.37 5.19
C GLU C 147 -12.56 22.92 5.52
N ILE C 148 -11.68 22.25 6.29
CA ILE C 148 -11.84 20.81 6.52
C ILE C 148 -13.12 20.51 7.26
N LEU C 149 -13.33 21.15 8.42
CA LEU C 149 -14.52 20.87 9.21
C LEU C 149 -15.80 21.20 8.45
N SER C 150 -15.71 22.09 7.46
CA SER C 150 -16.86 22.32 6.59
C SER C 150 -17.10 21.13 5.67
N LEU C 151 -16.04 20.42 5.30
CA LEU C 151 -16.17 19.23 4.46
C LEU C 151 -16.47 17.98 5.29
N ILE C 152 -15.93 17.89 6.50
CA ILE C 152 -16.31 16.79 7.38
C ILE C 152 -17.72 16.98 7.93
N HIS C 153 -18.23 18.21 7.92
CA HIS C 153 -19.62 18.45 8.30
C HIS C 153 -20.60 17.73 7.39
N VAL C 154 -20.18 17.38 6.17
CA VAL C 154 -21.07 16.71 5.23
C VAL C 154 -21.26 15.25 5.61
N PHE C 155 -20.16 14.54 5.87
CA PHE C 155 -20.24 13.11 6.14
C PHE C 155 -20.80 12.84 7.53
N ARG C 156 -20.43 13.66 8.51
CA ARG C 156 -20.96 13.54 9.87
C ARG C 156 -21.39 14.93 10.32
N PRO C 157 -22.66 15.29 10.12
CA PRO C 157 -23.15 16.60 10.61
C PRO C 157 -23.12 16.73 12.12
N ASP C 158 -22.70 15.67 12.82
CA ASP C 158 -22.39 15.70 14.25
C ASP C 158 -21.53 16.91 14.58
N ILE C 159 -20.33 16.96 14.01
CA ILE C 159 -19.37 18.00 14.33
C ILE C 159 -19.76 19.30 13.65
N SER C 160 -19.30 20.43 14.22
CA SER C 160 -19.61 21.72 13.63
C SER C 160 -18.46 22.16 12.73
N PRO C 161 -18.78 22.81 11.61
CA PRO C 161 -17.71 23.29 10.72
C PRO C 161 -16.86 24.38 11.34
N TYR C 162 -17.36 25.07 12.36
CA TYR C 162 -16.64 26.16 12.99
C TYR C 162 -15.71 25.64 14.07
N PHE C 163 -14.52 26.23 14.14
CA PHE C 163 -13.55 25.95 15.19
C PHE C 163 -13.19 27.24 15.91
N GLY C 164 -12.98 27.12 17.22
CA GLY C 164 -12.60 28.26 18.05
C GLY C 164 -12.22 27.75 19.42
N LEU C 165 -11.52 28.60 20.16
CA LEU C 165 -11.11 28.24 21.51
C LEU C 165 -12.25 28.47 22.50
N PHE C 166 -12.68 29.72 22.66
CA PHE C 166 -13.89 30.04 23.41
C PHE C 166 -15.11 30.05 22.51
N TYR C 167 -15.20 29.08 21.60
CA TYR C 167 -16.23 29.04 20.58
C TYR C 167 -17.63 28.91 21.17
N GLU C 168 -18.42 29.98 21.06
CA GLU C 168 -19.80 30.00 21.50
C GLU C 168 -19.93 29.67 22.98
N LYS C 169 -18.94 30.12 23.77
CA LYS C 169 -19.02 30.05 25.22
C LYS C 169 -19.61 31.31 25.82
N ASN C 170 -20.35 32.08 25.03
CA ASN C 170 -20.95 33.33 25.47
C ASN C 170 -22.42 33.09 25.76
N GLY C 171 -22.81 33.18 27.03
CA GLY C 171 -24.19 33.03 27.43
C GLY C 171 -24.58 31.64 27.87
N THR C 172 -23.76 30.64 27.61
CA THR C 172 -24.03 29.27 28.02
C THR C 172 -23.34 28.95 29.34
N ASN C 173 -23.76 27.86 29.96
CA ASN C 173 -23.18 27.39 31.21
C ASN C 173 -22.11 26.33 30.93
N ASP C 174 -21.39 25.97 32.00
CA ASP C 174 -20.39 24.89 31.92
C ASP C 174 -20.96 23.55 32.34
N GLY C 175 -22.24 23.31 32.05
CA GLY C 175 -22.90 22.08 32.44
C GLY C 175 -23.69 22.25 33.73
N ASP C 176 -24.29 21.14 34.15
CA ASP C 176 -25.04 21.13 35.40
C ASP C 176 -24.09 21.30 36.58
N TYR C 177 -24.68 21.55 37.76
CA TYR C 177 -23.91 21.79 38.98
C TYR C 177 -24.82 21.76 40.19
N VAL C 178 -24.59 20.81 41.10
CA VAL C 178 -25.32 20.73 42.36
C VAL C 178 -24.34 20.94 43.50
N PHE C 179 -24.64 21.93 44.34
CA PHE C 179 -23.75 22.35 45.41
C PHE C 179 -24.29 21.95 46.77
N LEU C 180 -23.44 22.10 47.77
CA LEU C 180 -23.82 21.97 49.17
C LEU C 180 -23.93 23.36 49.79
N THR C 181 -24.36 23.40 51.05
CA THR C 181 -24.43 24.65 51.79
C THR C 181 -24.10 24.38 53.26
N GLY C 182 -23.71 25.44 53.96
CA GLY C 182 -23.30 25.33 55.35
C GLY C 182 -24.43 25.16 56.35
N GLU C 183 -25.52 24.53 55.91
CA GLU C 183 -26.60 24.19 56.83
C GLU C 183 -26.22 23.03 57.73
N ASP C 184 -25.75 21.93 57.14
CA ASP C 184 -25.27 20.80 57.93
C ASP C 184 -24.00 21.14 58.68
N SER C 185 -23.07 21.85 58.03
CA SER C 185 -21.84 22.35 58.64
C SER C 185 -21.19 23.31 57.67
N TYR C 186 -20.65 24.42 58.20
CA TYR C 186 -20.09 25.45 57.34
C TYR C 186 -18.84 24.99 56.62
N LEU C 187 -18.21 23.89 57.06
CA LEU C 187 -17.01 23.38 56.41
C LEU C 187 -17.24 23.15 54.92
N ASN C 188 -18.39 22.59 54.57
CA ASN C 188 -18.71 22.26 53.18
C ASN C 188 -19.68 23.29 52.61
N PHE C 189 -19.21 24.54 52.63
CA PHE C 189 -20.08 25.67 52.31
C PHE C 189 -20.52 25.66 50.85
N THR C 190 -19.57 25.71 49.94
CA THR C 190 -19.87 25.68 48.51
C THR C 190 -19.22 24.47 47.85
N LYS C 191 -19.09 23.37 48.59
CA LYS C 191 -18.44 22.18 48.08
C LYS C 191 -19.30 21.53 46.99
N ILE C 192 -18.67 21.18 45.88
CA ILE C 192 -19.35 20.52 44.78
C ILE C 192 -19.52 19.04 45.12
N VAL C 193 -20.74 18.53 44.95
CA VAL C 193 -21.02 17.12 45.20
C VAL C 193 -21.21 16.33 43.90
N GLU C 194 -21.53 16.98 42.78
CA GLU C 194 -21.75 16.29 41.52
C GLU C 194 -21.79 17.32 40.41
N TRP C 195 -21.16 16.99 39.28
CA TRP C 195 -21.04 17.93 38.17
C TRP C 195 -22.19 17.72 37.19
N ASN C 196 -22.08 16.71 36.32
CA ASN C 196 -23.13 16.43 35.35
C ASN C 196 -23.72 15.05 35.58
N GLY C 197 -24.37 14.84 36.71
CA GLY C 197 -24.88 13.54 37.06
C GLY C 197 -23.82 12.55 37.49
N LYS C 198 -22.56 12.95 37.55
CA LYS C 198 -21.46 12.07 37.93
C LYS C 198 -20.82 12.59 39.21
N THR C 199 -20.79 11.75 40.24
CA THR C 199 -20.14 12.10 41.50
C THR C 199 -18.62 12.04 41.41
N SER C 200 -18.06 11.73 40.25
CA SER C 200 -16.62 11.63 40.06
C SER C 200 -16.32 11.73 38.57
N LEU C 201 -15.08 12.10 38.27
CA LEU C 201 -14.65 12.18 36.88
C LEU C 201 -14.38 10.78 36.33
N ASP C 202 -14.21 10.71 35.01
CA ASP C 202 -13.91 9.47 34.33
C ASP C 202 -12.77 9.61 33.32
N TRP C 203 -12.23 10.80 33.14
CA TRP C 203 -11.21 11.03 32.11
C TRP C 203 -9.91 10.31 32.46
N TRP C 204 -9.53 10.30 33.73
CA TRP C 204 -8.20 9.88 34.14
C TRP C 204 -8.20 8.41 34.56
N ILE C 205 -7.09 7.97 35.16
CA ILE C 205 -6.81 6.56 35.38
C ILE C 205 -7.18 6.14 36.80
N THR C 206 -6.50 6.71 37.79
CA THR C 206 -6.67 6.31 39.18
C THR C 206 -7.90 6.98 39.78
N ASP C 207 -8.43 6.34 40.83
CA ASP C 207 -9.63 6.87 41.49
C ASP C 207 -9.38 8.23 42.13
N LYS C 208 -8.15 8.47 42.59
CA LYS C 208 -7.85 9.73 43.25
C LYS C 208 -7.86 10.90 42.27
N CYS C 209 -7.26 10.71 41.09
CA CYS C 209 -7.21 11.78 40.11
C CYS C 209 -8.60 12.13 39.60
N ASN C 210 -9.52 11.16 39.57
CA ASN C 210 -10.85 11.37 39.05
C ASN C 210 -11.81 11.94 40.08
N MET C 211 -11.36 12.21 41.30
CA MET C 211 -12.23 12.81 42.29
C MET C 211 -12.52 14.27 41.96
N ILE C 212 -13.55 14.78 42.59
CA ILE C 212 -13.94 16.19 42.50
C ILE C 212 -13.95 16.74 43.92
N ASN C 213 -12.76 17.17 44.39
CA ASN C 213 -12.66 17.83 45.69
C ASN C 213 -12.87 19.32 45.49
N GLY C 214 -13.43 19.99 46.48
CA GLY C 214 -13.38 21.44 46.47
C GLY C 214 -14.66 22.18 46.11
N THR C 215 -14.50 23.36 45.53
CA THR C 215 -15.60 24.28 45.25
C THR C 215 -15.58 24.65 43.78
N ASP C 216 -16.57 25.44 43.36
CA ASP C 216 -16.61 25.86 41.96
C ASP C 216 -15.45 26.78 41.63
N GLY C 217 -14.92 27.49 42.62
CA GLY C 217 -13.70 28.24 42.42
C GLY C 217 -13.70 29.66 42.96
N ASP C 218 -14.86 30.30 43.03
CA ASP C 218 -14.95 31.71 43.40
C ASP C 218 -15.78 31.92 44.65
N SER C 219 -15.60 31.06 45.64
CA SER C 219 -16.23 31.16 46.96
C SER C 219 -15.53 30.16 47.87
N PHE C 220 -15.53 30.45 49.16
CA PHE C 220 -14.84 29.61 50.12
C PHE C 220 -15.61 29.59 51.44
N HIS C 221 -15.17 28.67 52.34
CA HIS C 221 -15.81 28.50 53.65
C HIS C 221 -15.14 29.39 54.70
N PRO C 222 -15.93 29.97 55.59
CA PRO C 222 -15.37 30.90 56.59
C PRO C 222 -14.41 30.20 57.55
N LEU C 223 -13.69 31.04 58.29
CA LEU C 223 -12.74 30.62 59.32
C LEU C 223 -11.69 29.67 58.74
N ILE C 224 -10.82 30.26 57.93
CA ILE C 224 -9.72 29.57 57.29
C ILE C 224 -8.48 29.74 58.15
N THR C 225 -7.74 28.65 58.33
CA THR C 225 -6.45 28.65 59.00
C THR C 225 -5.33 28.74 57.96
N LYS C 226 -4.23 29.39 58.33
CA LYS C 226 -3.08 29.62 57.47
C LYS C 226 -2.23 28.38 57.24
N ASP C 227 -2.82 27.20 57.38
CA ASP C 227 -2.16 25.98 56.96
C ASP C 227 -3.06 25.12 56.09
N GLU C 228 -4.29 25.57 55.86
CA GLU C 228 -5.27 24.83 55.06
C GLU C 228 -4.78 24.62 53.64
N VAL C 229 -4.90 23.39 53.16
CA VAL C 229 -4.65 23.07 51.76
C VAL C 229 -6.03 23.02 51.12
N LEU C 230 -6.51 24.17 50.66
CA LEU C 230 -7.84 24.29 50.08
C LEU C 230 -7.87 23.72 48.67
N TYR C 231 -8.89 22.92 48.39
CA TYR C 231 -9.09 22.35 47.06
C TYR C 231 -10.04 23.23 46.26
N VAL C 232 -10.05 23.00 44.95
CA VAL C 232 -10.87 23.79 44.02
C VAL C 232 -10.95 23.03 42.70
N PHE C 233 -12.16 23.00 42.13
CA PHE C 233 -12.38 22.34 40.85
C PHE C 233 -12.72 23.37 39.79
N PRO C 234 -11.76 23.79 38.98
CA PRO C 234 -12.11 24.57 37.79
C PRO C 234 -12.53 23.63 36.66
N SER C 235 -13.61 24.02 35.98
CA SER C 235 -14.14 23.20 34.90
C SER C 235 -13.19 23.15 33.72
N ASP C 236 -12.37 24.17 33.52
CA ASP C 236 -11.48 24.24 32.37
C ASP C 236 -10.22 23.41 32.54
N PHE C 237 -9.83 23.11 33.78
CA PHE C 237 -8.59 22.39 34.05
C PHE C 237 -8.77 20.88 34.14
N CYS C 238 -10.01 20.39 34.19
CA CYS C 238 -10.32 18.96 34.05
C CYS C 238 -9.78 18.13 35.21
N ARG C 239 -9.40 18.76 36.32
CA ARG C 239 -8.91 18.03 37.49
C ARG C 239 -9.19 18.87 38.73
N SER C 240 -8.99 18.25 39.89
CA SER C 240 -9.08 18.95 41.16
C SER C 240 -7.70 19.48 41.54
N VAL C 241 -7.60 20.78 41.73
CA VAL C 241 -6.35 21.43 42.11
C VAL C 241 -6.49 21.93 43.54
N TYR C 242 -5.36 22.03 44.24
CA TYR C 242 -5.35 22.58 45.58
C TYR C 242 -4.40 23.77 45.65
N ILE C 243 -4.56 24.56 46.71
CA ILE C 243 -3.79 25.78 46.93
C ILE C 243 -3.33 25.81 48.38
N THR C 244 -2.07 26.16 48.59
CA THR C 244 -1.49 26.27 49.93
C THR C 244 -1.11 27.72 50.21
N PHE C 245 -0.49 27.92 51.37
CA PHE C 245 -0.23 29.26 51.89
C PHE C 245 1.04 29.84 51.28
N SER C 246 1.03 31.17 51.11
CA SER C 246 2.19 31.89 50.60
C SER C 246 2.73 32.87 51.65
N ASP C 247 2.08 34.04 51.77
CA ASP C 247 2.46 35.03 52.77
C ASP C 247 1.24 35.89 53.09
N TYR C 248 1.41 36.80 54.03
CA TYR C 248 0.33 37.67 54.49
C TYR C 248 0.23 38.90 53.60
N GLU C 249 -1.01 39.29 53.29
CA GLU C 249 -1.26 40.48 52.49
C GLU C 249 -2.58 41.09 52.92
N SER C 250 -2.69 42.40 52.75
CA SER C 250 -3.89 43.16 53.13
C SER C 250 -4.42 43.87 51.88
N VAL C 251 -5.56 43.39 51.37
CA VAL C 251 -6.24 44.00 50.24
C VAL C 251 -7.30 44.94 50.76
N GLN C 252 -7.28 46.18 50.29
CA GLN C 252 -8.17 47.26 50.76
C GLN C 252 -7.95 47.40 52.27
N GLY C 253 -9.00 47.43 53.07
CA GLY C 253 -8.86 47.52 54.51
C GLY C 253 -8.98 46.21 55.25
N LEU C 254 -9.10 45.09 54.54
CA LEU C 254 -9.32 43.81 55.19
C LEU C 254 -8.05 42.96 55.15
N PRO C 255 -7.74 42.25 56.24
CA PRO C 255 -6.64 41.28 56.19
C PRO C 255 -7.02 40.07 55.36
N ALA C 256 -6.02 39.44 54.77
CA ALA C 256 -6.26 38.30 53.88
C ALA C 256 -5.04 37.39 53.86
N PHE C 257 -5.27 36.17 53.39
CA PHE C 257 -4.21 35.21 53.10
C PHE C 257 -4.09 35.04 51.59
N ARG C 258 -2.85 35.05 51.10
CA ARG C 258 -2.58 34.88 49.69
C ARG C 258 -2.23 33.42 49.43
N TYR C 259 -3.12 32.71 48.76
CA TYR C 259 -2.90 31.31 48.39
C TYR C 259 -2.47 31.24 46.94
N LYS C 260 -1.51 30.35 46.65
CA LYS C 260 -0.98 30.18 45.31
C LYS C 260 -1.00 28.70 44.96
N VAL C 261 -0.56 28.39 43.75
CA VAL C 261 -0.54 27.02 43.23
C VAL C 261 0.86 26.46 43.44
N PRO C 262 1.02 25.31 44.09
CA PRO C 262 2.34 24.71 44.25
C PRO C 262 2.82 24.09 42.94
N ALA C 263 4.09 23.69 42.95
CA ALA C 263 4.65 23.00 41.80
C ALA C 263 4.28 21.53 41.74
N GLU C 264 3.80 20.95 42.85
CA GLU C 264 3.38 19.55 42.85
C GLU C 264 2.15 19.33 41.99
N ILE C 265 1.32 20.36 41.80
CA ILE C 265 0.30 20.29 40.77
C ILE C 265 0.99 20.24 39.42
N LEU C 266 0.54 19.35 38.56
CA LEU C 266 1.17 19.13 37.25
C LEU C 266 2.64 18.73 37.37
N ALA C 267 3.06 18.22 38.51
CA ALA C 267 4.45 17.82 38.70
C ALA C 267 4.64 16.39 38.18
N ASN C 268 5.73 15.76 38.58
CA ASN C 268 6.03 14.40 38.17
C ASN C 268 6.17 13.48 39.38
N THR C 269 5.41 13.78 40.43
CA THR C 269 5.32 12.87 41.56
C THR C 269 4.35 11.74 41.25
N SER C 270 4.35 10.72 42.11
CA SER C 270 3.41 9.61 41.94
C SER C 270 1.97 10.03 42.20
N ASP C 271 1.76 11.16 42.90
CA ASP C 271 0.41 11.66 43.10
C ASP C 271 -0.19 12.17 41.80
N ASN C 272 0.65 12.62 40.87
CA ASN C 272 0.21 13.05 39.54
C ASN C 272 0.44 12.00 38.47
N ALA C 273 0.79 10.77 38.88
CA ALA C 273 1.05 9.70 37.91
C ALA C 273 -0.23 9.14 37.30
N GLY C 274 -1.37 9.29 37.97
CA GLY C 274 -2.65 8.88 37.42
C GLY C 274 -3.15 9.72 36.26
N PHE C 275 -2.62 10.93 36.08
CA PHE C 275 -2.97 11.77 34.94
C PHE C 275 -2.21 11.40 33.68
N CYS C 276 -1.18 10.57 33.79
CA CYS C 276 -0.41 10.10 32.64
C CYS C 276 -1.30 9.13 31.86
N ILE C 277 -2.28 9.69 31.16
CA ILE C 277 -3.20 8.93 30.30
C ILE C 277 -2.43 8.12 29.27
N PRO C 278 -1.25 8.57 28.79
CA PRO C 278 -0.40 7.65 28.01
C PRO C 278 0.21 6.51 28.84
N GLU C 279 -0.38 6.23 30.00
CA GLU C 279 -0.04 5.09 30.85
C GLU C 279 1.45 5.11 31.23
N GLY C 280 1.76 6.00 32.16
CA GLY C 280 3.12 6.21 32.62
C GLY C 280 4.04 6.89 31.63
N ASN C 281 3.50 7.53 30.59
CA ASN C 281 4.32 8.28 29.67
C ASN C 281 4.04 9.76 29.82
N CYS C 282 4.08 10.24 31.06
CA CYS C 282 3.89 11.65 31.33
C CYS C 282 5.00 12.47 30.70
N LEU C 283 4.66 13.70 30.33
CA LEU C 283 5.65 14.65 29.82
C LEU C 283 6.40 15.25 31.01
N GLY C 284 7.18 16.28 30.77
CA GLY C 284 7.87 16.97 31.86
C GLY C 284 6.90 17.55 32.86
N SER C 285 7.41 17.81 34.06
CA SER C 285 6.57 18.41 35.10
C SER C 285 6.11 19.79 34.66
N GLY C 286 4.87 20.14 34.99
CA GLY C 286 4.33 21.45 34.72
C GLY C 286 3.31 21.51 33.60
N VAL C 287 3.11 20.42 32.86
CA VAL C 287 2.15 20.37 31.76
C VAL C 287 1.14 19.26 32.05
N LEU C 288 -0.11 19.53 31.70
CA LEU C 288 -1.18 18.54 31.83
C LEU C 288 -1.69 18.18 30.44
N ASN C 289 -1.89 16.89 30.20
CA ASN C 289 -2.42 16.43 28.92
C ASN C 289 -3.93 16.38 29.03
N VAL C 290 -4.57 17.50 28.71
CA VAL C 290 -6.03 17.62 28.78
C VAL C 290 -6.62 17.40 27.40
N SER C 291 -6.15 16.36 26.70
CA SER C 291 -6.66 16.06 25.36
C SER C 291 -8.04 15.41 25.43
N ILE C 292 -8.19 14.37 26.26
CA ILE C 292 -9.48 13.71 26.39
C ILE C 292 -10.52 14.64 26.98
N CYS C 293 -10.01 15.60 27.72
CA CYS C 293 -10.82 16.60 28.31
C CYS C 293 -11.40 17.15 27.05
N LYS C 294 -10.61 17.96 26.36
CA LYS C 294 -11.02 18.55 25.11
C LYS C 294 -11.35 17.43 24.21
N ASN C 295 -12.05 17.72 23.12
CA ASN C 295 -12.52 16.70 22.19
C ASN C 295 -11.54 15.59 21.99
N GLY C 296 -10.68 15.74 21.02
CA GLY C 296 -9.67 14.75 20.77
C GLY C 296 -8.36 15.44 20.53
N ALA C 297 -8.34 16.76 20.69
CA ALA C 297 -7.17 17.56 20.43
C ALA C 297 -5.99 17.23 21.30
N PRO C 298 -4.78 17.65 20.80
CA PRO C 298 -3.63 17.34 21.65
C PRO C 298 -3.25 18.58 22.42
N ILE C 299 -4.26 19.17 23.02
CA ILE C 299 -4.20 20.40 23.81
C ILE C 299 -3.49 20.09 25.13
N ILE C 300 -2.34 20.74 25.35
CA ILE C 300 -1.56 20.59 26.56
C ILE C 300 -1.77 21.83 27.42
N MET C 301 -2.15 21.62 28.69
CA MET C 301 -2.35 22.71 29.62
C MET C 301 -1.06 23.00 30.39
N SER C 302 -0.85 24.28 30.68
CA SER C 302 0.33 24.70 31.41
C SER C 302 0.09 26.10 31.96
N PHE C 303 1.01 26.56 32.78
CA PHE C 303 0.98 27.94 33.26
C PHE C 303 1.66 28.86 32.24
N PRO C 304 1.32 30.15 32.24
CA PRO C 304 1.86 31.06 31.23
C PRO C 304 3.37 31.06 31.21
N HIS C 305 3.94 31.04 30.01
CA HIS C 305 5.39 31.01 29.79
C HIS C 305 6.05 29.82 30.49
N PHE C 306 5.26 28.78 30.78
CA PHE C 306 5.75 27.56 31.42
C PHE C 306 6.37 27.86 32.79
N TYR C 307 5.60 28.55 33.63
CA TYR C 307 6.02 28.82 35.00
C TYR C 307 5.88 27.56 35.84
N GLN C 308 6.84 27.38 36.75
CA GLN C 308 6.95 26.17 37.57
C GLN C 308 7.08 24.91 36.71
N ALA C 309 7.42 25.06 35.43
CA ALA C 309 7.59 23.93 34.55
C ALA C 309 9.06 23.54 34.47
N ASP C 310 9.33 22.46 33.75
CA ASP C 310 10.70 22.01 33.58
C ASP C 310 11.46 23.01 32.73
N GLU C 311 12.79 22.88 32.75
CA GLU C 311 13.62 23.75 31.93
C GLU C 311 13.58 23.36 30.45
N ARG C 312 13.22 22.10 30.15
CA ARG C 312 13.21 21.65 28.76
C ARG C 312 12.17 22.40 27.94
N PHE C 313 11.00 22.67 28.53
CA PHE C 313 9.93 23.33 27.78
C PHE C 313 10.25 24.79 27.51
N VAL C 314 10.94 25.46 28.45
CA VAL C 314 11.23 26.88 28.29
C VAL C 314 12.24 27.08 27.17
N SER C 315 13.33 26.31 27.18
CA SER C 315 14.38 26.47 26.17
C SER C 315 13.93 26.01 24.78
N ALA C 316 12.89 25.19 24.69
CA ALA C 316 12.41 24.69 23.40
C ALA C 316 11.70 25.76 22.58
N ILE C 317 11.26 26.85 23.20
CA ILE C 317 10.60 27.94 22.50
C ILE C 317 11.27 29.25 22.91
N GLU C 318 11.76 30.01 21.94
CA GLU C 318 12.45 31.26 22.19
C GLU C 318 11.42 32.38 22.36
N GLY C 319 11.39 32.97 23.56
CA GLY C 319 10.45 34.03 23.86
C GLY C 319 9.55 33.67 25.03
N MET C 320 10.08 32.85 25.94
CA MET C 320 9.35 32.38 27.12
C MET C 320 10.12 32.82 28.36
N HIS C 321 9.53 33.72 29.14
CA HIS C 321 10.17 34.31 30.32
C HIS C 321 9.24 34.18 31.51
N PRO C 322 9.25 33.03 32.19
CA PRO C 322 8.41 32.86 33.38
C PRO C 322 8.96 33.61 34.58
N ASN C 323 8.04 34.07 35.43
CA ASN C 323 8.36 34.78 36.67
C ASN C 323 7.09 34.95 37.49
N GLN C 324 7.29 35.25 38.78
CA GLN C 324 6.18 35.46 39.70
C GLN C 324 5.53 36.82 39.45
N GLU C 325 4.35 37.00 40.05
CA GLU C 325 3.56 38.23 39.98
C GLU C 325 3.16 38.59 38.55
N ASP C 326 3.69 37.85 37.57
CA ASP C 326 3.25 37.94 36.18
C ASP C 326 2.59 36.66 35.70
N HIS C 327 3.08 35.51 36.14
CA HIS C 327 2.57 34.23 35.68
C HIS C 327 2.20 33.29 36.82
N GLU C 328 2.35 33.71 38.06
CA GLU C 328 1.76 32.99 39.18
C GLU C 328 0.26 33.15 39.17
N THR C 329 -0.43 32.16 39.71
CA THR C 329 -1.87 32.24 39.94
C THR C 329 -2.12 32.22 41.44
N PHE C 330 -2.75 33.26 41.95
CA PHE C 330 -2.96 33.40 43.39
C PHE C 330 -4.39 33.85 43.64
N VAL C 331 -4.82 33.68 44.89
CA VAL C 331 -6.14 34.07 45.37
C VAL C 331 -6.00 34.58 46.80
N ASP C 332 -6.28 35.86 47.02
CA ASP C 332 -6.25 36.46 48.35
C ASP C 332 -7.66 36.48 48.92
N ILE C 333 -7.87 35.77 50.02
CA ILE C 333 -9.20 35.58 50.60
C ILE C 333 -9.19 36.05 52.05
N ASN C 334 -10.28 36.68 52.46
CA ASN C 334 -10.47 37.09 53.84
C ASN C 334 -10.56 35.85 54.73
N PRO C 335 -9.64 35.64 55.68
CA PRO C 335 -9.67 34.41 56.46
C PRO C 335 -10.93 34.25 57.29
N LEU C 336 -11.59 35.36 57.64
CA LEU C 336 -12.80 35.28 58.47
C LEU C 336 -13.96 34.71 57.69
N THR C 337 -14.42 35.42 56.65
CA THR C 337 -15.59 35.01 55.89
C THR C 337 -15.27 34.05 54.76
N GLY C 338 -14.01 33.94 54.36
CA GLY C 338 -13.68 33.13 53.20
C GLY C 338 -14.09 33.76 51.88
N ILE C 339 -14.36 35.06 51.87
CA ILE C 339 -14.82 35.75 50.68
C ILE C 339 -13.62 36.21 49.87
N ILE C 340 -13.69 36.01 48.55
CA ILE C 340 -12.59 36.36 47.66
C ILE C 340 -12.39 37.86 47.68
N LEU C 341 -11.17 38.31 47.97
CA LEU C 341 -10.84 39.73 47.93
C LEU C 341 -10.19 40.04 46.58
N LYS C 342 -8.99 39.53 46.36
CA LYS C 342 -8.26 39.73 45.11
C LYS C 342 -7.72 38.40 44.63
N ALA C 343 -8.03 38.06 43.38
CA ALA C 343 -7.60 36.80 42.78
C ALA C 343 -7.07 37.04 41.38
N ALA C 344 -6.17 36.17 40.95
CA ALA C 344 -5.59 36.23 39.60
C ALA C 344 -5.29 34.82 39.15
N LYS C 345 -6.04 34.33 38.16
CA LYS C 345 -5.94 32.96 37.68
C LYS C 345 -5.48 32.97 36.23
N ARG C 346 -4.37 32.27 35.96
CA ARG C 346 -3.67 32.36 34.68
C ARG C 346 -3.43 30.96 34.12
N PHE C 347 -4.18 30.61 33.07
CA PHE C 347 -3.99 29.36 32.34
C PHE C 347 -3.37 29.64 30.99
N GLN C 348 -2.74 28.62 30.43
CA GLN C 348 -2.14 28.68 29.09
C GLN C 348 -2.57 27.45 28.30
N ILE C 349 -2.82 27.65 27.00
CA ILE C 349 -3.24 26.59 26.10
C ILE C 349 -2.11 26.31 25.12
N ASN C 350 -1.72 25.04 25.00
CA ASN C 350 -0.66 24.63 24.10
C ASN C 350 -1.16 23.52 23.19
N ILE C 351 -0.37 23.23 22.15
CA ILE C 351 -0.70 22.22 21.16
C ILE C 351 0.52 21.33 20.96
N TYR C 352 0.33 20.02 21.09
CA TYR C 352 1.42 19.10 20.84
C TYR C 352 1.68 19.01 19.35
N VAL C 353 2.89 19.38 18.94
CA VAL C 353 3.27 19.39 17.53
C VAL C 353 4.56 18.60 17.37
N LYS C 354 4.51 17.56 16.53
CA LYS C 354 5.69 16.81 16.15
C LYS C 354 5.57 16.48 14.67
N LYS C 355 6.71 16.12 14.07
CA LYS C 355 6.71 15.78 12.66
C LYS C 355 6.29 14.34 12.45
N LEU C 356 5.55 14.10 11.37
CA LEU C 356 4.98 12.79 11.08
C LEU C 356 5.38 12.37 9.67
N ASP C 357 5.77 11.11 9.52
CA ASP C 357 6.15 10.60 8.21
C ASP C 357 4.95 10.36 7.30
N ASP C 358 3.76 10.27 7.87
CA ASP C 358 2.54 10.06 7.10
C ASP C 358 1.85 11.36 6.71
N PHE C 359 2.41 12.50 7.10
CA PHE C 359 1.82 13.80 6.78
C PHE C 359 2.93 14.78 6.45
N VAL C 360 2.93 15.29 5.21
CA VAL C 360 3.92 16.27 4.82
C VAL C 360 3.60 17.66 5.35
N GLU C 361 2.36 17.88 5.83
CA GLU C 361 2.01 19.20 6.35
C GLU C 361 2.87 19.60 7.53
N THR C 362 3.29 18.62 8.35
CA THR C 362 4.14 18.93 9.49
C THR C 362 5.52 19.40 9.05
N GLY C 363 6.02 18.87 7.94
CA GLY C 363 7.38 19.21 7.52
C GLY C 363 8.39 18.56 8.45
N ASP C 364 9.48 19.28 8.70
CA ASP C 364 10.56 18.81 9.57
C ASP C 364 10.48 19.43 10.96
N ILE C 365 9.27 19.66 11.46
CA ILE C 365 9.10 20.42 12.70
C ILE C 365 9.58 19.60 13.89
N ARG C 366 9.98 20.32 14.95
CA ARG C 366 10.47 19.66 16.15
C ARG C 366 9.32 19.06 16.95
N THR C 367 9.66 18.09 17.80
CA THR C 367 8.69 17.45 18.70
C THR C 367 8.66 18.24 20.00
N MET C 368 7.60 19.01 20.20
CA MET C 368 7.59 19.97 21.30
C MET C 368 6.17 20.33 21.70
N VAL C 369 6.05 20.95 22.87
CA VAL C 369 4.81 21.55 23.34
C VAL C 369 4.83 23.00 22.85
N PHE C 370 4.01 23.30 21.82
CA PHE C 370 3.99 24.61 21.19
C PHE C 370 2.93 25.49 21.85
N PRO C 371 3.26 26.70 22.29
CA PRO C 371 2.28 27.53 23.00
C PRO C 371 1.41 28.32 22.05
N VAL C 372 0.19 28.60 22.51
CA VAL C 372 -0.74 29.31 21.63
C VAL C 372 -1.27 30.57 22.30
N MET C 373 -1.84 30.42 23.49
CA MET C 373 -2.52 31.54 24.13
C MET C 373 -2.61 31.30 25.62
N TYR C 374 -2.61 32.40 26.38
CA TYR C 374 -2.83 32.36 27.83
C TYR C 374 -3.68 33.56 28.24
N LEU C 375 -4.44 33.40 29.32
CA LEU C 375 -5.41 34.39 29.74
C LEU C 375 -5.38 34.57 31.25
N ASN C 376 -5.78 35.77 31.71
CA ASN C 376 -5.88 36.11 33.14
C ASN C 376 -7.32 36.49 33.46
N GLU C 377 -7.96 35.67 34.31
CA GLU C 377 -9.29 35.98 34.84
C GLU C 377 -9.10 36.54 36.23
N SER C 378 -9.08 37.87 36.34
CA SER C 378 -8.78 38.57 37.58
C SER C 378 -10.04 39.21 38.15
N VAL C 379 -10.17 39.14 39.47
CA VAL C 379 -11.27 39.80 40.18
C VAL C 379 -10.68 40.49 41.40
N HIS C 380 -11.06 41.76 41.60
CA HIS C 380 -10.52 42.57 42.69
C HIS C 380 -11.65 43.37 43.33
N ILE C 381 -11.74 43.31 44.65
CA ILE C 381 -12.83 43.92 45.41
C ILE C 381 -12.60 45.42 45.54
N ASP C 382 -13.70 46.19 45.58
CA ASP C 382 -13.67 47.63 45.71
C ASP C 382 -14.16 48.07 47.09
N LYS C 383 -14.02 49.38 47.35
CA LYS C 383 -14.26 49.91 48.69
C LYS C 383 -15.73 49.81 49.08
N GLU C 384 -16.64 50.13 48.16
CA GLU C 384 -18.07 50.07 48.46
C GLU C 384 -18.53 48.65 48.76
N THR C 385 -17.80 47.64 48.29
CA THR C 385 -18.01 46.27 48.73
C THR C 385 -17.20 45.95 49.99
N ALA C 386 -16.12 46.69 50.23
CA ALA C 386 -15.31 46.55 51.44
C ALA C 386 -15.88 47.34 52.61
N SER C 387 -16.32 48.58 52.37
CA SER C 387 -17.01 49.34 53.41
C SER C 387 -18.35 48.72 53.78
N ARG C 388 -18.95 47.93 52.88
CA ARG C 388 -20.06 47.07 53.26
C ARG C 388 -19.58 45.97 54.21
N LEU C 389 -18.37 45.48 53.99
CA LEU C 389 -17.78 44.44 54.83
C LEU C 389 -17.28 45.04 56.14
N LYS C 390 -18.14 45.77 56.83
CA LYS C 390 -17.84 46.24 58.17
C LYS C 390 -18.27 45.26 59.25
N SER C 391 -18.76 44.09 58.85
CA SER C 391 -19.25 43.09 59.79
C SER C 391 -18.05 42.35 60.39
N MET C 392 -17.72 42.68 61.63
CA MET C 392 -16.71 41.93 62.38
C MET C 392 -17.35 40.75 63.11
N ILE C 393 -18.31 41.04 63.99
CA ILE C 393 -19.12 40.02 64.63
C ILE C 393 -20.38 40.71 65.14
N ASN C 394 -21.50 40.01 65.07
CA ASN C 394 -22.78 40.62 65.42
C ASN C 394 -23.77 39.58 65.95
N ILE D 3 -26.65 -24.17 13.82
CA ILE D 3 -25.58 -24.08 12.84
C ILE D 3 -24.87 -25.41 12.68
N VAL D 4 -25.04 -26.29 13.68
CA VAL D 4 -24.31 -27.55 13.71
C VAL D 4 -24.81 -28.48 12.59
N MET D 5 -23.87 -29.21 11.98
CA MET D 5 -24.21 -30.13 10.90
C MET D 5 -23.30 -31.35 10.99
N THR D 6 -23.77 -32.47 10.43
CA THR D 6 -23.05 -33.73 10.48
C THR D 6 -23.14 -34.42 9.13
N GLN D 7 -22.16 -35.29 8.85
CA GLN D 7 -22.11 -36.02 7.59
C GLN D 7 -21.75 -37.48 7.85
N SER D 8 -22.39 -38.38 7.12
CA SER D 8 -22.15 -39.81 7.28
C SER D 8 -21.74 -40.43 5.94
N PRO D 9 -21.03 -41.57 5.98
CA PRO D 9 -20.55 -42.30 7.15
C PRO D 9 -19.15 -41.88 7.63
N ALA D 10 -18.45 -42.80 8.30
CA ALA D 10 -17.21 -42.50 8.99
C ALA D 10 -15.97 -43.14 8.35
N THR D 11 -16.14 -44.18 7.55
CA THR D 11 -15.05 -44.70 6.72
C THR D 11 -15.64 -45.62 5.67
N LEU D 12 -15.46 -45.26 4.40
CA LEU D 12 -15.96 -46.07 3.30
C LEU D 12 -14.83 -46.87 2.65
N SER D 13 -15.22 -47.89 1.88
CA SER D 13 -14.28 -48.69 1.12
C SER D 13 -14.83 -48.88 -0.29
N VAL D 14 -14.06 -48.49 -1.29
CA VAL D 14 -14.46 -48.56 -2.69
C VAL D 14 -13.52 -49.49 -3.43
N THR D 15 -14.06 -50.26 -4.37
CA THR D 15 -13.41 -51.44 -4.92
C THR D 15 -12.14 -51.30 -5.77
N PRO D 16 -11.95 -50.19 -6.52
CA PRO D 16 -12.67 -48.93 -6.75
C PRO D 16 -13.55 -48.91 -8.00
N GLY D 17 -13.82 -47.70 -8.50
CA GLY D 17 -14.63 -47.52 -9.69
C GLY D 17 -16.12 -47.52 -9.46
N ASP D 18 -16.57 -47.32 -8.23
CA ASP D 18 -17.97 -47.47 -7.87
C ASP D 18 -18.63 -46.12 -7.60
N ARG D 19 -19.95 -46.10 -7.74
CA ARG D 19 -20.73 -44.96 -7.30
C ARG D 19 -20.73 -44.90 -5.79
N VAL D 20 -20.48 -43.72 -5.24
CA VAL D 20 -20.40 -43.51 -3.80
C VAL D 20 -21.37 -42.41 -3.40
N SER D 21 -22.04 -42.58 -2.26
CA SER D 21 -22.96 -41.60 -1.71
C SER D 21 -22.37 -41.02 -0.44
N LEU D 22 -22.28 -39.69 -0.38
CA LEU D 22 -21.79 -38.98 0.80
C LEU D 22 -22.85 -37.96 1.22
N SER D 23 -23.49 -38.22 2.37
CA SER D 23 -24.62 -37.42 2.83
C SER D 23 -24.15 -36.40 3.86
N CYS D 24 -24.59 -35.16 3.70
CA CYS D 24 -24.31 -34.08 4.64
C CYS D 24 -25.64 -33.43 5.01
N ARG D 25 -26.01 -33.52 6.29
CA ARG D 25 -27.30 -33.04 6.75
C ARG D 25 -27.12 -32.00 7.85
N ALA D 26 -27.92 -30.95 7.80
CA ALA D 26 -27.80 -29.83 8.74
C ALA D 26 -29.10 -29.64 9.51
N SER D 27 -28.94 -29.38 10.82
CA SER D 27 -30.10 -29.15 11.68
C SER D 27 -30.96 -27.99 11.17
N GLN D 28 -30.32 -26.92 10.74
CA GLN D 28 -30.99 -25.76 10.18
C GLN D 28 -30.94 -25.83 8.65
N SER D 29 -31.91 -25.16 8.00
CA SER D 29 -31.90 -25.06 6.56
C SER D 29 -30.85 -24.05 6.11
N ILE D 30 -30.22 -24.36 4.99
CA ILE D 30 -29.11 -23.58 4.46
C ILE D 30 -29.39 -23.00 3.08
N SER D 31 -30.56 -23.27 2.49
CA SER D 31 -30.82 -23.03 1.06
C SER D 31 -29.82 -23.90 0.30
N ASP D 32 -28.98 -23.34 -0.58
CA ASP D 32 -28.09 -24.16 -1.39
C ASP D 32 -26.62 -23.84 -1.20
N TYR D 33 -26.18 -23.55 0.02
CA TYR D 33 -24.82 -23.09 0.30
C TYR D 33 -24.06 -24.21 1.01
N LEU D 34 -23.53 -25.14 0.22
CA LEU D 34 -22.65 -26.21 0.68
C LEU D 34 -21.41 -26.21 -0.19
N HIS D 35 -20.27 -26.59 0.38
CA HIS D 35 -19.01 -26.33 -0.31
C HIS D 35 -18.09 -27.54 -0.49
N TRP D 36 -18.19 -28.56 0.38
CA TRP D 36 -17.49 -29.82 0.11
C TRP D 36 -16.01 -29.68 -0.21
N TYR D 37 -15.16 -29.68 0.81
CA TYR D 37 -13.72 -29.63 0.60
C TYR D 37 -13.09 -31.02 0.66
N GLN D 38 -11.89 -31.12 0.08
CA GLN D 38 -11.13 -32.37 0.08
C GLN D 38 -9.73 -32.14 0.63
N GLN D 39 -9.34 -32.97 1.59
CA GLN D 39 -8.00 -32.93 2.17
C GLN D 39 -7.33 -34.28 1.97
N LYS D 40 -6.08 -34.25 1.51
CA LYS D 40 -5.30 -35.47 1.34
C LYS D 40 -4.39 -35.66 2.57
N SER D 41 -3.33 -36.46 2.41
CA SER D 41 -2.48 -36.85 3.53
C SER D 41 -1.81 -35.63 4.15
N HIS D 42 -0.80 -35.09 3.47
CA HIS D 42 -0.09 -33.93 3.98
C HIS D 42 -0.30 -32.74 3.05
N GLU D 43 -1.56 -32.41 2.79
CA GLU D 43 -1.91 -31.32 1.90
C GLU D 43 -2.98 -30.45 2.55
N SER D 44 -2.94 -29.16 2.22
CA SER D 44 -3.99 -28.26 2.68
C SER D 44 -5.28 -28.56 1.95
N PRO D 45 -6.43 -28.44 2.62
CA PRO D 45 -7.71 -28.75 1.97
C PRO D 45 -7.92 -27.91 0.72
N ARG D 46 -8.64 -28.49 -0.23
CA ARG D 46 -8.87 -27.85 -1.52
C ARG D 46 -10.36 -27.86 -1.85
N LEU D 47 -10.84 -26.76 -2.43
CA LEU D 47 -12.24 -26.68 -2.80
C LEU D 47 -12.54 -27.65 -3.93
N LEU D 48 -13.73 -28.26 -3.90
CA LEU D 48 -14.20 -29.12 -4.98
C LEU D 48 -15.47 -28.62 -5.63
N ILE D 49 -16.52 -28.45 -4.86
CA ILE D 49 -17.78 -28.09 -5.44
C ILE D 49 -18.29 -26.87 -4.73
N LYS D 50 -18.59 -25.82 -5.46
CA LYS D 50 -18.96 -24.64 -4.72
C LYS D 50 -20.23 -24.59 -3.88
N TYR D 51 -21.42 -24.77 -4.46
CA TYR D 51 -22.68 -24.69 -3.70
C TYR D 51 -23.51 -25.91 -4.02
N GLN D 52 -22.85 -27.07 -4.05
CA GLN D 52 -23.34 -28.38 -4.53
C GLN D 52 -23.62 -28.28 -6.04
N SER D 53 -22.72 -27.54 -6.69
CA SER D 53 -22.71 -27.24 -8.11
C SER D 53 -21.29 -27.40 -8.57
N ILE D 54 -21.11 -27.66 -9.85
CA ILE D 54 -19.78 -27.87 -10.39
C ILE D 54 -18.90 -26.65 -10.18
N SER D 55 -17.64 -26.91 -9.88
CA SER D 55 -16.74 -25.81 -9.69
C SER D 55 -15.35 -26.34 -9.73
N GLY D 56 -14.43 -25.61 -9.14
CA GLY D 56 -13.05 -26.04 -9.16
C GLY D 56 -12.66 -26.01 -10.61
N ILE D 57 -12.38 -27.17 -11.18
CA ILE D 57 -11.99 -27.28 -12.56
C ILE D 57 -11.28 -28.59 -12.81
N PRO D 58 -11.06 -29.41 -11.72
CA PRO D 58 -10.32 -30.64 -12.02
C PRO D 58 -11.00 -32.01 -11.81
N SER D 59 -12.30 -32.19 -12.07
CA SER D 59 -12.92 -33.52 -11.93
C SER D 59 -14.43 -33.63 -12.08
N ARG D 60 -14.89 -34.87 -11.98
CA ARG D 60 -16.30 -35.25 -12.15
C ARG D 60 -17.24 -35.01 -10.93
N PHE D 61 -16.80 -35.42 -9.75
CA PHE D 61 -17.54 -35.17 -8.53
C PHE D 61 -18.76 -34.31 -8.81
N SER D 62 -19.90 -34.70 -8.24
CA SER D 62 -21.13 -33.95 -8.38
C SER D 62 -21.87 -33.94 -7.06
N GLY D 63 -22.63 -32.88 -6.83
CA GLY D 63 -23.43 -32.76 -5.63
C GLY D 63 -24.79 -32.18 -5.95
N SER D 64 -25.76 -32.52 -5.12
CA SER D 64 -27.14 -32.10 -5.33
C SER D 64 -27.75 -31.80 -3.96
N GLY D 65 -29.05 -31.50 -3.95
CA GLY D 65 -29.76 -31.22 -2.72
C GLY D 65 -30.17 -29.76 -2.61
N SER D 66 -31.00 -29.49 -1.61
CA SER D 66 -31.48 -28.14 -1.35
C SER D 66 -32.07 -28.11 0.05
N GLY D 67 -31.83 -27.02 0.76
CA GLY D 67 -32.29 -26.87 2.13
C GLY D 67 -31.39 -27.57 3.13
N SER D 68 -31.77 -28.79 3.50
CA SER D 68 -30.95 -29.70 4.26
C SER D 68 -30.74 -30.97 3.43
N ASP D 69 -30.04 -31.94 4.03
CA ASP D 69 -29.82 -33.25 3.42
C ASP D 69 -29.20 -33.11 2.03
N PHE D 70 -27.89 -32.85 2.03
CA PHE D 70 -27.13 -32.72 0.80
C PHE D 70 -26.31 -33.99 0.54
N THR D 71 -25.92 -34.16 -0.71
CA THR D 71 -25.22 -35.35 -1.15
C THR D 71 -24.09 -34.95 -2.08
N LEU D 72 -22.92 -35.58 -1.90
CA LEU D 72 -21.82 -35.55 -2.84
C LEU D 72 -21.56 -36.97 -3.33
N SER D 73 -21.41 -37.13 -4.64
CA SER D 73 -21.26 -38.44 -5.24
C SER D 73 -20.18 -38.41 -6.31
N ILE D 74 -19.56 -39.57 -6.53
CA ILE D 74 -18.50 -39.73 -7.51
C ILE D 74 -18.97 -40.74 -8.56
N ASN D 75 -18.72 -40.43 -9.84
CA ASN D 75 -19.04 -41.34 -10.92
C ASN D 75 -18.30 -42.66 -10.71
N SER D 76 -16.98 -42.62 -10.83
CA SER D 76 -16.13 -43.78 -10.59
C SER D 76 -14.93 -43.35 -9.77
N VAL D 77 -14.49 -44.21 -8.86
CA VAL D 77 -13.43 -43.89 -7.93
C VAL D 77 -12.10 -44.35 -8.51
N GLU D 78 -11.12 -43.46 -8.50
CA GLU D 78 -9.72 -43.71 -8.84
C GLU D 78 -8.88 -43.78 -7.59
N PRO D 79 -7.70 -44.38 -7.64
CA PRO D 79 -6.88 -44.50 -6.41
C PRO D 79 -6.31 -43.18 -5.92
N GLU D 80 -6.50 -42.08 -6.65
CA GLU D 80 -5.95 -40.78 -6.27
C GLU D 80 -7.00 -39.88 -5.60
N ASP D 81 -8.11 -40.46 -5.14
CA ASP D 81 -9.14 -39.71 -4.43
C ASP D 81 -9.12 -39.99 -2.93
N VAL D 82 -8.03 -40.57 -2.42
CA VAL D 82 -7.96 -40.96 -1.02
C VAL D 82 -7.74 -39.73 -0.16
N GLY D 83 -8.55 -39.60 0.90
CA GLY D 83 -8.41 -38.47 1.81
C GLY D 83 -9.63 -38.33 2.70
N VAL D 84 -9.96 -37.08 3.02
CA VAL D 84 -11.12 -36.76 3.83
C VAL D 84 -11.95 -35.72 3.11
N TYR D 85 -13.25 -35.72 3.37
CA TYR D 85 -14.17 -34.80 2.75
C TYR D 85 -14.99 -34.12 3.83
N TYR D 86 -15.16 -32.80 3.68
CA TYR D 86 -15.85 -31.98 4.67
C TYR D 86 -16.84 -31.05 3.97
N CYS D 87 -18.08 -31.04 4.40
CA CYS D 87 -19.09 -30.19 3.82
C CYS D 87 -19.02 -28.83 4.44
N GLN D 88 -19.51 -27.81 3.77
CA GLN D 88 -19.46 -26.51 4.43
C GLN D 88 -20.74 -25.71 4.49
N ASN D 89 -21.08 -25.28 5.67
CA ASN D 89 -22.27 -24.48 5.81
C ASN D 89 -21.86 -23.20 5.18
N GLY D 90 -22.69 -22.67 4.30
CA GLY D 90 -22.44 -21.31 3.87
C GLY D 90 -23.42 -20.24 4.29
N HIS D 91 -24.68 -20.61 4.48
CA HIS D 91 -25.70 -19.64 4.82
C HIS D 91 -25.63 -18.95 6.16
N SER D 92 -25.27 -19.65 7.22
CA SER D 92 -25.29 -18.99 8.51
C SER D 92 -23.98 -18.97 9.26
N PHE D 93 -23.61 -17.79 9.75
CA PHE D 93 -22.39 -17.60 10.52
C PHE D 93 -22.54 -18.33 11.83
N PRO D 94 -21.44 -18.89 12.36
CA PRO D 94 -20.16 -19.19 11.75
C PRO D 94 -20.35 -20.28 10.73
N PHE D 95 -19.66 -20.22 9.60
CA PHE D 95 -19.83 -21.20 8.59
C PHE D 95 -19.18 -22.34 9.29
N THR D 96 -20.00 -23.33 9.64
CA THR D 96 -19.55 -24.45 10.43
C THR D 96 -19.17 -25.68 9.65
N PHE D 97 -17.92 -26.03 9.78
CA PHE D 97 -17.42 -27.19 9.12
C PHE D 97 -17.98 -28.43 9.78
N GLY D 98 -18.18 -29.48 8.99
CA GLY D 98 -18.65 -30.74 9.53
C GLY D 98 -17.51 -31.68 9.83
N SER D 99 -17.79 -32.68 10.66
CA SER D 99 -16.78 -33.70 10.95
C SER D 99 -16.37 -34.42 9.67
N GLY D 100 -15.20 -35.06 9.71
CA GLY D 100 -14.68 -35.71 8.53
C GLY D 100 -15.39 -37.01 8.19
N THR D 101 -15.48 -37.28 6.89
CA THR D 101 -15.89 -38.60 6.41
C THR D 101 -14.70 -39.56 6.37
N LYS D 102 -13.76 -39.29 5.46
CA LYS D 102 -12.53 -40.06 5.29
C LYS D 102 -12.87 -41.45 4.78
N LEU D 103 -12.34 -41.79 3.60
CA LEU D 103 -12.60 -43.05 2.94
C LEU D 103 -11.32 -43.86 2.79
N GLU D 104 -11.41 -45.15 3.04
CA GLU D 104 -10.34 -46.05 2.68
C GLU D 104 -10.60 -46.60 1.28
N ILE D 105 -9.53 -47.00 0.62
CA ILE D 105 -9.58 -47.45 -0.77
C ILE D 105 -9.21 -48.93 -0.81
N LYS D 106 -10.05 -49.74 -1.47
CA LYS D 106 -9.92 -51.19 -1.48
C LYS D 106 -9.15 -51.63 -2.72
N ARG D 107 -8.15 -52.49 -2.51
CA ARG D 107 -7.28 -52.95 -3.60
C ARG D 107 -7.02 -54.43 -3.41
N ALA D 108 -6.41 -55.04 -4.44
CA ALA D 108 -6.07 -56.45 -4.38
C ALA D 108 -5.14 -56.74 -3.21
N ASP D 109 -5.47 -57.79 -2.46
CA ASP D 109 -4.66 -58.19 -1.31
C ASP D 109 -3.24 -58.51 -1.76
N ALA D 110 -2.25 -57.96 -1.04
CA ALA D 110 -0.86 -58.17 -1.38
C ALA D 110 -0.07 -58.41 -0.10
N ALA D 111 0.78 -59.44 -0.13
CA ALA D 111 1.56 -59.78 1.05
C ALA D 111 2.65 -58.73 1.29
N PRO D 112 3.08 -58.55 2.54
CA PRO D 112 4.13 -57.57 2.84
C PRO D 112 5.54 -58.12 2.73
N THR D 113 6.41 -57.39 2.05
CA THR D 113 7.83 -57.74 1.97
C THR D 113 8.57 -57.05 3.10
N VAL D 114 9.34 -57.82 3.87
CA VAL D 114 9.89 -57.36 5.14
C VAL D 114 11.42 -57.44 5.10
N SER D 115 12.07 -56.39 5.59
CA SER D 115 13.51 -56.33 5.75
C SER D 115 13.84 -56.08 7.22
N ILE D 116 14.91 -56.71 7.69
CA ILE D 116 15.32 -56.61 9.09
C ILE D 116 16.69 -55.93 9.14
N PHE D 117 16.90 -55.11 10.17
CA PHE D 117 18.12 -54.30 10.28
C PHE D 117 18.67 -54.42 11.69
N PRO D 118 19.88 -54.92 11.87
CA PRO D 118 20.50 -54.93 13.19
C PRO D 118 20.98 -53.54 13.56
N PRO D 119 21.24 -53.28 14.85
CA PRO D 119 21.76 -51.97 15.23
C PRO D 119 23.07 -51.67 14.53
N SER D 120 23.25 -50.41 14.13
CA SER D 120 24.44 -50.01 13.40
C SER D 120 25.61 -49.86 14.35
N SER D 121 26.82 -49.99 13.80
CA SER D 121 28.03 -49.79 14.59
C SER D 121 28.06 -48.40 15.23
N GLU D 122 27.40 -47.42 14.61
CA GLU D 122 27.39 -46.08 15.16
C GLU D 122 26.56 -46.01 16.43
N GLN D 123 25.42 -46.70 16.47
CA GLN D 123 24.55 -46.62 17.64
C GLN D 123 25.09 -47.43 18.80
N LEU D 124 25.85 -48.50 18.52
CA LEU D 124 26.34 -49.37 19.59
C LEU D 124 27.37 -48.64 20.46
N THR D 125 28.40 -48.06 19.85
CA THR D 125 29.41 -47.33 20.60
C THR D 125 28.87 -46.08 21.30
N SER D 126 27.64 -45.67 20.99
CA SER D 126 27.01 -44.55 21.67
C SER D 126 26.24 -44.97 22.92
N GLY D 127 25.90 -46.25 23.07
CA GLY D 127 25.21 -46.74 24.24
C GLY D 127 23.79 -47.21 24.00
N GLY D 128 23.25 -47.05 22.79
CA GLY D 128 21.91 -47.52 22.49
C GLY D 128 21.92 -48.68 21.52
N ALA D 129 20.81 -49.42 21.46
CA ALA D 129 20.77 -50.59 20.58
C ALA D 129 19.33 -50.81 20.13
N SER D 130 18.89 -49.99 19.17
CA SER D 130 17.58 -50.13 18.56
C SER D 130 17.71 -50.93 17.27
N VAL D 131 16.90 -51.98 17.14
CA VAL D 131 16.84 -52.76 15.91
C VAL D 131 15.52 -52.45 15.22
N VAL D 132 15.57 -52.45 13.89
CA VAL D 132 14.47 -51.95 13.07
C VAL D 132 14.03 -53.03 12.09
N CYS D 133 12.72 -53.04 11.81
CA CYS D 133 12.12 -54.00 10.90
C CYS D 133 11.08 -53.26 10.06
N PHE D 134 11.18 -53.42 8.74
CA PHE D 134 10.39 -52.63 7.80
C PHE D 134 9.38 -53.51 7.07
N LEU D 135 8.10 -53.13 7.16
CA LEU D 135 7.01 -53.79 6.43
C LEU D 135 6.54 -52.83 5.36
N ASN D 136 6.61 -53.26 4.10
CA ASN D 136 6.43 -52.37 2.96
C ASN D 136 5.41 -52.91 1.98
N ASN D 137 4.49 -52.04 1.56
CA ASN D 137 3.57 -52.29 0.46
C ASN D 137 2.70 -53.52 0.71
N PHE D 138 1.61 -53.37 1.46
CA PHE D 138 0.72 -54.47 1.76
C PHE D 138 -0.73 -53.98 1.89
N TYR D 139 -1.65 -54.93 1.83
CA TYR D 139 -3.07 -54.68 2.03
C TYR D 139 -3.71 -55.97 2.53
N PRO D 140 -4.66 -55.87 3.47
CA PRO D 140 -5.20 -54.66 4.07
C PRO D 140 -4.29 -54.02 5.11
N LYS D 141 -4.77 -52.96 5.76
CA LYS D 141 -3.98 -52.26 6.75
C LYS D 141 -3.74 -53.11 7.98
N ASP D 142 -4.72 -53.93 8.35
CA ASP D 142 -4.63 -54.73 9.57
C ASP D 142 -3.48 -55.73 9.47
N ILE D 143 -2.61 -55.71 10.48
CA ILE D 143 -1.45 -56.58 10.54
C ILE D 143 -0.89 -56.56 11.96
N ASN D 144 -0.39 -57.69 12.42
CA ASN D 144 0.21 -57.81 13.75
C ASN D 144 1.63 -58.33 13.61
N VAL D 145 2.58 -57.63 14.22
CA VAL D 145 3.98 -58.01 14.21
C VAL D 145 4.31 -58.66 15.54
N LYS D 146 5.28 -59.57 15.53
CA LYS D 146 5.67 -60.32 16.72
C LYS D 146 7.18 -60.25 16.87
N TRP D 147 7.64 -59.55 17.88
CA TRP D 147 9.05 -59.50 18.20
C TRP D 147 9.37 -60.56 19.24
N LYS D 148 10.35 -61.39 18.93
CA LYS D 148 10.87 -62.37 19.89
C LYS D 148 12.37 -62.47 19.69
N ILE D 149 13.13 -62.00 20.67
CA ILE D 149 14.59 -62.04 20.58
C ILE D 149 15.07 -63.47 20.44
N ASP D 150 14.45 -64.39 21.19
CA ASP D 150 14.72 -65.81 21.04
C ASP D 150 13.40 -66.55 21.24
N GLY D 151 13.42 -67.64 22.01
CA GLY D 151 12.17 -68.22 22.46
C GLY D 151 11.36 -67.25 23.29
N SER D 152 12.03 -66.31 23.96
CA SER D 152 11.35 -65.25 24.69
C SER D 152 10.69 -64.29 23.71
N GLU D 153 9.50 -63.82 24.08
CA GLU D 153 8.71 -62.91 23.26
C GLU D 153 8.67 -61.52 23.89
N ARG D 154 8.69 -60.50 23.04
CA ARG D 154 8.73 -59.10 23.48
C ARG D 154 7.39 -58.44 23.23
N GLN D 155 6.80 -57.86 24.28
CA GLN D 155 5.60 -57.06 24.19
C GLN D 155 5.83 -55.66 24.72
N ASN D 156 7.08 -55.25 24.88
CA ASN D 156 7.42 -53.98 25.50
C ASN D 156 8.51 -53.29 24.69
N GLY D 157 8.49 -51.96 24.71
CA GLY D 157 9.50 -51.20 24.01
C GLY D 157 9.46 -51.36 22.50
N VAL D 158 8.27 -51.51 21.94
CA VAL D 158 8.07 -51.67 20.50
C VAL D 158 7.31 -50.46 19.98
N LEU D 159 7.86 -49.81 18.96
CA LEU D 159 7.26 -48.63 18.36
C LEU D 159 6.82 -48.97 16.94
N ASN D 160 5.56 -48.68 16.63
CA ASN D 160 4.96 -48.98 15.32
C ASN D 160 4.42 -47.70 14.72
N SER D 161 4.90 -47.35 13.52
CA SER D 161 4.45 -46.18 12.78
C SER D 161 3.90 -46.63 11.44
N TRP D 162 2.69 -46.20 11.13
CA TRP D 162 1.98 -46.65 9.93
C TRP D 162 2.01 -45.58 8.84
N THR D 163 2.22 -46.03 7.61
CA THR D 163 2.13 -45.17 6.44
C THR D 163 0.68 -45.14 5.94
N ASP D 164 0.21 -43.97 5.55
CA ASP D 164 -1.09 -43.86 4.91
C ASP D 164 -1.00 -44.31 3.45
N GLN D 165 -2.07 -44.92 2.96
CA GLN D 165 -2.05 -45.60 1.67
C GLN D 165 -1.66 -44.62 0.55
N ASP D 166 -0.95 -45.15 -0.44
CA ASP D 166 -0.42 -44.33 -1.53
C ASP D 166 -1.51 -43.96 -2.52
N SER D 167 -1.41 -42.75 -3.06
CA SER D 167 -2.34 -42.29 -4.08
C SER D 167 -2.15 -43.01 -5.41
N LYS D 168 -0.97 -43.59 -5.64
CA LYS D 168 -0.71 -44.28 -6.90
C LYS D 168 -1.24 -45.71 -6.86
N ASP D 169 -0.63 -46.56 -6.05
CA ASP D 169 -1.14 -47.89 -5.75
C ASP D 169 -1.38 -47.98 -4.26
N SER D 170 -2.61 -48.30 -3.87
CA SER D 170 -2.99 -48.24 -2.46
C SER D 170 -2.33 -49.35 -1.64
N THR D 171 -1.15 -49.08 -1.11
CA THR D 171 -0.42 -50.03 -0.27
C THR D 171 0.08 -49.33 0.98
N TYR D 172 -0.08 -50.00 2.12
CA TYR D 172 0.38 -49.47 3.39
C TYR D 172 1.81 -49.92 3.68
N SER D 173 2.48 -49.16 4.54
CA SER D 173 3.80 -49.51 5.01
C SER D 173 3.86 -49.26 6.50
N MET D 174 4.88 -49.82 7.15
CA MET D 174 4.95 -49.80 8.60
C MET D 174 6.36 -50.15 9.04
N SER D 175 6.83 -49.46 10.08
CA SER D 175 8.10 -49.78 10.72
C SER D 175 7.83 -50.26 12.14
N SER D 176 8.52 -51.33 12.54
CA SER D 176 8.43 -51.89 13.89
C SER D 176 9.82 -51.83 14.50
N THR D 177 10.10 -50.76 15.25
CA THR D 177 11.39 -50.59 15.90
C THR D 177 11.35 -51.20 17.29
N LEU D 178 12.36 -52.02 17.60
CA LEU D 178 12.53 -52.61 18.93
C LEU D 178 13.75 -51.94 19.54
N THR D 179 13.51 -50.91 20.35
CA THR D 179 14.61 -50.19 20.99
C THR D 179 15.06 -50.92 22.24
N LEU D 180 16.38 -50.98 22.44
CA LEU D 180 16.95 -51.79 23.50
C LEU D 180 18.20 -51.11 24.05
N THR D 181 18.47 -51.35 25.33
CA THR D 181 19.70 -50.86 25.93
C THR D 181 20.89 -51.64 25.38
N LYS D 182 22.04 -50.96 25.31
CA LYS D 182 23.25 -51.59 24.81
C LYS D 182 23.52 -52.91 25.52
N ASP D 183 23.70 -52.86 26.84
CA ASP D 183 24.01 -54.07 27.59
C ASP D 183 22.83 -55.02 27.66
N GLU D 184 21.59 -54.51 27.56
CA GLU D 184 20.43 -55.39 27.48
C GLU D 184 20.39 -56.10 26.14
N TYR D 185 20.84 -55.44 25.07
CA TYR D 185 20.97 -56.10 23.79
C TYR D 185 22.02 -57.22 23.85
N GLU D 186 23.07 -57.03 24.63
CA GLU D 186 24.24 -57.91 24.64
C GLU D 186 24.09 -59.09 25.58
N ARG D 187 22.91 -59.69 25.67
CA ARG D 187 22.67 -60.82 26.54
C ARG D 187 22.10 -62.02 25.82
N HIS D 188 21.45 -61.83 24.68
CA HIS D 188 20.82 -62.91 23.93
C HIS D 188 21.36 -62.94 22.51
N ASN D 189 21.63 -64.14 22.00
CA ASN D 189 22.33 -64.31 20.73
C ASN D 189 21.47 -63.90 19.53
N SER D 190 20.46 -64.70 19.21
CA SER D 190 19.69 -64.47 17.99
C SER D 190 18.68 -63.34 18.20
N TYR D 191 18.03 -62.97 17.09
CA TYR D 191 16.98 -61.95 17.05
C TYR D 191 16.08 -62.25 15.87
N THR D 192 14.77 -62.17 16.08
CA THR D 192 13.81 -62.53 15.03
C THR D 192 12.71 -61.49 14.95
N CYS D 193 12.46 -61.00 13.73
CA CYS D 193 11.28 -60.22 13.40
C CYS D 193 10.40 -61.04 12.48
N GLU D 194 9.10 -61.04 12.75
CA GLU D 194 8.18 -61.82 11.94
C GLU D 194 6.79 -61.17 11.94
N ALA D 195 6.10 -61.28 10.82
CA ALA D 195 4.81 -60.63 10.62
C ALA D 195 3.77 -61.63 10.13
N THR D 196 2.53 -61.46 10.60
CA THR D 196 1.41 -62.31 10.23
C THR D 196 0.37 -61.48 9.50
N HIS D 197 0.02 -61.89 8.29
CA HIS D 197 -0.95 -61.19 7.45
C HIS D 197 -2.12 -62.11 7.13
N LYS D 198 -3.16 -61.52 6.52
CA LYS D 198 -4.29 -62.33 6.04
C LYS D 198 -3.84 -63.31 4.97
N THR D 199 -3.05 -62.84 4.00
CA THR D 199 -2.47 -63.73 3.01
C THR D 199 -1.42 -64.61 3.67
N SER D 200 -1.48 -65.91 3.36
CA SER D 200 -0.52 -66.88 3.87
C SER D 200 -0.55 -66.95 5.39
N THR D 201 -1.34 -67.87 5.93
CA THR D 201 -1.41 -68.03 7.38
C THR D 201 -0.02 -68.26 7.98
N SER D 202 0.89 -68.83 7.21
CA SER D 202 2.27 -68.95 7.65
C SER D 202 2.91 -67.56 7.75
N PRO D 203 3.39 -67.14 8.92
CA PRO D 203 3.93 -65.79 9.04
C PRO D 203 5.25 -65.64 8.28
N ILE D 204 5.47 -64.42 7.79
CA ILE D 204 6.77 -64.04 7.20
C ILE D 204 7.76 -63.88 8.34
N VAL D 205 8.93 -64.50 8.22
CA VAL D 205 9.90 -64.58 9.31
C VAL D 205 11.28 -64.19 8.79
N LYS D 206 11.94 -63.27 9.50
CA LYS D 206 13.32 -62.87 9.24
C LYS D 206 14.09 -62.88 10.55
N SER D 207 15.36 -63.28 10.49
CA SER D 207 16.17 -63.38 11.70
C SER D 207 17.63 -63.20 11.35
N PHE D 208 18.44 -62.95 12.38
CA PHE D 208 19.89 -62.94 12.28
C PHE D 208 20.45 -63.25 13.65
N ASN D 209 21.78 -63.35 13.72
CA ASN D 209 22.50 -63.63 14.95
C ASN D 209 23.50 -62.51 15.21
N ARG D 210 24.06 -62.50 16.42
CA ARG D 210 25.06 -61.51 16.80
C ARG D 210 26.43 -62.06 16.41
N ASN D 211 26.80 -61.87 15.15
CA ASN D 211 28.16 -62.17 14.70
C ASN D 211 28.73 -60.98 13.93
N GLU E 1 -1.02 -19.97 -8.32
CA GLU E 1 -0.15 -18.81 -8.47
C GLU E 1 -0.42 -17.83 -7.33
N VAL E 2 -1.60 -17.97 -6.71
CA VAL E 2 -1.99 -17.11 -5.61
C VAL E 2 -0.96 -17.16 -4.49
N GLN E 3 -0.25 -18.28 -4.36
CA GLN E 3 1.02 -18.36 -3.63
C GLN E 3 0.88 -17.86 -2.20
N LEU E 4 -0.17 -18.31 -1.53
CA LEU E 4 -0.35 -17.98 -0.11
C LEU E 4 0.72 -18.70 0.70
N GLN E 5 1.73 -17.95 1.16
CA GLN E 5 2.97 -18.51 1.72
C GLN E 5 2.99 -18.26 3.22
N GLN E 6 2.69 -19.31 4.00
CA GLN E 6 2.68 -19.23 5.45
C GLN E 6 2.92 -20.60 6.05
N SER E 7 3.73 -20.72 7.12
CA SER E 7 4.59 -19.68 7.69
C SER E 7 5.70 -20.45 8.40
N GLY E 8 6.21 -19.90 9.50
CA GLY E 8 7.22 -20.60 10.27
C GLY E 8 6.60 -21.49 11.34
N PRO E 9 7.05 -22.74 11.42
CA PRO E 9 6.62 -23.59 12.54
C PRO E 9 7.21 -23.10 13.85
N GLU E 10 6.43 -23.21 14.92
CA GLU E 10 6.75 -22.54 16.16
C GLU E 10 6.51 -23.45 17.37
N LEU E 11 7.08 -23.04 18.50
CA LEU E 11 6.77 -23.59 19.81
C LEU E 11 6.77 -22.45 20.81
N GLU E 12 6.08 -22.66 21.93
CA GLU E 12 6.02 -21.63 22.95
C GLU E 12 5.66 -22.26 24.28
N LYS E 13 6.05 -21.57 25.35
CA LYS E 13 5.77 -22.01 26.70
C LYS E 13 4.28 -21.90 27.00
N PRO E 14 3.74 -22.80 27.82
CA PRO E 14 2.32 -22.69 28.20
C PRO E 14 2.05 -21.38 28.92
N GLY E 15 1.05 -20.64 28.44
CA GLY E 15 0.75 -19.33 28.94
C GLY E 15 1.33 -18.19 28.12
N ALA E 16 2.13 -18.49 27.09
CA ALA E 16 2.73 -17.47 26.25
C ALA E 16 1.80 -17.13 25.09
N SER E 17 2.33 -16.47 24.07
CA SER E 17 1.57 -16.05 22.91
C SER E 17 2.44 -16.09 21.67
N VAL E 18 1.85 -16.49 20.55
CA VAL E 18 2.53 -16.59 19.26
C VAL E 18 1.66 -15.92 18.19
N LYS E 19 2.33 -15.33 17.21
CA LYS E 19 1.69 -14.61 16.11
C LYS E 19 2.12 -15.23 14.79
N ILE E 20 1.16 -15.34 13.86
CA ILE E 20 1.40 -15.95 12.56
C ILE E 20 1.07 -14.93 11.47
N SER E 21 1.48 -15.23 10.25
CA SER E 21 1.28 -14.33 9.12
C SER E 21 1.14 -15.13 7.83
N CYS E 22 0.24 -14.69 6.95
CA CYS E 22 -0.03 -15.44 5.73
C CYS E 22 0.65 -14.85 4.50
N MET E 23 0.74 -13.54 4.41
CA MET E 23 1.53 -12.85 3.37
C MET E 23 1.21 -13.41 1.98
N ALA E 24 0.03 -13.04 1.49
CA ALA E 24 -0.44 -13.53 0.20
C ALA E 24 0.21 -12.75 -0.93
N SER E 25 -0.03 -13.19 -2.16
CA SER E 25 0.50 -12.56 -3.36
C SER E 25 -0.40 -12.90 -4.55
N GLY E 26 -0.04 -12.39 -5.72
CA GLY E 26 -0.74 -12.71 -6.95
C GLY E 26 -2.13 -12.12 -7.10
N TYR E 27 -2.64 -11.39 -6.11
CA TYR E 27 -3.94 -10.73 -6.24
C TYR E 27 -3.95 -9.47 -5.40
N SER E 28 -4.83 -8.56 -5.78
CA SER E 28 -5.00 -7.30 -5.06
C SER E 28 -5.64 -7.60 -3.72
N PHE E 29 -4.83 -7.66 -2.66
CA PHE E 29 -5.37 -7.92 -1.33
C PHE E 29 -6.14 -6.72 -0.85
N THR E 30 -7.46 -6.85 -0.91
CA THR E 30 -8.47 -5.91 -0.45
C THR E 30 -9.75 -6.40 -1.09
N GLY E 31 -10.82 -6.56 -0.33
CA GLY E 31 -11.95 -7.25 -0.92
C GLY E 31 -11.86 -8.75 -0.89
N TYR E 32 -10.86 -9.32 -0.23
CA TYR E 32 -10.74 -10.75 -0.01
C TYR E 32 -10.62 -11.01 1.48
N ASN E 33 -11.45 -11.92 1.99
CA ASN E 33 -11.71 -11.96 3.43
C ASN E 33 -10.52 -12.53 4.21
N MET E 34 -9.89 -13.59 3.70
CA MET E 34 -8.75 -14.24 4.36
C MET E 34 -9.16 -14.91 5.66
N ASN E 35 -9.70 -16.12 5.55
CA ASN E 35 -10.18 -16.84 6.72
C ASN E 35 -9.05 -17.61 7.38
N TRP E 36 -9.29 -18.00 8.63
CA TRP E 36 -8.36 -18.80 9.41
C TRP E 36 -9.05 -20.06 9.88
N VAL E 37 -8.36 -21.19 9.76
CA VAL E 37 -8.90 -22.49 10.15
C VAL E 37 -7.84 -23.25 10.94
N LYS E 38 -8.26 -23.87 12.05
CA LYS E 38 -7.40 -24.75 12.83
C LYS E 38 -7.85 -26.20 12.67
N GLN E 39 -6.90 -27.10 12.86
CA GLN E 39 -7.11 -28.54 12.65
C GLN E 39 -6.28 -29.29 13.68
N SER E 40 -6.94 -29.88 14.67
CA SER E 40 -6.27 -30.77 15.62
C SER E 40 -5.60 -31.92 14.88
N ASN E 41 -4.81 -32.71 15.60
CA ASN E 41 -4.25 -33.92 14.98
C ASN E 41 -5.36 -34.81 14.44
N GLY E 42 -6.46 -34.95 15.17
CA GLY E 42 -7.58 -35.74 14.72
C GLY E 42 -8.43 -35.04 13.66
N LYS E 43 -7.77 -34.37 12.70
CA LYS E 43 -8.43 -33.70 11.59
C LYS E 43 -9.62 -32.85 12.06
N SER E 44 -10.75 -32.97 11.38
CA SER E 44 -11.99 -32.29 11.75
C SER E 44 -11.76 -30.79 11.94
N LEU E 45 -11.68 -30.11 10.80
CA LEU E 45 -11.36 -28.69 10.77
C LEU E 45 -12.40 -27.88 11.53
N GLU E 46 -11.95 -26.77 12.12
CA GLU E 46 -12.83 -25.81 12.75
C GLU E 46 -12.43 -24.40 12.32
N TRP E 47 -13.42 -23.60 11.95
CA TRP E 47 -13.19 -22.30 11.32
C TRP E 47 -13.19 -21.22 12.41
N ILE E 48 -12.08 -20.49 12.50
CA ILE E 48 -11.90 -19.55 13.60
C ILE E 48 -12.52 -18.20 13.28
N GLY E 49 -12.26 -17.66 12.09
CA GLY E 49 -12.85 -16.40 11.71
C GLY E 49 -12.20 -15.87 10.45
N ASN E 50 -12.55 -14.61 10.14
CA ASN E 50 -12.06 -13.94 8.95
C ASN E 50 -11.89 -12.47 9.29
N ILE E 51 -11.52 -11.67 8.28
CA ILE E 51 -11.25 -10.25 8.51
C ILE E 51 -12.00 -9.36 7.53
N ASP E 52 -11.74 -9.53 6.22
CA ASP E 52 -12.31 -8.71 5.15
C ASP E 52 -11.79 -7.28 5.26
N PRO E 53 -10.60 -7.00 4.69
CA PRO E 53 -9.97 -5.68 4.94
C PRO E 53 -10.64 -4.52 4.23
N TYR E 54 -11.50 -4.78 3.25
CA TYR E 54 -12.09 -3.69 2.47
C TYR E 54 -12.99 -2.82 3.34
N TYR E 55 -13.97 -3.44 4.01
CA TYR E 55 -14.87 -2.69 4.86
C TYR E 55 -14.29 -2.45 6.25
N GLY E 56 -13.43 -3.35 6.73
CA GLY E 56 -12.82 -3.20 8.04
C GLY E 56 -13.65 -3.76 9.17
N ASP E 57 -13.82 -5.07 9.19
CA ASP E 57 -14.62 -5.75 10.20
C ASP E 57 -13.88 -7.00 10.69
N THR E 58 -14.56 -7.76 11.55
CA THR E 58 -14.06 -9.03 12.05
C THR E 58 -15.25 -9.91 12.39
N ARG E 59 -15.05 -11.22 12.28
CA ARG E 59 -16.10 -12.19 12.61
C ARG E 59 -15.43 -13.36 13.32
N TYR E 60 -15.81 -13.60 14.58
CA TYR E 60 -15.22 -14.67 15.38
C TYR E 60 -16.27 -15.68 15.86
N ASN E 61 -15.79 -16.89 16.18
CA ASN E 61 -16.65 -17.94 16.73
C ASN E 61 -16.62 -17.67 18.23
N GLN E 62 -17.80 -17.55 18.84
CA GLN E 62 -17.85 -17.20 20.25
C GLN E 62 -17.23 -18.14 21.29
N LYS E 63 -17.50 -19.44 21.22
CA LYS E 63 -16.96 -20.32 22.26
C LYS E 63 -15.44 -20.39 22.18
N PHE E 64 -14.97 -20.57 20.95
CA PHE E 64 -13.55 -20.63 20.62
C PHE E 64 -12.85 -19.29 20.76
N LYS E 65 -13.57 -18.26 20.37
CA LYS E 65 -13.10 -16.88 20.27
C LYS E 65 -12.22 -16.26 21.37
N ASP E 66 -12.46 -16.49 22.65
CA ASP E 66 -11.60 -15.79 23.60
C ASP E 66 -10.10 -15.73 23.29
N LYS E 67 -9.55 -16.83 22.82
CA LYS E 67 -8.13 -16.91 22.55
C LYS E 67 -7.43 -16.08 21.46
N ALA E 68 -8.06 -15.90 20.31
CA ALA E 68 -7.35 -15.36 19.17
C ALA E 68 -7.84 -13.96 18.84
N THR E 69 -6.93 -13.13 18.34
CA THR E 69 -7.23 -11.75 17.94
C THR E 69 -6.67 -11.53 16.53
N LEU E 70 -7.54 -11.60 15.54
CA LEU E 70 -7.13 -11.41 14.15
C LEU E 70 -6.92 -9.94 13.83
N THR E 71 -5.79 -9.40 14.28
CA THR E 71 -5.46 -8.00 14.04
C THR E 71 -5.58 -7.65 12.56
N VAL E 72 -5.86 -6.38 12.27
CA VAL E 72 -6.00 -5.93 10.90
C VAL E 72 -4.78 -6.38 10.09
N ASP E 73 -5.03 -7.17 9.04
CA ASP E 73 -3.95 -7.68 8.20
C ASP E 73 -3.07 -6.60 7.59
N LYS E 74 -3.07 -5.42 8.19
CA LYS E 74 -2.26 -4.31 7.69
C LYS E 74 -2.41 -4.18 6.18
N SER E 75 -3.45 -3.43 5.77
CA SER E 75 -3.75 -3.21 4.37
C SER E 75 -2.52 -3.06 3.48
N SER E 76 -1.62 -4.03 3.57
CA SER E 76 -0.40 -4.03 2.78
C SER E 76 -0.22 -5.40 2.14
N SER E 77 0.00 -6.41 2.97
CA SER E 77 0.18 -7.77 2.49
C SER E 77 0.70 -8.67 3.61
N THR E 78 -0.22 -9.15 4.45
CA THR E 78 0.13 -10.01 5.56
C THR E 78 -1.06 -10.24 6.47
N ALA E 79 -1.09 -11.41 7.10
CA ALA E 79 -2.17 -11.77 8.02
C ALA E 79 -1.63 -12.08 9.40
N TYR E 80 -2.31 -11.59 10.43
CA TYR E 80 -1.87 -11.82 11.81
C TYR E 80 -2.89 -12.64 12.60
N MET E 81 -2.39 -13.56 13.42
CA MET E 81 -3.24 -14.41 14.23
C MET E 81 -3.18 -14.05 15.71
N GLN E 82 -2.00 -14.16 16.33
CA GLN E 82 -1.76 -13.72 17.70
C GLN E 82 -2.69 -14.47 18.66
N LEU E 83 -2.37 -15.75 18.85
CA LEU E 83 -3.03 -16.56 19.86
C LEU E 83 -2.44 -16.25 21.22
N LYS E 84 -3.30 -16.21 22.23
CA LYS E 84 -2.92 -15.86 23.58
C LYS E 84 -3.52 -16.87 24.56
N SER E 85 -2.94 -16.92 25.76
CA SER E 85 -3.32 -17.87 26.79
C SER E 85 -3.23 -19.29 26.25
N LEU E 86 -2.02 -19.64 25.80
CA LEU E 86 -1.78 -20.91 25.15
C LEU E 86 -2.06 -22.06 26.10
N THR E 87 -2.64 -23.13 25.55
CA THR E 87 -2.94 -24.34 26.29
C THR E 87 -2.36 -25.53 25.54
N SER E 88 -2.06 -26.60 26.26
CA SER E 88 -1.54 -27.80 25.62
C SER E 88 -2.54 -28.42 24.66
N GLU E 89 -3.83 -28.13 24.83
CA GLU E 89 -4.86 -28.64 23.92
C GLU E 89 -4.92 -27.88 22.60
N ASP E 90 -4.26 -26.73 22.50
CA ASP E 90 -4.27 -25.92 21.29
C ASP E 90 -3.18 -26.30 20.31
N SER E 91 -2.36 -27.30 20.63
CA SER E 91 -1.33 -27.77 19.71
C SER E 91 -1.99 -28.37 18.46
N ALA E 92 -1.89 -27.67 17.34
CA ALA E 92 -2.53 -28.11 16.12
C ALA E 92 -1.90 -27.38 14.94
N VAL E 93 -2.43 -27.64 13.75
CA VAL E 93 -1.97 -27.00 12.52
C VAL E 93 -2.97 -25.92 12.12
N TYR E 94 -2.48 -24.72 11.83
CA TYR E 94 -3.32 -23.57 11.56
C TYR E 94 -3.18 -23.16 10.10
N TYR E 95 -4.25 -23.33 9.33
CA TYR E 95 -4.30 -22.95 7.93
C TYR E 95 -4.97 -21.58 7.77
N CYS E 96 -4.73 -20.94 6.62
CA CYS E 96 -5.48 -19.75 6.23
C CYS E 96 -5.83 -19.83 4.76
N ALA E 97 -6.93 -19.16 4.40
CA ALA E 97 -7.48 -19.22 3.06
C ALA E 97 -8.31 -17.97 2.79
N ARG E 98 -8.23 -17.46 1.55
CA ARG E 98 -8.97 -16.28 1.15
C ARG E 98 -10.40 -16.64 0.79
N SER E 99 -11.24 -15.61 0.75
CA SER E 99 -12.63 -15.75 0.38
C SER E 99 -13.02 -14.58 -0.50
N ARG E 100 -13.80 -14.85 -1.53
CA ARG E 100 -14.28 -13.80 -2.43
C ARG E 100 -15.67 -13.34 -2.02
N GLY E 101 -16.16 -13.86 -0.91
CA GLY E 101 -17.49 -13.56 -0.41
C GLY E 101 -17.75 -12.12 -0.04
N SER E 102 -18.97 -11.69 -0.34
CA SER E 102 -19.43 -10.34 -0.05
C SER E 102 -20.59 -10.48 0.92
N THR E 103 -20.58 -9.65 1.97
CA THR E 103 -21.62 -9.63 3.02
C THR E 103 -21.91 -10.99 3.67
N SER E 104 -23.19 -11.35 3.76
CA SER E 104 -23.62 -12.40 4.68
C SER E 104 -23.55 -13.81 4.09
N TYR E 105 -23.18 -13.92 2.82
CA TYR E 105 -23.10 -15.22 2.17
C TYR E 105 -21.67 -15.66 1.85
N PHE E 106 -21.32 -16.87 2.28
CA PHE E 106 -19.99 -17.41 2.05
C PHE E 106 -19.79 -17.80 0.58
N TYR E 107 -18.65 -17.43 0.01
CA TYR E 107 -18.33 -17.74 -1.38
C TYR E 107 -17.30 -18.86 -1.52
N GLY E 108 -16.98 -19.51 -0.41
CA GLY E 108 -15.98 -20.57 -0.38
C GLY E 108 -14.55 -20.09 -0.33
N MET E 109 -13.63 -20.99 -0.02
CA MET E 109 -12.22 -20.67 0.17
C MET E 109 -11.43 -21.08 -1.07
N ASP E 110 -10.98 -20.07 -1.83
CA ASP E 110 -10.24 -20.28 -3.05
C ASP E 110 -8.96 -21.09 -2.82
N TYR E 111 -7.97 -20.48 -2.17
CA TYR E 111 -6.65 -21.08 -2.04
C TYR E 111 -6.23 -21.05 -0.58
N TRP E 112 -5.35 -21.99 -0.23
CA TRP E 112 -4.95 -22.23 1.14
C TRP E 112 -3.43 -22.19 1.26
N GLY E 113 -2.96 -21.68 2.40
CA GLY E 113 -1.57 -21.83 2.75
C GLY E 113 -1.30 -23.17 3.41
N GLN E 114 -0.04 -23.62 3.34
CA GLN E 114 0.32 -24.95 3.80
C GLN E 114 0.16 -25.13 5.30
N GLY E 115 -0.05 -24.06 6.06
CA GLY E 115 -0.31 -24.18 7.49
C GLY E 115 0.96 -24.23 8.32
N THR E 116 0.78 -24.05 9.63
CA THR E 116 1.89 -24.00 10.58
C THR E 116 1.55 -24.85 11.79
N SER E 117 2.44 -25.79 12.11
CA SER E 117 2.25 -26.68 13.25
C SER E 117 2.70 -25.96 14.50
N VAL E 118 1.75 -25.52 15.32
CA VAL E 118 2.05 -24.84 16.58
C VAL E 118 2.06 -25.88 17.69
N THR E 119 3.20 -26.02 18.36
CA THR E 119 3.38 -26.99 19.44
C THR E 119 3.47 -26.24 20.76
N VAL E 120 2.42 -26.36 21.58
CA VAL E 120 2.41 -25.75 22.90
C VAL E 120 2.97 -26.76 23.89
N SER E 121 4.19 -26.51 24.37
CA SER E 121 4.85 -27.42 25.31
C SER E 121 6.02 -26.69 25.96
N SER E 122 6.37 -27.15 27.16
CA SER E 122 7.53 -26.65 27.88
C SER E 122 8.61 -27.72 27.87
N ALA E 123 9.22 -27.88 26.70
CA ALA E 123 10.25 -28.89 26.49
C ALA E 123 11.43 -28.27 25.76
N LYS E 124 12.61 -28.80 26.03
CA LYS E 124 13.83 -28.32 25.41
C LYS E 124 13.93 -28.79 23.97
N THR E 125 14.51 -27.95 23.12
CA THR E 125 14.84 -28.35 21.76
C THR E 125 16.12 -29.17 21.76
N THR E 126 16.12 -30.25 20.99
CA THR E 126 17.25 -31.17 20.97
C THR E 126 17.54 -31.58 19.54
N ALA E 127 18.83 -31.97 19.29
CA ALA E 127 19.31 -32.36 17.98
C ALA E 127 19.11 -33.85 17.75
N PRO E 128 18.86 -34.24 16.50
CA PRO E 128 18.73 -35.67 16.19
C PRO E 128 20.07 -36.32 15.88
N SER E 129 20.30 -37.48 16.47
CA SER E 129 21.44 -38.32 16.12
C SER E 129 20.94 -39.43 15.22
N VAL E 130 21.53 -39.53 14.03
CA VAL E 130 21.04 -40.44 12.99
C VAL E 130 22.02 -41.60 12.85
N TYR E 131 21.50 -42.74 12.41
CA TYR E 131 22.28 -43.97 12.28
C TYR E 131 21.94 -44.65 10.97
N PRO E 132 22.88 -44.76 10.05
CA PRO E 132 22.59 -45.45 8.78
C PRO E 132 22.36 -46.94 9.02
N LEU E 133 21.42 -47.50 8.26
CA LEU E 133 20.99 -48.88 8.43
C LEU E 133 21.35 -49.67 7.18
N ALA E 134 22.44 -50.46 7.27
CA ALA E 134 22.90 -51.40 6.25
C ALA E 134 22.33 -52.79 6.51
N PRO E 135 21.99 -53.54 5.47
CA PRO E 135 21.26 -54.80 5.69
C PRO E 135 22.14 -56.02 5.80
N VAL E 136 22.25 -56.57 7.00
CA VAL E 136 22.80 -57.89 7.30
C VAL E 136 24.07 -58.16 6.51
N CYS E 137 24.26 -59.42 6.10
CA CYS E 137 25.37 -59.82 5.26
C CYS E 137 24.90 -60.99 4.39
N GLY E 138 25.76 -61.44 3.49
CA GLY E 138 25.41 -62.49 2.56
C GLY E 138 25.25 -62.04 1.13
N ASP E 139 25.40 -60.74 0.87
CA ASP E 139 25.58 -60.07 -0.41
C ASP E 139 24.25 -59.78 -1.11
N THR E 140 23.12 -60.30 -0.62
CA THR E 140 21.79 -59.95 -1.12
C THR E 140 21.69 -60.12 -2.64
N THR E 141 21.85 -61.38 -3.08
CA THR E 141 21.91 -61.66 -4.51
C THR E 141 20.58 -61.39 -5.20
N GLY E 142 19.48 -61.39 -4.43
CA GLY E 142 18.20 -60.99 -4.97
C GLY E 142 18.22 -59.62 -5.61
N SER E 143 17.20 -59.35 -6.43
CA SER E 143 17.16 -58.15 -7.25
C SER E 143 17.27 -56.88 -6.43
N SER E 144 16.50 -56.77 -5.35
CA SER E 144 16.37 -55.53 -4.60
C SER E 144 17.08 -55.61 -3.25
N VAL E 145 17.67 -54.49 -2.83
CA VAL E 145 18.22 -54.32 -1.49
C VAL E 145 17.52 -53.14 -0.84
N THR E 146 17.46 -53.16 0.50
CA THR E 146 16.73 -52.15 1.25
C THR E 146 17.63 -51.53 2.30
N LEU E 147 17.48 -50.21 2.50
CA LEU E 147 18.26 -49.46 3.46
C LEU E 147 17.33 -48.62 4.32
N GLY E 148 17.86 -48.10 5.42
CA GLY E 148 17.03 -47.34 6.34
C GLY E 148 17.79 -46.21 7.03
N CYS E 149 17.02 -45.28 7.57
CA CYS E 149 17.50 -44.15 8.34
C CYS E 149 16.66 -44.09 9.61
N LEU E 150 17.28 -43.77 10.74
CA LEU E 150 16.60 -43.93 12.02
C LEU E 150 16.35 -42.62 12.78
N VAL E 151 17.24 -41.64 12.66
CA VAL E 151 17.10 -40.29 13.22
C VAL E 151 16.34 -40.28 14.55
N LYS E 152 16.99 -40.75 15.60
CA LYS E 152 16.33 -40.96 16.89
C LYS E 152 16.59 -39.80 17.83
N GLY E 153 15.63 -39.55 18.73
CA GLY E 153 15.77 -38.56 19.77
C GLY E 153 15.93 -37.13 19.31
N TYR E 154 14.83 -36.50 18.88
CA TYR E 154 14.85 -35.10 18.49
C TYR E 154 13.56 -34.43 18.91
N PHE E 155 13.59 -33.09 18.89
CA PHE E 155 12.45 -32.27 19.32
C PHE E 155 12.73 -30.82 18.95
N PRO E 156 11.73 -30.11 18.43
CA PRO E 156 10.38 -30.59 18.12
C PRO E 156 10.21 -31.01 16.66
N GLU E 157 8.98 -30.93 16.18
CA GLU E 157 8.65 -31.34 14.82
C GLU E 157 8.56 -30.11 13.90
N PRO E 158 8.82 -30.31 12.59
CA PRO E 158 9.26 -31.56 11.98
C PRO E 158 10.73 -31.57 11.57
N VAL E 159 11.19 -32.73 11.13
CA VAL E 159 12.51 -32.89 10.52
C VAL E 159 12.31 -33.37 9.09
N THR E 160 13.16 -32.88 8.19
CA THR E 160 13.05 -33.15 6.77
C THR E 160 14.08 -34.19 6.37
N LEU E 161 13.61 -35.30 5.81
CA LEU E 161 14.46 -36.42 5.39
C LEU E 161 14.46 -36.51 3.87
N THR E 162 15.64 -36.59 3.29
CA THR E 162 15.81 -36.67 1.84
C THR E 162 16.99 -37.58 1.54
N TRP E 163 16.91 -38.29 0.41
CA TRP E 163 17.90 -39.29 0.04
C TRP E 163 18.75 -38.77 -1.11
N ASN E 164 20.07 -38.73 -0.89
CA ASN E 164 21.05 -38.35 -1.90
C ASN E 164 20.72 -36.98 -2.51
N SER E 165 20.72 -35.97 -1.65
CA SER E 165 20.52 -34.57 -2.01
C SER E 165 19.16 -34.32 -2.66
N GLY E 166 18.26 -35.29 -2.65
CA GLY E 166 16.96 -35.15 -3.24
C GLY E 166 16.79 -35.78 -4.61
N SER E 167 17.88 -36.20 -5.25
CA SER E 167 17.77 -36.84 -6.56
C SER E 167 16.94 -38.12 -6.48
N LEU E 168 17.28 -39.00 -5.54
CA LEU E 168 16.58 -40.26 -5.36
C LEU E 168 15.25 -39.99 -4.65
N SER E 169 14.16 -40.05 -5.41
CA SER E 169 12.82 -39.93 -4.85
C SER E 169 11.90 -41.06 -5.26
N SER E 170 12.36 -41.99 -6.11
CA SER E 170 11.42 -42.87 -6.80
C SER E 170 10.95 -44.01 -5.90
N GLY E 171 11.81 -44.52 -5.03
CA GLY E 171 11.58 -45.79 -4.39
C GLY E 171 11.43 -45.83 -2.87
N VAL E 172 11.28 -44.66 -2.22
CA VAL E 172 11.31 -44.57 -0.77
C VAL E 172 10.07 -43.84 -0.26
N HIS E 173 9.52 -44.34 0.86
CA HIS E 173 8.50 -43.66 1.63
C HIS E 173 8.99 -43.51 3.07
N THR E 174 8.63 -42.41 3.71
CA THR E 174 9.09 -42.10 5.06
C THR E 174 7.93 -42.25 6.05
N PHE E 175 8.27 -42.78 7.27
CA PHE E 175 7.28 -43.15 8.26
C PHE E 175 7.11 -42.04 9.31
N PRO E 176 5.90 -41.86 9.81
CA PRO E 176 5.66 -40.81 10.82
C PRO E 176 6.46 -41.06 12.09
N ALA E 177 6.68 -39.98 12.82
CA ALA E 177 7.44 -40.04 14.07
C ALA E 177 6.55 -40.55 15.19
N LEU E 178 7.19 -40.94 16.30
CA LEU E 178 6.50 -41.50 17.45
C LEU E 178 7.02 -40.86 18.73
N LEU E 179 6.09 -40.35 19.54
CA LEU E 179 6.42 -39.75 20.83
C LEU E 179 6.93 -40.82 21.78
N GLN E 180 8.21 -40.75 22.15
CA GLN E 180 8.84 -41.72 23.04
C GLN E 180 9.60 -40.96 24.12
N SER E 181 9.01 -40.90 25.32
CA SER E 181 9.65 -40.30 26.49
C SER E 181 10.07 -38.85 26.23
N GLY E 182 9.16 -38.08 25.63
CA GLY E 182 9.43 -36.68 25.37
C GLY E 182 10.32 -36.40 24.17
N LEU E 183 10.59 -37.40 23.33
CA LEU E 183 11.39 -37.23 22.13
C LEU E 183 10.67 -37.87 20.95
N TYR E 184 11.26 -37.72 19.76
CA TYR E 184 10.67 -38.20 18.52
C TYR E 184 11.60 -39.23 17.86
N THR E 185 11.01 -40.03 16.97
CA THR E 185 11.73 -41.11 16.30
C THR E 185 10.95 -41.51 15.06
N LEU E 186 11.58 -41.45 13.90
CA LEU E 186 10.96 -41.87 12.64
C LEU E 186 12.01 -42.59 11.80
N SER E 187 11.55 -43.49 10.95
CA SER E 187 12.44 -44.23 10.07
C SER E 187 11.99 -44.05 8.62
N SER E 188 12.95 -44.17 7.70
CA SER E 188 12.69 -44.03 6.28
C SER E 188 13.36 -45.19 5.55
N SER E 189 12.59 -45.93 4.77
CA SER E 189 13.02 -47.17 4.13
C SER E 189 13.10 -46.97 2.61
N VAL E 190 14.33 -46.91 2.09
CA VAL E 190 14.57 -46.74 0.66
C VAL E 190 14.87 -48.10 0.05
N THR E 191 14.34 -48.33 -1.15
CA THR E 191 14.49 -49.60 -1.86
C THR E 191 15.04 -49.32 -3.26
N VAL E 192 16.17 -49.95 -3.59
CA VAL E 192 16.78 -49.84 -4.90
C VAL E 192 17.21 -51.24 -5.35
N THR E 193 17.49 -51.38 -6.64
CA THR E 193 17.97 -52.65 -7.16
C THR E 193 19.41 -52.89 -6.74
N SER E 194 19.77 -54.17 -6.64
CA SER E 194 21.12 -54.57 -6.26
C SER E 194 22.15 -54.23 -7.33
N ASN E 195 21.71 -53.77 -8.50
CA ASN E 195 22.64 -53.38 -9.56
C ASN E 195 23.55 -52.24 -9.12
N THR E 196 23.06 -51.34 -8.27
CA THR E 196 23.87 -50.17 -7.93
C THR E 196 24.18 -50.11 -6.43
N TRP E 197 24.96 -51.07 -5.93
CA TRP E 197 25.33 -51.09 -4.52
C TRP E 197 26.42 -52.11 -4.26
N PRO E 198 27.44 -51.75 -3.47
CA PRO E 198 27.59 -50.41 -2.90
C PRO E 198 28.52 -49.49 -3.72
N SER E 199 28.67 -49.76 -5.02
CA SER E 199 29.48 -48.88 -5.86
C SER E 199 28.85 -47.50 -5.96
N GLN E 200 27.54 -47.45 -6.17
CA GLN E 200 26.79 -46.19 -6.21
C GLN E 200 26.35 -45.85 -4.79
N THR E 201 26.93 -44.80 -4.23
CA THR E 201 26.71 -44.45 -2.83
C THR E 201 25.36 -43.74 -2.68
N ILE E 202 24.50 -44.31 -1.84
CA ILE E 202 23.22 -43.71 -1.48
C ILE E 202 23.32 -43.26 -0.03
N THR E 203 22.90 -42.01 0.24
CA THR E 203 23.10 -41.42 1.55
C THR E 203 21.84 -40.69 2.02
N CYS E 204 21.67 -40.66 3.34
CA CYS E 204 20.51 -40.05 3.98
C CYS E 204 20.87 -38.62 4.38
N ASN E 205 19.96 -37.69 4.10
CA ASN E 205 20.14 -36.27 4.39
C ASN E 205 19.07 -35.84 5.40
N VAL E 206 19.51 -35.43 6.58
CA VAL E 206 18.64 -35.06 7.68
C VAL E 206 18.92 -33.61 8.05
N ALA E 207 17.85 -32.81 8.15
CA ALA E 207 17.96 -31.38 8.46
C ALA E 207 16.89 -31.04 9.49
N HIS E 208 17.32 -30.58 10.67
CA HIS E 208 16.41 -30.21 11.74
C HIS E 208 16.39 -28.69 11.88
N PRO E 209 15.24 -28.05 11.68
CA PRO E 209 15.20 -26.58 11.72
C PRO E 209 15.61 -25.97 13.05
N ALA E 210 14.90 -26.34 14.13
CA ALA E 210 15.10 -25.66 15.41
C ALA E 210 16.53 -25.80 15.91
N SER E 211 17.07 -27.02 15.87
CA SER E 211 18.42 -27.26 16.37
C SER E 211 19.51 -26.85 15.37
N SER E 212 19.13 -26.49 14.15
CA SER E 212 20.07 -26.00 13.13
C SER E 212 21.16 -27.04 12.85
N THR E 213 20.73 -28.21 12.40
CA THR E 213 21.62 -29.34 12.10
C THR E 213 21.43 -29.80 10.66
N LYS E 214 22.46 -30.46 10.14
CA LYS E 214 22.48 -30.96 8.77
C LYS E 214 23.44 -32.13 8.73
N VAL E 215 22.90 -33.35 8.68
CA VAL E 215 23.69 -34.58 8.80
C VAL E 215 23.60 -35.34 7.49
N ASP E 216 24.74 -35.83 7.01
CA ASP E 216 24.82 -36.69 5.84
C ASP E 216 25.66 -37.91 6.23
N LYS E 217 25.01 -39.03 6.51
CA LYS E 217 25.70 -40.26 6.87
C LYS E 217 25.67 -41.22 5.69
N LYS E 218 26.79 -41.92 5.47
CA LYS E 218 26.95 -42.83 4.35
C LYS E 218 26.81 -44.27 4.84
N ILE E 219 25.95 -45.04 4.18
CA ILE E 219 25.68 -46.41 4.61
C ILE E 219 26.90 -47.27 4.33
N GLU E 220 27.46 -47.86 5.39
CA GLU E 220 28.60 -48.75 5.24
C GLU E 220 28.16 -50.07 4.63
N PRO E 221 28.96 -50.65 3.71
CA PRO E 221 28.58 -51.92 3.07
C PRO E 221 28.42 -53.07 4.06
N ILE F 1 -38.87 21.56 -61.48
CA ILE F 1 -40.10 22.16 -61.01
C ILE F 1 -40.47 21.62 -59.63
N GLU F 2 -39.44 21.30 -58.84
CA GLU F 2 -39.62 20.74 -57.51
C GLU F 2 -39.22 21.71 -56.41
N LYS F 3 -39.11 23.00 -56.73
CA LYS F 3 -38.64 24.00 -55.77
C LYS F 3 -39.62 24.28 -54.65
N LYS F 4 -40.78 23.62 -54.63
CA LYS F 4 -41.71 23.71 -53.51
C LYS F 4 -41.22 22.93 -52.29
N ILE F 5 -40.13 22.17 -52.43
CA ILE F 5 -39.56 21.43 -51.30
C ILE F 5 -38.56 22.27 -50.52
N VAL F 6 -37.86 23.16 -51.20
CA VAL F 6 -36.76 23.96 -50.67
C VAL F 6 -37.12 24.67 -49.38
N LEU F 7 -36.19 24.72 -48.43
CA LEU F 7 -36.42 25.37 -47.14
C LEU F 7 -36.29 26.88 -47.27
N ARG F 8 -37.36 27.60 -46.94
CA ARG F 8 -37.38 29.05 -47.03
C ARG F 8 -38.48 29.57 -46.12
N ASN F 9 -38.51 30.89 -45.92
CA ASN F 9 -39.56 31.51 -45.12
C ASN F 9 -40.91 31.48 -45.81
N GLY F 10 -40.99 31.03 -47.07
CA GLY F 10 -42.23 31.09 -47.80
C GLY F 10 -42.90 29.76 -48.10
N THR F 11 -42.11 28.75 -48.47
CA THR F 11 -42.66 27.48 -48.92
C THR F 11 -43.45 26.79 -47.81
N GLU F 12 -44.26 25.81 -48.20
CA GLU F 12 -45.04 25.03 -47.27
C GLU F 12 -44.22 23.99 -46.52
N ALA F 13 -42.98 23.74 -46.95
CA ALA F 13 -42.11 22.80 -46.25
C ALA F 13 -41.54 23.38 -44.96
N PHE F 14 -41.50 24.71 -44.83
CA PHE F 14 -41.04 25.31 -43.58
C PHE F 14 -42.05 25.10 -42.47
N ASP F 15 -43.35 25.19 -42.80
CA ASP F 15 -44.39 24.91 -41.81
C ASP F 15 -44.30 23.48 -41.32
N SER F 16 -43.98 22.54 -42.22
CA SER F 16 -43.75 21.16 -41.83
C SER F 16 -42.47 21.01 -41.01
N TRP F 17 -41.50 21.89 -41.24
CA TRP F 17 -40.17 21.76 -40.63
C TRP F 17 -40.06 22.42 -39.28
N GLU F 18 -40.90 23.41 -38.97
CA GLU F 18 -40.85 24.04 -37.65
C GLU F 18 -41.53 23.20 -36.59
N LYS F 19 -42.61 22.50 -36.96
CA LYS F 19 -43.34 21.64 -36.03
C LYS F 19 -43.97 20.54 -36.86
N PRO F 20 -43.35 19.37 -36.92
CA PRO F 20 -43.87 18.28 -37.76
C PRO F 20 -45.29 17.93 -37.35
N PRO F 21 -46.23 17.96 -38.30
CA PRO F 21 -47.60 17.56 -37.98
C PRO F 21 -47.73 16.10 -37.59
N LEU F 22 -46.72 15.28 -37.89
CA LEU F 22 -46.77 13.87 -37.53
C LEU F 22 -46.42 13.70 -36.05
N PRO F 23 -47.18 12.91 -35.30
CA PRO F 23 -46.85 12.69 -33.89
C PRO F 23 -45.85 11.54 -33.74
N VAL F 24 -44.81 11.77 -32.96
CA VAL F 24 -43.77 10.78 -32.70
C VAL F 24 -44.02 10.17 -31.33
N TYR F 25 -43.91 8.85 -31.25
CA TYR F 25 -44.12 8.10 -30.02
C TYR F 25 -42.83 7.37 -29.65
N THR F 26 -42.48 7.43 -28.37
CA THR F 26 -41.29 6.76 -27.83
C THR F 26 -41.71 5.86 -26.68
N GLN F 27 -41.36 4.58 -26.78
CA GLN F 27 -41.78 3.57 -25.81
C GLN F 27 -40.56 2.89 -25.22
N PHE F 28 -40.55 2.73 -23.90
CA PHE F 28 -39.39 2.23 -23.17
C PHE F 28 -39.65 0.82 -22.66
N TYR F 29 -38.63 -0.04 -22.78
CA TYR F 29 -38.70 -1.43 -22.39
C TYR F 29 -37.52 -1.74 -21.47
N PHE F 30 -37.81 -2.00 -20.20
CA PHE F 30 -36.78 -2.28 -19.20
C PHE F 30 -36.57 -3.79 -19.03
N PHE F 31 -35.41 -4.14 -18.48
CA PHE F 31 -35.04 -5.52 -18.23
C PHE F 31 -34.97 -5.72 -16.72
N ASN F 32 -35.89 -6.50 -16.18
CA ASN F 32 -35.99 -6.75 -14.76
C ASN F 32 -35.09 -7.93 -14.38
N VAL F 33 -34.30 -7.76 -13.32
CA VAL F 33 -33.36 -8.79 -12.89
C VAL F 33 -34.09 -9.78 -12.00
N THR F 34 -34.17 -11.03 -12.46
CA THR F 34 -34.87 -12.07 -11.70
C THR F 34 -34.01 -12.59 -10.56
N ASN F 35 -32.73 -12.82 -10.80
CA ASN F 35 -31.83 -13.52 -9.88
C ASN F 35 -30.61 -12.65 -9.59
N PRO F 36 -30.78 -11.53 -8.89
CA PRO F 36 -29.62 -10.66 -8.64
C PRO F 36 -28.61 -11.28 -7.70
N GLU F 37 -29.08 -12.02 -6.69
CA GLU F 37 -28.18 -12.61 -5.72
C GLU F 37 -27.34 -13.73 -6.33
N GLU F 38 -27.81 -14.34 -7.41
CA GLU F 38 -27.08 -15.42 -8.05
C GLU F 38 -26.07 -14.94 -9.08
N ILE F 39 -26.17 -13.68 -9.51
CA ILE F 39 -25.18 -13.16 -10.44
C ILE F 39 -23.85 -12.94 -9.75
N LEU F 40 -23.87 -12.48 -8.49
CA LEU F 40 -22.63 -12.19 -7.79
C LEU F 40 -21.88 -13.47 -7.42
N ARG F 41 -22.59 -14.60 -7.30
CA ARG F 41 -21.95 -15.88 -7.08
C ARG F 41 -21.22 -16.37 -8.32
N GLY F 42 -21.53 -15.82 -9.48
CA GLY F 42 -20.88 -16.19 -10.72
C GLY F 42 -21.74 -17.07 -11.59
N GLU F 43 -22.98 -16.66 -11.83
CA GLU F 43 -23.91 -17.44 -12.63
C GLU F 43 -24.55 -16.56 -13.70
N THR F 44 -25.25 -17.21 -14.62
CA THR F 44 -25.82 -16.52 -15.77
C THR F 44 -27.08 -15.76 -15.36
N PRO F 45 -27.16 -14.45 -15.66
CA PRO F 45 -28.33 -13.68 -15.23
C PRO F 45 -29.58 -14.10 -15.99
N ARG F 46 -30.72 -13.72 -15.42
CA ARG F 46 -32.03 -13.94 -16.02
C ARG F 46 -32.81 -12.64 -15.98
N VAL F 47 -33.20 -12.13 -17.15
CA VAL F 47 -33.90 -10.86 -17.23
C VAL F 47 -35.31 -11.11 -17.75
N GLU F 48 -36.17 -10.11 -17.55
CA GLU F 48 -37.58 -10.16 -17.91
C GLU F 48 -37.94 -8.87 -18.63
N GLU F 49 -38.82 -8.98 -19.62
CA GLU F 49 -39.17 -7.84 -20.47
C GLU F 49 -40.35 -7.09 -19.87
N VAL F 50 -40.13 -5.82 -19.53
CA VAL F 50 -41.16 -4.97 -18.95
C VAL F 50 -41.44 -3.83 -19.92
N GLY F 51 -42.73 -3.52 -20.10
CA GLY F 51 -43.13 -2.46 -21.00
C GLY F 51 -44.27 -2.87 -21.91
N PRO F 52 -44.66 -1.97 -22.83
CA PRO F 52 -44.05 -0.66 -23.08
C PRO F 52 -44.48 0.45 -22.12
N TYR F 53 -43.60 1.43 -21.93
CA TYR F 53 -43.90 2.70 -21.28
C TYR F 53 -43.75 3.77 -22.34
N THR F 54 -44.86 4.18 -22.95
CA THR F 54 -44.85 5.03 -24.13
C THR F 54 -45.01 6.50 -23.76
N TYR F 55 -44.16 7.34 -24.32
CA TYR F 55 -44.30 8.79 -24.24
C TYR F 55 -44.45 9.35 -25.65
N ARG F 56 -45.02 10.54 -25.74
CA ARG F 56 -45.21 11.21 -27.02
C ARG F 56 -44.31 12.44 -27.08
N GLU F 57 -43.62 12.63 -28.20
CA GLU F 57 -42.65 13.71 -28.33
C GLU F 57 -43.28 14.99 -28.85
N LEU F 58 -42.89 16.12 -28.25
CA LEU F 58 -43.30 17.46 -28.67
C LEU F 58 -42.08 18.13 -29.31
N ARG F 59 -41.96 17.99 -30.64
CA ARG F 59 -40.80 18.46 -31.36
C ARG F 59 -41.05 19.87 -31.90
N ASN F 60 -40.13 20.78 -31.58
CA ASN F 60 -40.18 22.17 -32.00
C ASN F 60 -38.84 22.54 -32.65
N LYS F 61 -38.79 23.76 -33.19
CA LYS F 61 -37.58 24.31 -33.78
C LYS F 61 -37.48 25.77 -33.34
N ALA F 62 -36.63 26.04 -32.36
CA ALA F 62 -36.44 27.37 -31.82
C ALA F 62 -35.14 27.98 -32.35
N ASN F 63 -35.06 29.31 -32.26
CA ASN F 63 -33.87 30.09 -32.64
C ASN F 63 -33.49 29.82 -34.10
N ILE F 64 -34.29 30.40 -35.00
CA ILE F 64 -34.13 30.22 -36.43
C ILE F 64 -33.67 31.54 -37.03
N GLN F 65 -32.53 31.51 -37.73
CA GLN F 65 -32.00 32.68 -38.42
C GLN F 65 -31.33 32.20 -39.69
N PHE F 66 -31.75 32.76 -40.83
CA PHE F 66 -31.16 32.39 -42.11
C PHE F 66 -29.71 32.87 -42.18
N GLY F 67 -28.86 32.07 -42.83
CA GLY F 67 -27.45 32.37 -42.89
C GLY F 67 -26.95 32.37 -44.33
N ASP F 68 -25.76 32.92 -44.50
CA ASP F 68 -25.08 33.04 -45.80
C ASP F 68 -26.01 33.78 -46.75
N ASN F 69 -26.22 33.30 -47.97
CA ASN F 69 -27.12 33.92 -48.93
C ASN F 69 -28.55 33.41 -48.80
N GLY F 70 -28.88 32.75 -47.69
CA GLY F 70 -30.08 31.96 -47.60
C GLY F 70 -29.87 30.50 -47.92
N THR F 71 -28.63 30.06 -48.09
CA THR F 71 -28.30 28.67 -48.39
C THR F 71 -28.08 27.83 -47.13
N THR F 72 -28.11 28.45 -45.95
CA THR F 72 -28.03 27.72 -44.68
C THR F 72 -29.06 28.28 -43.72
N ILE F 73 -29.35 27.50 -42.68
CA ILE F 73 -30.32 27.87 -41.66
C ILE F 73 -29.91 27.22 -40.35
N SER F 74 -30.20 27.90 -39.24
CA SER F 74 -29.81 27.46 -37.91
C SER F 74 -31.05 27.33 -37.04
N ALA F 75 -31.03 26.34 -36.15
CA ALA F 75 -32.12 26.10 -35.23
C ALA F 75 -31.70 25.05 -34.20
N VAL F 76 -32.39 25.07 -33.06
CA VAL F 76 -32.25 24.05 -32.02
C VAL F 76 -33.60 23.36 -31.88
N SER F 77 -33.56 22.05 -31.63
CA SER F 77 -34.75 21.20 -31.60
C SER F 77 -35.07 20.81 -30.16
N ASN F 78 -36.05 21.51 -29.58
CA ASN F 78 -36.50 21.18 -28.23
C ASN F 78 -37.49 20.03 -28.27
N LYS F 79 -37.25 19.01 -27.45
CA LYS F 79 -38.08 17.81 -27.39
C LYS F 79 -38.66 17.68 -25.99
N ALA F 80 -39.99 17.59 -25.91
CA ALA F 80 -40.69 17.31 -24.68
C ALA F 80 -41.26 15.89 -24.73
N TYR F 81 -41.75 15.40 -23.58
CA TYR F 81 -42.21 14.02 -23.46
C TYR F 81 -43.49 14.00 -22.61
N VAL F 82 -44.64 14.00 -23.28
CA VAL F 82 -45.92 13.85 -22.60
C VAL F 82 -46.17 12.37 -22.36
N PHE F 83 -46.59 12.02 -21.14
CA PHE F 83 -46.79 10.62 -20.80
C PHE F 83 -48.15 10.13 -21.28
N GLU F 84 -48.15 9.18 -22.21
CA GLU F 84 -49.38 8.54 -22.67
C GLU F 84 -49.59 7.26 -21.88
N ARG F 85 -50.72 7.17 -21.18
CA ARG F 85 -50.98 6.05 -20.29
C ARG F 85 -51.64 4.88 -21.00
N ASP F 86 -52.55 5.15 -21.93
CA ASP F 86 -53.34 4.09 -22.55
C ASP F 86 -52.50 3.15 -23.40
N GLN F 87 -51.29 3.56 -23.78
CA GLN F 87 -50.36 2.66 -24.45
C GLN F 87 -49.30 2.08 -23.51
N SER F 88 -49.14 2.65 -22.32
CA SER F 88 -48.25 2.06 -21.33
C SER F 88 -48.94 0.91 -20.59
N VAL F 89 -48.14 0.14 -19.86
CA VAL F 89 -48.69 -0.97 -19.09
C VAL F 89 -49.08 -0.53 -17.68
N GLY F 90 -48.24 0.29 -17.05
CA GLY F 90 -48.53 0.78 -15.72
C GLY F 90 -47.94 2.15 -15.51
N ASP F 91 -48.23 2.72 -14.35
CA ASP F 91 -47.71 4.04 -14.02
C ASP F 91 -46.22 3.94 -13.75
N PRO F 92 -45.38 4.72 -14.43
CA PRO F 92 -43.93 4.63 -14.19
C PRO F 92 -43.52 5.13 -12.82
N LYS F 93 -44.37 5.90 -12.13
CA LYS F 93 -44.08 6.36 -10.79
C LYS F 93 -44.44 5.34 -9.72
N ILE F 94 -45.24 4.33 -10.07
CA ILE F 94 -45.63 3.29 -9.13
C ILE F 94 -44.91 1.97 -9.42
N ASP F 95 -44.70 1.67 -10.70
CA ASP F 95 -44.10 0.40 -11.11
C ASP F 95 -42.59 0.43 -10.88
N LEU F 96 -42.11 -0.42 -9.98
CA LEU F 96 -40.70 -0.49 -9.67
C LEU F 96 -40.00 -1.46 -10.62
N ILE F 97 -38.70 -1.21 -10.82
CA ILE F 97 -37.83 -2.15 -11.53
C ILE F 97 -36.51 -2.23 -10.78
N ARG F 98 -35.82 -3.33 -10.98
CA ARG F 98 -34.56 -3.63 -10.28
C ARG F 98 -33.48 -3.85 -11.33
N THR F 99 -32.62 -2.86 -11.52
CA THR F 99 -31.52 -2.97 -12.47
C THR F 99 -30.19 -2.65 -11.80
N LEU F 100 -29.16 -2.47 -12.61
CA LEU F 100 -27.83 -2.15 -12.08
C LEU F 100 -27.81 -0.76 -11.46
N ASN F 101 -27.09 -0.63 -10.35
CA ASN F 101 -26.80 0.68 -9.80
C ASN F 101 -25.73 1.33 -10.68
N ILE F 102 -26.17 1.96 -11.77
CA ILE F 102 -25.27 2.57 -12.75
C ILE F 102 -24.48 3.73 -12.14
N PRO F 103 -25.06 4.56 -11.26
CA PRO F 103 -24.24 5.60 -10.61
C PRO F 103 -22.97 5.08 -9.95
N VAL F 104 -23.04 3.97 -9.21
CA VAL F 104 -21.84 3.47 -8.54
C VAL F 104 -20.91 2.70 -9.47
N LEU F 105 -21.36 2.35 -10.67
CA LEU F 105 -20.46 1.78 -11.67
C LEU F 105 -19.69 2.85 -12.42
N THR F 106 -20.29 4.05 -12.55
CA THR F 106 -19.58 5.15 -13.18
C THR F 106 -18.47 5.67 -12.29
N VAL F 107 -18.74 5.79 -10.98
CA VAL F 107 -17.74 6.29 -10.04
C VAL F 107 -16.61 5.31 -9.81
N ILE F 108 -16.75 4.05 -10.26
CA ILE F 108 -15.61 3.14 -10.29
C ILE F 108 -14.84 3.29 -11.59
N GLU F 109 -15.52 3.63 -12.69
CA GLU F 109 -14.83 3.97 -13.92
C GLU F 109 -14.12 5.31 -13.79
N TRP F 110 -14.66 6.23 -13.00
CA TRP F 110 -13.94 7.46 -12.69
C TRP F 110 -12.80 7.20 -11.71
N SER F 111 -12.97 6.23 -10.81
CA SER F 111 -11.94 5.86 -9.84
C SER F 111 -10.64 5.56 -10.54
N GLN F 112 -10.59 4.43 -11.26
CA GLN F 112 -9.58 4.26 -12.29
C GLN F 112 -9.65 5.44 -13.25
N VAL F 113 -8.54 5.74 -13.91
CA VAL F 113 -8.33 6.95 -14.73
C VAL F 113 -8.14 8.14 -13.79
N HIS F 114 -8.06 7.85 -12.49
CA HIS F 114 -7.46 8.76 -11.50
C HIS F 114 -8.16 10.12 -11.42
N PHE F 115 -9.42 10.15 -11.83
CA PHE F 115 -10.34 11.18 -11.38
C PHE F 115 -10.72 10.80 -9.96
N LEU F 116 -10.14 11.48 -8.97
CA LEU F 116 -10.56 11.35 -7.58
C LEU F 116 -10.34 9.94 -7.05
N ARG F 117 -9.33 9.25 -7.58
CA ARG F 117 -9.10 7.86 -7.21
C ARG F 117 -9.10 7.71 -5.69
N GLU F 118 -8.39 8.59 -5.00
CA GLU F 118 -8.19 8.42 -3.57
C GLU F 118 -9.48 8.67 -2.78
N ILE F 119 -10.22 9.74 -3.11
CA ILE F 119 -11.40 10.08 -2.34
C ILE F 119 -12.57 9.16 -2.68
N ILE F 120 -12.72 8.79 -3.96
CA ILE F 120 -13.79 7.89 -4.37
C ILE F 120 -13.67 6.57 -3.62
N GLU F 121 -12.47 5.97 -3.62
CA GLU F 121 -12.27 4.69 -2.98
C GLU F 121 -12.58 4.75 -1.48
N ALA F 122 -12.26 5.89 -0.84
CA ALA F 122 -12.42 5.98 0.61
C ALA F 122 -13.91 6.04 0.99
N MET F 123 -14.70 6.81 0.23
CA MET F 123 -16.14 6.86 0.47
C MET F 123 -16.79 5.48 0.30
N LEU F 124 -16.38 4.76 -0.75
CA LEU F 124 -16.97 3.46 -1.01
C LEU F 124 -16.78 2.49 0.15
N LYS F 125 -15.60 2.51 0.77
CA LYS F 125 -15.38 1.62 1.92
C LYS F 125 -16.13 2.08 3.17
N ALA F 126 -16.58 3.33 3.21
CA ALA F 126 -17.34 3.87 4.35
C ALA F 126 -18.84 3.78 4.15
N TYR F 127 -19.32 3.92 2.93
CA TYR F 127 -20.75 3.84 2.61
C TYR F 127 -20.96 2.69 1.64
N GLN F 128 -21.32 1.52 2.18
CA GLN F 128 -21.47 0.32 1.37
C GLN F 128 -22.63 0.47 0.39
N GLN F 129 -22.39 0.06 -0.85
CA GLN F 129 -23.34 0.27 -1.93
C GLN F 129 -23.73 -1.07 -2.56
N LYS F 130 -25.02 -1.24 -2.82
CA LYS F 130 -25.53 -2.46 -3.41
C LYS F 130 -25.35 -2.41 -4.93
N LEU F 131 -25.02 -3.57 -5.52
CA LEU F 131 -24.80 -3.61 -6.96
C LEU F 131 -26.11 -3.52 -7.73
N PHE F 132 -27.23 -3.94 -7.13
CA PHE F 132 -28.54 -3.91 -7.75
C PHE F 132 -29.48 -3.07 -6.90
N VAL F 133 -29.98 -1.99 -7.49
CA VAL F 133 -30.90 -1.10 -6.81
C VAL F 133 -32.32 -1.40 -7.29
N THR F 134 -33.31 -0.80 -6.61
CA THR F 134 -34.71 -0.96 -6.99
C THR F 134 -35.37 0.41 -6.90
N HIS F 135 -35.61 1.02 -8.05
CA HIS F 135 -36.27 2.31 -8.12
C HIS F 135 -37.47 2.22 -9.06
N THR F 136 -38.40 3.16 -8.89
CA THR F 136 -39.54 3.22 -9.79
C THR F 136 -39.08 3.60 -11.20
N VAL F 137 -39.89 3.23 -12.19
CA VAL F 137 -39.54 3.49 -13.59
C VAL F 137 -39.38 4.99 -13.81
N ASP F 138 -40.32 5.78 -13.30
CA ASP F 138 -40.31 7.23 -13.53
C ASP F 138 -39.00 7.88 -13.06
N GLU F 139 -38.25 7.22 -12.18
CA GLU F 139 -37.00 7.77 -11.68
C GLU F 139 -35.79 7.40 -12.53
N LEU F 140 -35.81 6.24 -13.18
CA LEU F 140 -34.62 5.78 -13.89
C LEU F 140 -34.34 6.64 -15.12
N LEU F 141 -35.38 7.11 -15.81
CA LEU F 141 -35.16 7.94 -16.99
C LEU F 141 -35.40 9.43 -16.72
N TRP F 142 -36.05 9.79 -15.61
CA TRP F 142 -36.29 11.20 -15.29
C TRP F 142 -35.60 11.61 -14.00
N GLY F 143 -34.43 11.04 -13.73
CA GLY F 143 -33.61 11.50 -12.62
C GLY F 143 -33.96 10.93 -11.25
N TYR F 144 -32.93 10.52 -10.50
CA TYR F 144 -33.10 10.14 -9.11
C TYR F 144 -31.78 10.39 -8.39
N LYS F 145 -31.87 10.82 -7.13
CA LYS F 145 -30.70 11.27 -6.37
C LYS F 145 -29.97 10.08 -5.76
N ASP F 146 -28.67 9.97 -6.02
CA ASP F 146 -27.84 8.91 -5.50
C ASP F 146 -27.02 9.42 -4.31
N GLU F 147 -26.73 8.52 -3.38
CA GLU F 147 -25.94 8.88 -2.21
C GLU F 147 -24.50 9.22 -2.60
N ILE F 148 -23.87 8.37 -3.41
CA ILE F 148 -22.47 8.57 -3.76
C ILE F 148 -22.28 9.88 -4.51
N LEU F 149 -23.08 10.09 -5.55
CA LEU F 149 -22.93 11.29 -6.37
C LEU F 149 -23.20 12.55 -5.57
N SER F 150 -24.14 12.49 -4.63
CA SER F 150 -24.43 13.66 -3.80
C SER F 150 -23.22 14.05 -2.97
N LEU F 151 -22.54 13.07 -2.39
CA LEU F 151 -21.37 13.37 -1.57
C LEU F 151 -20.20 13.82 -2.44
N ILE F 152 -20.12 13.35 -3.69
CA ILE F 152 -19.11 13.88 -4.60
C ILE F 152 -19.49 15.29 -5.03
N HIS F 153 -20.78 15.62 -5.06
CA HIS F 153 -21.22 16.95 -5.45
C HIS F 153 -20.71 18.03 -4.50
N VAL F 154 -20.37 17.64 -3.27
CA VAL F 154 -19.84 18.62 -2.31
C VAL F 154 -18.47 19.10 -2.77
N PHE F 155 -17.53 18.17 -2.99
CA PHE F 155 -16.20 18.55 -3.44
C PHE F 155 -16.24 19.34 -4.74
N ARG F 156 -16.94 18.81 -5.75
CA ARG F 156 -16.98 19.37 -7.09
C ARG F 156 -18.44 19.71 -7.42
N PRO F 157 -18.90 20.93 -7.09
CA PRO F 157 -20.30 21.28 -7.38
C PRO F 157 -20.58 21.53 -8.85
N ASP F 158 -20.03 20.67 -9.72
CA ASP F 158 -20.30 20.74 -11.15
C ASP F 158 -20.92 19.47 -11.72
N ILE F 159 -21.05 18.41 -10.93
CA ILE F 159 -21.68 17.17 -11.35
C ILE F 159 -22.95 16.97 -10.51
N SER F 160 -24.09 16.89 -11.19
CA SER F 160 -25.37 16.88 -10.48
C SER F 160 -25.51 15.60 -9.66
N PRO F 161 -26.12 15.68 -8.47
CA PRO F 161 -26.27 14.45 -7.66
C PRO F 161 -27.28 13.47 -8.21
N TYR F 162 -28.22 13.93 -9.03
CA TYR F 162 -29.21 13.01 -9.60
C TYR F 162 -28.60 12.21 -10.73
N PHE F 163 -29.27 11.10 -11.07
CA PHE F 163 -28.89 10.28 -12.21
C PHE F 163 -30.14 9.85 -12.97
N GLY F 164 -30.05 9.89 -14.28
CA GLY F 164 -31.14 9.46 -15.12
C GLY F 164 -30.70 9.23 -16.54
N LEU F 165 -31.27 8.22 -17.19
CA LEU F 165 -30.94 7.95 -18.58
C LEU F 165 -31.30 9.12 -19.47
N PHE F 166 -32.45 9.73 -19.23
CA PHE F 166 -32.89 10.94 -19.92
C PHE F 166 -32.96 12.12 -18.96
N TYR F 167 -31.93 12.30 -18.15
CA TYR F 167 -31.95 13.31 -17.08
C TYR F 167 -32.08 14.70 -17.66
N GLU F 168 -33.20 15.36 -17.33
CA GLU F 168 -33.44 16.77 -17.65
C GLU F 168 -33.38 17.02 -19.15
N LYS F 169 -33.82 16.03 -19.93
CA LYS F 169 -34.00 16.23 -21.37
C LYS F 169 -35.43 16.63 -21.71
N ASN F 170 -36.29 16.76 -20.71
CA ASN F 170 -37.69 17.13 -20.92
C ASN F 170 -37.78 18.65 -21.16
N GLY F 171 -38.13 19.03 -22.38
CA GLY F 171 -38.33 20.43 -22.72
C GLY F 171 -37.08 21.21 -23.12
N THR F 172 -35.98 20.53 -23.41
CA THR F 172 -34.73 21.20 -23.77
C THR F 172 -34.16 20.61 -25.05
N ASN F 173 -33.09 21.23 -25.54
CA ASN F 173 -32.50 20.88 -26.81
C ASN F 173 -31.32 19.92 -26.62
N ASP F 174 -30.70 19.55 -27.74
CA ASP F 174 -29.51 18.69 -27.74
C ASP F 174 -28.40 19.31 -28.60
N GLY F 175 -28.21 20.62 -28.46
CA GLY F 175 -27.11 21.30 -29.10
C GLY F 175 -27.59 22.25 -30.19
N ASP F 176 -26.64 23.10 -30.62
CA ASP F 176 -26.90 24.01 -31.72
C ASP F 176 -26.71 23.29 -33.05
N TYR F 177 -27.50 23.72 -34.04
CA TYR F 177 -27.48 23.11 -35.36
C TYR F 177 -27.50 24.19 -36.43
N VAL F 178 -27.02 23.82 -37.61
CA VAL F 178 -27.12 24.68 -38.79
C VAL F 178 -27.23 23.79 -40.03
N PHE F 179 -28.32 23.94 -40.78
CA PHE F 179 -28.67 23.02 -41.85
C PHE F 179 -28.44 23.65 -43.22
N LEU F 180 -27.98 22.83 -44.15
CA LEU F 180 -27.90 23.19 -45.56
C LEU F 180 -29.29 23.03 -46.18
N THR F 181 -29.84 24.10 -46.73
CA THR F 181 -31.13 23.99 -47.39
C THR F 181 -30.91 23.62 -48.86
N GLY F 182 -31.91 23.86 -49.71
CA GLY F 182 -31.94 23.27 -51.03
C GLY F 182 -31.58 24.13 -52.22
N GLU F 183 -31.20 25.40 -52.02
CA GLU F 183 -30.83 26.24 -53.16
C GLU F 183 -29.60 25.68 -53.87
N ASP F 184 -28.50 25.50 -53.12
CA ASP F 184 -27.28 24.82 -53.55
C ASP F 184 -27.57 23.70 -54.54
N SER F 185 -28.36 22.72 -54.09
CA SER F 185 -28.68 21.50 -54.81
C SER F 185 -29.69 20.75 -53.96
N TYR F 186 -30.47 19.87 -54.59
CA TYR F 186 -31.40 19.08 -53.82
C TYR F 186 -30.70 18.00 -53.00
N LEU F 187 -29.46 17.64 -53.36
CA LEU F 187 -28.78 16.53 -52.71
C LEU F 187 -28.40 16.84 -51.27
N ASN F 188 -28.26 18.12 -50.91
CA ASN F 188 -28.01 18.56 -49.54
C ASN F 188 -29.24 19.18 -48.90
N PHE F 189 -30.44 18.72 -49.24
CA PHE F 189 -31.62 19.23 -48.55
C PHE F 189 -31.59 18.77 -47.10
N THR F 190 -31.91 19.70 -46.19
CA THR F 190 -31.76 19.57 -44.74
C THR F 190 -30.54 18.74 -44.33
N LYS F 191 -29.43 18.91 -45.05
CA LYS F 191 -28.20 18.20 -44.74
C LYS F 191 -27.49 18.87 -43.57
N ILE F 192 -26.76 18.07 -42.78
CA ILE F 192 -26.04 18.55 -41.60
C ILE F 192 -24.67 19.08 -42.03
N VAL F 193 -24.28 20.23 -41.47
CA VAL F 193 -22.98 20.81 -41.77
C VAL F 193 -22.15 20.94 -40.49
N GLU F 194 -22.67 21.67 -39.50
CA GLU F 194 -21.94 21.99 -38.29
C GLU F 194 -22.79 21.72 -37.07
N TRP F 195 -22.16 21.24 -36.00
CA TRP F 195 -22.84 20.88 -34.76
C TRP F 195 -22.02 21.38 -33.57
N ASN F 196 -22.51 22.42 -32.90
CA ASN F 196 -21.98 23.02 -31.68
C ASN F 196 -20.74 23.88 -31.92
N GLY F 197 -20.13 23.84 -33.09
CA GLY F 197 -18.91 24.61 -33.36
C GLY F 197 -17.74 23.78 -33.82
N LYS F 198 -17.89 22.47 -34.01
CA LYS F 198 -16.85 21.61 -34.55
C LYS F 198 -17.38 20.93 -35.81
N THR F 199 -16.70 21.16 -36.93
CA THR F 199 -17.14 20.59 -38.21
C THR F 199 -17.22 19.07 -38.18
N SER F 200 -16.58 18.43 -37.21
CA SER F 200 -16.56 16.97 -37.15
C SER F 200 -16.24 16.56 -35.71
N LEU F 201 -16.60 15.33 -35.39
CA LEU F 201 -16.34 14.79 -34.06
C LEU F 201 -14.84 14.61 -33.84
N ASP F 202 -14.49 14.28 -32.60
CA ASP F 202 -13.12 13.88 -32.27
C ASP F 202 -13.09 12.97 -31.04
N TRP F 203 -14.17 12.24 -30.80
CA TRP F 203 -14.16 11.20 -29.79
C TRP F 203 -13.46 9.94 -30.31
N TRP F 204 -13.59 9.66 -31.61
CA TRP F 204 -13.10 8.43 -32.19
C TRP F 204 -11.65 8.60 -32.67
N ILE F 205 -11.08 7.51 -33.18
CA ILE F 205 -9.67 7.45 -33.54
C ILE F 205 -9.45 8.05 -34.93
N THR F 206 -9.95 7.37 -35.96
CA THR F 206 -9.66 7.73 -37.34
C THR F 206 -10.50 8.93 -37.78
N ASP F 207 -9.95 9.72 -38.71
CA ASP F 207 -10.67 10.87 -39.22
C ASP F 207 -11.94 10.47 -39.95
N LYS F 208 -11.93 9.30 -40.58
CA LYS F 208 -13.14 8.80 -41.25
C LYS F 208 -14.28 8.64 -40.25
N CYS F 209 -14.01 8.00 -39.11
CA CYS F 209 -15.08 7.65 -38.17
C CYS F 209 -15.63 8.85 -37.43
N ASN F 210 -14.93 10.00 -37.46
CA ASN F 210 -15.39 11.20 -36.79
C ASN F 210 -16.15 12.14 -37.72
N MET F 211 -16.24 11.82 -39.01
CA MET F 211 -16.92 12.71 -39.95
C MET F 211 -18.42 12.72 -39.72
N ILE F 212 -19.04 13.84 -40.07
CA ILE F 212 -20.49 14.04 -39.94
C ILE F 212 -21.07 14.09 -41.35
N ASN F 213 -21.76 13.02 -41.74
CA ASN F 213 -22.38 12.92 -43.05
C ASN F 213 -23.89 12.99 -42.94
N GLY F 214 -24.53 13.26 -44.08
CA GLY F 214 -25.97 13.14 -44.24
C GLY F 214 -26.78 14.09 -43.38
N THR F 215 -28.04 13.71 -43.17
CA THR F 215 -28.98 14.49 -42.40
C THR F 215 -29.06 13.94 -40.98
N ASP F 216 -29.93 14.54 -40.18
CA ASP F 216 -30.19 14.08 -38.82
C ASP F 216 -31.21 12.95 -38.75
N GLY F 217 -31.52 12.32 -39.88
CA GLY F 217 -32.49 11.24 -39.92
C GLY F 217 -33.94 11.66 -39.83
N ASP F 218 -34.22 12.96 -39.80
CA ASP F 218 -35.59 13.44 -39.68
C ASP F 218 -36.22 13.72 -41.03
N SER F 219 -35.41 14.07 -42.03
CA SER F 219 -35.87 14.26 -43.39
C SER F 219 -34.72 13.94 -44.32
N PHE F 220 -35.03 13.74 -45.61
CA PHE F 220 -34.04 13.37 -46.60
C PHE F 220 -34.22 14.22 -47.85
N HIS F 221 -33.25 14.10 -48.75
CA HIS F 221 -33.26 14.86 -49.99
C HIS F 221 -34.14 14.18 -51.03
N PRO F 222 -34.91 14.95 -51.81
CA PRO F 222 -35.79 14.33 -52.81
C PRO F 222 -35.04 13.57 -53.89
N LEU F 223 -35.78 12.94 -54.81
CA LEU F 223 -35.22 12.15 -55.91
C LEU F 223 -34.32 11.03 -55.36
N ILE F 224 -34.85 10.29 -54.39
CA ILE F 224 -34.10 9.19 -53.80
C ILE F 224 -34.13 8.01 -54.77
N THR F 225 -32.95 7.51 -55.14
CA THR F 225 -32.84 6.35 -55.99
C THR F 225 -32.42 5.15 -55.14
N LYS F 226 -32.91 3.96 -55.53
CA LYS F 226 -32.49 2.72 -54.86
C LYS F 226 -31.01 2.43 -55.03
N ASP F 227 -30.26 3.28 -55.73
CA ASP F 227 -28.83 3.06 -55.86
C ASP F 227 -28.09 3.42 -54.57
N GLU F 228 -28.34 4.63 -54.07
CA GLU F 228 -27.48 5.27 -53.09
C GLU F 228 -27.68 4.67 -51.68
N VAL F 229 -26.82 5.12 -50.77
CA VAL F 229 -26.85 4.75 -49.36
C VAL F 229 -27.00 6.05 -48.57
N LEU F 230 -28.14 6.23 -47.91
CA LEU F 230 -28.39 7.45 -47.19
C LEU F 230 -27.69 7.42 -45.83
N TYR F 231 -26.96 8.51 -45.53
CA TYR F 231 -26.26 8.66 -44.26
C TYR F 231 -27.10 9.49 -43.30
N VAL F 232 -27.01 9.13 -42.02
CA VAL F 232 -27.83 9.73 -40.97
C VAL F 232 -26.97 9.94 -39.74
N PHE F 233 -27.08 11.12 -39.11
CA PHE F 233 -26.34 11.46 -37.90
C PHE F 233 -27.29 11.61 -36.74
N PRO F 234 -27.54 10.55 -35.97
CA PRO F 234 -28.34 10.69 -34.76
C PRO F 234 -27.52 11.38 -33.67
N SER F 235 -28.11 12.42 -33.07
CA SER F 235 -27.38 13.21 -32.09
C SER F 235 -26.98 12.39 -30.87
N ASP F 236 -27.61 11.24 -30.65
CA ASP F 236 -27.37 10.46 -29.45
C ASP F 236 -26.36 9.34 -29.65
N PHE F 237 -26.38 8.69 -30.81
CA PHE F 237 -25.60 7.48 -31.03
C PHE F 237 -24.11 7.75 -31.24
N CYS F 238 -23.68 9.01 -31.25
CA CYS F 238 -22.28 9.43 -31.25
C CYS F 238 -21.55 9.09 -32.55
N ARG F 239 -22.25 8.71 -33.61
CA ARG F 239 -21.58 8.42 -34.87
C ARG F 239 -22.56 8.63 -36.01
N SER F 240 -22.02 8.76 -37.22
CA SER F 240 -22.81 8.84 -38.44
C SER F 240 -23.03 7.44 -39.00
N VAL F 241 -24.29 7.07 -39.17
CA VAL F 241 -24.69 5.73 -39.60
C VAL F 241 -25.36 5.84 -40.96
N TYR F 242 -25.12 4.87 -41.83
CA TYR F 242 -25.74 4.81 -43.14
C TYR F 242 -26.74 3.67 -43.21
N ILE F 243 -27.79 3.87 -44.01
CA ILE F 243 -28.85 2.88 -44.16
C ILE F 243 -28.96 2.53 -45.65
N THR F 244 -28.99 1.23 -45.95
CA THR F 244 -29.02 0.74 -47.32
C THR F 244 -30.41 0.24 -47.69
N PHE F 245 -30.64 0.15 -49.00
CA PHE F 245 -31.96 -0.17 -49.52
C PHE F 245 -32.30 -1.64 -49.31
N SER F 246 -33.59 -1.91 -49.11
CA SER F 246 -34.08 -3.27 -48.98
C SER F 246 -34.92 -3.60 -50.19
N ASP F 247 -36.23 -3.35 -50.17
CA ASP F 247 -37.09 -3.61 -51.32
C ASP F 247 -38.32 -2.73 -51.22
N TYR F 248 -39.15 -2.78 -52.26
CA TYR F 248 -40.29 -1.88 -52.40
C TYR F 248 -41.38 -2.24 -51.40
N GLU F 249 -41.99 -1.22 -50.79
CA GLU F 249 -43.12 -1.42 -49.88
C GLU F 249 -43.89 -0.12 -49.79
N SER F 250 -45.21 -0.20 -49.88
CA SER F 250 -46.07 0.97 -49.89
C SER F 250 -46.72 1.20 -48.54
N VAL F 251 -46.88 2.46 -48.17
CA VAL F 251 -47.61 2.88 -46.97
C VAL F 251 -48.70 3.84 -47.41
N GLN F 252 -49.92 3.62 -46.93
CA GLN F 252 -51.12 4.36 -47.36
C GLN F 252 -51.22 4.22 -48.88
N GLY F 253 -51.59 5.27 -49.61
CA GLY F 253 -51.56 5.20 -51.06
C GLY F 253 -50.20 5.46 -51.66
N LEU F 254 -49.31 6.12 -50.91
CA LEU F 254 -48.03 6.53 -51.45
C LEU F 254 -47.11 5.32 -51.65
N PRO F 255 -46.27 5.36 -52.68
CA PRO F 255 -45.18 4.38 -52.77
C PRO F 255 -44.05 4.77 -51.82
N ALA F 256 -43.20 3.79 -51.52
CA ALA F 256 -42.15 4.04 -50.56
C ALA F 256 -41.02 3.03 -50.73
N PHE F 257 -39.83 3.46 -50.34
CA PHE F 257 -38.66 2.60 -50.25
C PHE F 257 -38.43 2.23 -48.78
N ARG F 258 -37.95 1.01 -48.54
CA ARG F 258 -37.69 0.50 -47.20
C ARG F 258 -36.19 0.47 -46.98
N TYR F 259 -35.69 1.43 -46.22
CA TYR F 259 -34.27 1.50 -45.86
C TYR F 259 -34.08 0.96 -44.46
N LYS F 260 -33.10 0.07 -44.30
CA LYS F 260 -32.81 -0.56 -43.03
C LYS F 260 -31.31 -0.50 -42.76
N VAL F 261 -30.95 -0.54 -41.49
CA VAL F 261 -29.53 -0.50 -41.15
C VAL F 261 -28.88 -1.81 -41.54
N PRO F 262 -27.68 -1.79 -42.10
CA PRO F 262 -26.95 -3.03 -42.38
C PRO F 262 -26.36 -3.60 -41.10
N ALA F 263 -25.68 -4.74 -41.24
CA ALA F 263 -25.10 -5.45 -40.12
C ALA F 263 -23.65 -5.09 -39.86
N GLU F 264 -22.97 -4.44 -40.80
CA GLU F 264 -21.61 -3.98 -40.61
C GLU F 264 -21.55 -2.56 -40.06
N ILE F 265 -22.69 -2.00 -39.65
CA ILE F 265 -22.65 -0.82 -38.79
C ILE F 265 -21.97 -1.15 -37.48
N LEU F 266 -22.06 -2.42 -37.06
CA LEU F 266 -21.59 -2.81 -35.75
C LEU F 266 -20.60 -3.96 -35.74
N ALA F 267 -20.31 -4.62 -36.86
CA ALA F 267 -19.34 -5.71 -36.85
C ALA F 267 -17.94 -5.17 -36.56
N ASN F 268 -17.01 -6.08 -36.28
CA ASN F 268 -15.62 -5.65 -36.21
C ASN F 268 -14.97 -5.64 -37.60
N THR F 269 -15.67 -5.14 -38.60
CA THR F 269 -15.05 -4.82 -39.87
C THR F 269 -13.95 -3.77 -39.66
N SER F 270 -12.89 -3.86 -40.47
CA SER F 270 -11.81 -2.89 -40.37
C SER F 270 -12.28 -1.47 -40.65
N ASP F 271 -13.43 -1.30 -41.30
CA ASP F 271 -13.98 0.03 -41.52
C ASP F 271 -14.47 0.64 -40.21
N ASN F 272 -14.82 -0.19 -39.23
CA ASN F 272 -15.26 0.27 -37.93
C ASN F 272 -14.21 0.07 -36.85
N ALA F 273 -12.95 -0.14 -37.24
CA ALA F 273 -11.88 -0.30 -36.26
C ALA F 273 -11.59 1.01 -35.54
N GLY F 274 -11.88 2.13 -36.17
CA GLY F 274 -11.71 3.42 -35.52
C GLY F 274 -12.79 3.78 -34.54
N PHE F 275 -13.78 2.91 -34.34
CA PHE F 275 -14.88 3.21 -33.46
C PHE F 275 -14.68 2.65 -32.06
N CYS F 276 -13.98 1.53 -31.90
CA CYS F 276 -13.54 1.11 -30.58
C CYS F 276 -12.46 2.06 -30.10
N ILE F 277 -12.71 2.75 -29.00
CA ILE F 277 -11.91 3.90 -28.59
C ILE F 277 -10.49 3.55 -28.14
N PRO F 278 -10.16 2.30 -27.76
CA PRO F 278 -8.73 1.94 -27.69
C PRO F 278 -8.33 1.12 -28.91
N GLU F 279 -7.27 1.56 -29.59
CA GLU F 279 -6.77 0.83 -30.76
C GLU F 279 -6.53 -0.62 -30.39
N GLY F 280 -7.35 -1.52 -30.92
CA GLY F 280 -7.29 -2.92 -30.55
C GLY F 280 -8.64 -3.61 -30.49
N ASN F 281 -8.96 -4.19 -29.34
CA ASN F 281 -10.17 -5.00 -29.21
C ASN F 281 -11.42 -4.15 -29.40
N CYS F 282 -12.29 -4.59 -30.31
CA CYS F 282 -13.53 -3.89 -30.62
C CYS F 282 -14.73 -4.48 -29.88
N LEU F 283 -14.47 -5.28 -28.83
CA LEU F 283 -15.49 -5.87 -27.97
C LEU F 283 -16.36 -6.88 -28.72
N GLY F 284 -16.27 -6.93 -30.03
CA GLY F 284 -16.98 -7.92 -30.83
C GLY F 284 -17.93 -7.28 -31.82
N SER F 285 -18.59 -8.15 -32.57
CA SER F 285 -19.56 -7.73 -33.57
C SER F 285 -20.88 -7.36 -32.91
N GLY F 286 -21.61 -6.46 -33.56
CA GLY F 286 -22.95 -6.13 -33.11
C GLY F 286 -23.04 -5.34 -31.83
N VAL F 287 -22.02 -4.55 -31.50
CA VAL F 287 -22.01 -3.77 -30.27
C VAL F 287 -21.01 -2.63 -30.44
N LEU F 288 -21.20 -1.55 -29.67
CA LEU F 288 -20.38 -0.35 -29.79
C LEU F 288 -20.22 0.32 -28.43
N ASN F 289 -18.97 0.60 -28.05
CA ASN F 289 -18.69 1.32 -26.81
C ASN F 289 -18.97 2.81 -27.02
N VAL F 290 -19.97 3.32 -26.30
CA VAL F 290 -20.32 4.72 -26.39
C VAL F 290 -20.05 5.38 -25.04
N SER F 291 -18.87 5.08 -24.48
CA SER F 291 -18.53 5.61 -23.16
C SER F 291 -17.99 7.02 -23.23
N ILE F 292 -17.29 7.38 -24.30
CA ILE F 292 -16.60 8.66 -24.35
C ILE F 292 -17.60 9.81 -24.46
N CYS F 293 -18.67 9.66 -25.25
CA CYS F 293 -19.63 10.74 -25.40
C CYS F 293 -20.52 10.88 -24.16
N LYS F 294 -20.84 9.79 -23.49
CA LYS F 294 -21.38 9.92 -22.15
C LYS F 294 -20.26 10.25 -21.18
N ASN F 295 -20.61 10.54 -19.92
CA ASN F 295 -19.64 11.03 -18.95
C ASN F 295 -18.77 9.88 -18.41
N GLY F 296 -18.11 9.18 -19.35
CA GLY F 296 -17.18 8.13 -19.01
C GLY F 296 -17.80 6.83 -18.55
N ALA F 297 -19.11 6.77 -18.39
CA ALA F 297 -19.83 5.58 -17.93
C ALA F 297 -19.50 4.40 -18.81
N PRO F 298 -19.55 3.17 -18.28
CA PRO F 298 -19.24 2.00 -19.12
C PRO F 298 -20.41 1.59 -20.00
N ILE F 299 -21.19 2.57 -20.47
CA ILE F 299 -22.38 2.28 -21.27
C ILE F 299 -21.96 1.69 -22.62
N ILE F 300 -22.65 0.62 -23.02
CA ILE F 300 -22.43 -0.02 -24.31
C ILE F 300 -23.74 -0.01 -25.08
N MET F 301 -23.70 0.45 -26.33
CA MET F 301 -24.87 0.50 -27.19
C MET F 301 -24.96 -0.74 -28.06
N SER F 302 -26.19 -1.06 -28.47
CA SER F 302 -26.47 -2.20 -29.34
C SER F 302 -27.92 -2.10 -29.80
N PHE F 303 -28.34 -3.09 -30.59
CA PHE F 303 -29.70 -3.30 -31.06
C PHE F 303 -30.50 -4.07 -30.02
N PRO F 304 -31.83 -3.90 -29.99
CA PRO F 304 -32.64 -4.58 -28.98
C PRO F 304 -32.46 -6.10 -29.01
N HIS F 305 -32.29 -6.68 -27.83
CA HIS F 305 -32.07 -8.13 -27.66
C HIS F 305 -30.82 -8.59 -28.42
N PHE F 306 -29.91 -7.65 -28.68
CA PHE F 306 -28.67 -7.93 -29.40
C PHE F 306 -28.94 -8.49 -30.80
N TYR F 307 -29.87 -7.87 -31.51
CA TYR F 307 -30.07 -8.22 -32.91
C TYR F 307 -28.88 -7.78 -33.75
N GLN F 308 -28.60 -8.55 -34.81
CA GLN F 308 -27.48 -8.29 -35.72
C GLN F 308 -26.15 -8.28 -34.98
N ALA F 309 -26.02 -9.12 -33.97
CA ALA F 309 -24.85 -9.09 -33.10
C ALA F 309 -24.17 -10.45 -33.09
N ASP F 310 -23.17 -10.58 -32.23
CA ASP F 310 -22.51 -11.87 -32.00
C ASP F 310 -23.48 -12.81 -31.28
N GLU F 311 -23.03 -14.05 -31.06
CA GLU F 311 -23.86 -15.05 -30.42
C GLU F 311 -23.57 -15.23 -28.93
N ARG F 312 -22.32 -14.98 -28.50
CA ARG F 312 -22.00 -15.04 -27.09
C ARG F 312 -22.61 -13.91 -26.29
N PHE F 313 -23.09 -12.86 -26.96
CA PHE F 313 -23.78 -11.77 -26.28
C PHE F 313 -25.21 -12.15 -25.89
N VAL F 314 -25.80 -13.13 -26.58
CA VAL F 314 -27.18 -13.50 -26.34
C VAL F 314 -27.29 -14.63 -25.33
N SER F 315 -26.38 -15.60 -25.39
CA SER F 315 -26.42 -16.70 -24.44
C SER F 315 -25.92 -16.30 -23.06
N ALA F 316 -25.15 -15.21 -22.94
CA ALA F 316 -24.66 -14.75 -21.64
C ALA F 316 -25.75 -14.15 -20.77
N ILE F 317 -26.97 -14.01 -21.29
CA ILE F 317 -28.09 -13.47 -20.53
C ILE F 317 -29.34 -14.27 -20.88
N GLU F 318 -30.08 -14.70 -19.86
CA GLU F 318 -31.34 -15.41 -20.07
C GLU F 318 -32.48 -14.41 -20.24
N GLY F 319 -33.23 -14.56 -21.32
CA GLY F 319 -34.32 -13.66 -21.64
C GLY F 319 -34.15 -12.87 -22.92
N MET F 320 -33.05 -13.05 -23.65
CA MET F 320 -32.77 -12.30 -24.88
C MET F 320 -33.14 -13.18 -26.07
N HIS F 321 -34.18 -12.77 -26.81
CA HIS F 321 -34.66 -13.51 -27.96
C HIS F 321 -34.70 -12.55 -29.15
N PRO F 322 -33.63 -12.48 -29.93
CA PRO F 322 -33.58 -11.55 -31.06
C PRO F 322 -34.25 -12.13 -32.31
N ASN F 323 -34.99 -11.27 -33.01
CA ASN F 323 -35.62 -11.65 -34.27
C ASN F 323 -36.01 -10.38 -35.01
N GLN F 324 -36.16 -10.51 -36.33
CA GLN F 324 -36.58 -9.41 -37.17
C GLN F 324 -38.02 -9.01 -36.85
N GLU F 325 -38.46 -7.91 -37.48
CA GLU F 325 -39.83 -7.42 -37.38
C GLU F 325 -40.18 -6.99 -35.96
N ASP F 326 -39.30 -7.27 -34.99
CA ASP F 326 -39.46 -6.84 -33.61
C ASP F 326 -38.36 -5.88 -33.17
N HIS F 327 -37.11 -6.16 -33.54
CA HIS F 327 -35.97 -5.37 -33.10
C HIS F 327 -35.20 -4.75 -34.25
N GLU F 328 -35.61 -4.98 -35.49
CA GLU F 328 -34.97 -4.38 -36.64
C GLU F 328 -35.34 -2.91 -36.76
N THR F 329 -34.38 -2.10 -37.20
CA THR F 329 -34.57 -0.65 -37.34
C THR F 329 -34.65 -0.30 -38.81
N PHE F 330 -35.77 0.32 -39.20
CA PHE F 330 -36.04 0.63 -40.59
C PHE F 330 -36.56 2.06 -40.72
N VAL F 331 -36.46 2.60 -41.93
CA VAL F 331 -37.01 3.90 -42.27
C VAL F 331 -37.65 3.80 -43.65
N ASP F 332 -38.94 4.13 -43.73
CA ASP F 332 -39.68 4.07 -44.99
C ASP F 332 -39.86 5.49 -45.54
N ILE F 333 -39.20 5.76 -46.67
CA ILE F 333 -39.16 7.09 -47.24
C ILE F 333 -39.91 7.09 -48.56
N ASN F 334 -40.25 8.30 -49.04
CA ASN F 334 -40.87 8.47 -50.33
C ASN F 334 -39.80 8.77 -51.36
N PRO F 335 -39.61 7.93 -52.38
CA PRO F 335 -38.54 8.19 -53.36
C PRO F 335 -38.73 9.48 -54.15
N LEU F 336 -39.88 10.13 -54.08
CA LEU F 336 -40.14 11.33 -54.88
C LEU F 336 -39.75 12.58 -54.07
N THR F 337 -40.46 12.85 -52.99
CA THR F 337 -40.27 14.06 -52.20
C THR F 337 -39.18 13.92 -51.14
N GLY F 338 -38.74 12.70 -50.85
CA GLY F 338 -37.85 12.47 -49.74
C GLY F 338 -38.49 12.59 -48.38
N ILE F 339 -39.79 12.84 -48.31
CA ILE F 339 -40.51 12.95 -47.04
C ILE F 339 -40.72 11.55 -46.47
N ILE F 340 -40.58 11.44 -45.15
CA ILE F 340 -40.58 10.14 -44.47
C ILE F 340 -42.00 9.76 -44.08
N LEU F 341 -42.34 8.49 -44.28
CA LEU F 341 -43.69 7.98 -44.02
C LEU F 341 -43.77 7.22 -42.70
N LYS F 342 -43.02 6.13 -42.57
CA LYS F 342 -43.03 5.33 -41.37
C LYS F 342 -41.61 4.97 -40.98
N ALA F 343 -41.35 4.90 -39.68
CA ALA F 343 -40.01 4.58 -39.22
C ALA F 343 -40.10 3.82 -37.90
N ALA F 344 -38.97 3.26 -37.49
CA ALA F 344 -38.82 2.59 -36.19
C ALA F 344 -37.37 2.46 -35.80
N LYS F 345 -36.83 3.45 -35.10
CA LYS F 345 -35.42 3.42 -34.69
C LYS F 345 -35.32 2.79 -33.30
N ARG F 346 -34.53 1.71 -33.20
CA ARG F 346 -34.48 0.89 -31.99
C ARG F 346 -33.04 0.82 -31.47
N PHE F 347 -32.79 1.51 -30.36
CA PHE F 347 -31.51 1.49 -29.68
C PHE F 347 -31.65 0.77 -28.34
N GLN F 348 -30.54 0.21 -27.86
CA GLN F 348 -30.49 -0.43 -26.55
C GLN F 348 -29.29 0.08 -25.76
N ILE F 349 -29.50 0.27 -24.47
CA ILE F 349 -28.47 0.74 -23.54
C ILE F 349 -28.05 -0.44 -22.67
N ASN F 350 -26.73 -0.63 -22.53
CA ASN F 350 -26.17 -1.70 -21.72
C ASN F 350 -25.09 -1.13 -20.81
N ILE F 351 -24.62 -1.95 -19.88
CA ILE F 351 -23.55 -1.60 -18.96
C ILE F 351 -22.53 -2.74 -18.98
N TYR F 352 -21.29 -2.43 -19.37
CA TYR F 352 -20.24 -3.43 -19.33
C TYR F 352 -19.85 -3.70 -17.89
N VAL F 353 -20.05 -4.93 -17.44
CA VAL F 353 -19.81 -5.32 -16.05
C VAL F 353 -18.74 -6.40 -16.02
N LYS F 354 -17.91 -6.36 -14.99
CA LYS F 354 -16.82 -7.33 -14.84
C LYS F 354 -16.48 -7.45 -13.36
N LYS F 355 -16.10 -8.65 -12.93
CA LYS F 355 -15.59 -8.85 -11.59
C LYS F 355 -14.28 -8.11 -11.41
N LEU F 356 -14.21 -7.24 -10.40
CA LEU F 356 -13.03 -6.44 -10.10
C LEU F 356 -12.51 -6.80 -8.73
N ASP F 357 -11.21 -7.13 -8.63
CA ASP F 357 -10.64 -7.54 -7.35
C ASP F 357 -10.60 -6.39 -6.35
N ASP F 358 -10.46 -5.16 -6.82
CA ASP F 358 -10.33 -4.01 -5.95
C ASP F 358 -11.65 -3.55 -5.34
N PHE F 359 -12.77 -4.22 -5.66
CA PHE F 359 -14.08 -3.81 -5.17
C PHE F 359 -14.93 -5.03 -4.90
N VAL F 360 -15.58 -5.06 -3.72
CA VAL F 360 -16.38 -6.21 -3.33
C VAL F 360 -17.77 -6.18 -3.98
N GLU F 361 -18.32 -5.00 -4.22
CA GLU F 361 -19.68 -4.89 -4.73
C GLU F 361 -19.87 -5.64 -6.06
N THR F 362 -18.79 -6.02 -6.74
CA THR F 362 -18.92 -6.83 -7.95
C THR F 362 -19.05 -8.31 -7.61
N GLY F 363 -18.23 -8.81 -6.67
CA GLY F 363 -18.26 -10.22 -6.34
C GLY F 363 -17.54 -11.07 -7.39
N ASP F 364 -18.01 -12.31 -7.55
CA ASP F 364 -17.52 -13.20 -8.58
C ASP F 364 -18.34 -13.10 -9.86
N ILE F 365 -18.83 -11.91 -10.19
CA ILE F 365 -19.75 -11.75 -11.30
C ILE F 365 -19.07 -12.07 -12.63
N ARG F 366 -19.86 -12.52 -13.58
CA ARG F 366 -19.36 -12.82 -14.92
C ARG F 366 -18.97 -11.55 -15.65
N THR F 367 -17.97 -11.66 -16.51
CA THR F 367 -17.66 -10.59 -17.44
C THR F 367 -18.61 -10.70 -18.64
N MET F 368 -19.37 -9.65 -18.88
CA MET F 368 -20.48 -9.72 -19.82
C MET F 368 -20.91 -8.30 -20.18
N VAL F 369 -21.86 -8.21 -21.11
CA VAL F 369 -22.50 -6.95 -21.47
C VAL F 369 -23.94 -6.99 -20.98
N PHE F 370 -24.17 -6.49 -19.77
CA PHE F 370 -25.46 -6.61 -19.11
C PHE F 370 -26.45 -5.59 -19.67
N PRO F 371 -27.60 -6.03 -20.20
CA PRO F 371 -28.59 -5.07 -20.71
C PRO F 371 -29.39 -4.43 -19.59
N VAL F 372 -29.94 -3.25 -19.90
CA VAL F 372 -30.68 -2.47 -18.91
C VAL F 372 -32.04 -2.04 -19.45
N MET F 373 -32.06 -1.49 -20.66
CA MET F 373 -33.28 -0.93 -21.22
C MET F 373 -33.07 -0.61 -22.69
N TYR F 374 -34.15 -0.67 -23.47
CA TYR F 374 -34.13 -0.26 -24.87
C TYR F 374 -35.44 0.43 -25.22
N LEU F 375 -35.58 0.83 -26.48
CA LEU F 375 -36.74 1.58 -26.94
C LEU F 375 -36.77 1.55 -28.46
N ASN F 376 -37.95 1.83 -29.03
CA ASN F 376 -38.02 2.36 -30.39
C ASN F 376 -38.63 3.76 -30.39
N GLU F 377 -38.23 4.53 -31.39
CA GLU F 377 -38.82 5.82 -31.72
C GLU F 377 -39.50 5.66 -33.08
N SER F 378 -40.82 5.79 -33.09
CA SER F 378 -41.60 5.44 -34.26
C SER F 378 -42.43 6.62 -34.72
N VAL F 379 -42.87 6.54 -35.97
CA VAL F 379 -43.75 7.53 -36.58
C VAL F 379 -44.52 6.85 -37.69
N HIS F 380 -45.83 7.09 -37.74
CA HIS F 380 -46.69 6.52 -38.77
C HIS F 380 -47.46 7.67 -39.41
N ILE F 381 -47.30 7.83 -40.73
CA ILE F 381 -47.89 8.96 -41.43
C ILE F 381 -49.41 8.94 -41.27
N ASP F 382 -49.98 10.11 -40.99
CA ASP F 382 -51.41 10.24 -40.80
C ASP F 382 -52.17 9.93 -42.09
N LYS F 383 -53.49 9.85 -41.98
CA LYS F 383 -54.35 9.55 -43.12
C LYS F 383 -54.68 10.77 -43.97
N GLU F 384 -54.87 11.94 -43.35
CA GLU F 384 -55.24 13.13 -44.11
C GLU F 384 -54.12 13.60 -45.02
N THR F 385 -52.86 13.33 -44.64
CA THR F 385 -51.73 13.71 -45.47
C THR F 385 -51.52 12.78 -46.66
N ALA F 386 -51.98 11.53 -46.58
CA ALA F 386 -51.86 10.62 -47.71
C ALA F 386 -52.58 11.13 -48.95
N SER F 387 -53.59 11.99 -48.77
CA SER F 387 -54.29 12.60 -49.91
C SER F 387 -53.72 13.95 -50.30
N ARG F 388 -52.99 14.61 -49.39
CA ARG F 388 -52.50 15.95 -49.67
C ARG F 388 -51.36 15.95 -50.69
N LEU F 389 -50.52 14.93 -50.67
CA LEU F 389 -49.42 14.83 -51.63
C LEU F 389 -50.00 14.55 -53.01
N LYS F 390 -50.08 15.59 -53.84
CA LYS F 390 -50.86 15.51 -55.07
C LYS F 390 -50.24 16.40 -56.14
N SER F 391 -50.69 16.18 -57.38
CA SER F 391 -50.49 17.09 -58.51
C SER F 391 -49.01 17.47 -58.67
N MET F 392 -48.21 16.46 -59.01
CA MET F 392 -46.82 16.72 -59.36
C MET F 392 -46.72 17.34 -60.75
#